data_2AAK
# 
_entry.id   2AAK 
# 
_audit_conform.dict_name       mmcif_pdbx.dic 
_audit_conform.dict_version    5.387 
_audit_conform.dict_location   http://mmcif.pdb.org/dictionaries/ascii/mmcif_pdbx.dic 
# 
loop_
_database_2.database_id 
_database_2.database_code 
_database_2.pdbx_database_accession 
_database_2.pdbx_DOI 
PDB   2AAK         pdb_00002aak 10.2210/pdb2aak/pdb 
WWPDB D_1000177724 ?            ?                   
# 
loop_
_pdbx_audit_revision_history.ordinal 
_pdbx_audit_revision_history.data_content_type 
_pdbx_audit_revision_history.major_revision 
_pdbx_audit_revision_history.minor_revision 
_pdbx_audit_revision_history.revision_date 
1 'Structure model' 1 0 1998-03-18 
2 'Structure model' 1 1 2008-03-24 
3 'Structure model' 1 2 2011-07-13 
4 'Structure model' 1 3 2024-02-14 
# 
_pdbx_audit_revision_details.ordinal             1 
_pdbx_audit_revision_details.revision_ordinal    1 
_pdbx_audit_revision_details.data_content_type   'Structure model' 
_pdbx_audit_revision_details.provider            repository 
_pdbx_audit_revision_details.type                'Initial release' 
_pdbx_audit_revision_details.description         ? 
_pdbx_audit_revision_details.details             ? 
# 
loop_
_pdbx_audit_revision_group.ordinal 
_pdbx_audit_revision_group.revision_ordinal 
_pdbx_audit_revision_group.data_content_type 
_pdbx_audit_revision_group.group 
1 2 'Structure model' 'Version format compliance' 
2 3 'Structure model' 'Version format compliance' 
3 4 'Structure model' 'Data collection'           
4 4 'Structure model' 'Database references'       
5 4 'Structure model' Other                       
# 
loop_
_pdbx_audit_revision_category.ordinal 
_pdbx_audit_revision_category.revision_ordinal 
_pdbx_audit_revision_category.data_content_type 
_pdbx_audit_revision_category.category 
1 4 'Structure model' chem_comp_atom       
2 4 'Structure model' chem_comp_bond       
3 4 'Structure model' database_2           
4 4 'Structure model' pdbx_database_status 
# 
loop_
_pdbx_audit_revision_item.ordinal 
_pdbx_audit_revision_item.revision_ordinal 
_pdbx_audit_revision_item.data_content_type 
_pdbx_audit_revision_item.item 
1 4 'Structure model' '_database_2.pdbx_DOI'                
2 4 'Structure model' '_database_2.pdbx_database_accession' 
3 4 'Structure model' '_pdbx_database_status.process_site'  
# 
_pdbx_database_PDB_obs_spr.id               SPRSDE 
_pdbx_database_PDB_obs_spr.date             1998-03-18 
_pdbx_database_PDB_obs_spr.pdb_id           2AAK 
_pdbx_database_PDB_obs_spr.replace_pdb_id   1AAK 
_pdbx_database_PDB_obs_spr.details          ? 
# 
_pdbx_database_status.status_code                     REL 
_pdbx_database_status.entry_id                        2AAK 
_pdbx_database_status.recvd_initial_deposition_date   1997-11-06 
_pdbx_database_status.deposit_site                    ? 
_pdbx_database_status.process_site                    BNL 
_pdbx_database_status.status_code_sf                  REL 
_pdbx_database_status.status_code_mr                  ? 
_pdbx_database_status.SG_entry                        ? 
_pdbx_database_status.pdb_format_compatible           Y 
_pdbx_database_status.status_code_cs                  ? 
_pdbx_database_status.status_code_nmr_data            ? 
_pdbx_database_status.methods_development_category    ? 
# 
loop_
_audit_author.name 
_audit_author.pdbx_ordinal 
'Cook, W.J.'     1 
'Jeffrey, L.C.'  2 
'Sullivan, M.L.' 3 
'Vierstra, R.D.' 4 
# 
_citation.id                        primary 
_citation.title                     'Three-dimensional structure of a ubiquitin-conjugating enzyme (E2).' 
_citation.journal_abbrev            J.Biol.Chem. 
_citation.journal_volume            267 
_citation.page_first                15116 
_citation.page_last                 15121 
_citation.year                      1992 
_citation.journal_id_ASTM           JBCHA3 
_citation.country                   US 
_citation.journal_id_ISSN           0021-9258 
_citation.journal_id_CSD            0071 
_citation.book_publisher            ? 
_citation.pdbx_database_id_PubMed   1321826 
_citation.pdbx_database_id_DOI      ? 
# 
loop_
_citation_author.citation_id 
_citation_author.name 
_citation_author.ordinal 
_citation_author.identifier_ORCID 
primary 'Cook, W.J.'     1 ? 
primary 'Jeffrey, L.C.'  2 ? 
primary 'Sullivan, M.L.' 3 ? 
primary 'Vierstra, R.D.' 4 ? 
# 
_entity.id                         1 
_entity.type                       polymer 
_entity.src_method                 man 
_entity.pdbx_description           'UBIQUITIN CONJUGATING ENZYME' 
_entity.formula_weight             17298.379 
_entity.pdbx_number_of_molecules   1 
_entity.pdbx_ec                    6.3.2.19 
_entity.pdbx_mutation              ? 
_entity.pdbx_fragment              ? 
_entity.details                    ? 
# 
_entity_name_com.entity_id   1 
_entity_name_com.name        UBC1 
# 
_entity_poly.entity_id                      1 
_entity_poly.type                           'polypeptide(L)' 
_entity_poly.nstd_linkage                   no 
_entity_poly.nstd_monomer                   no 
_entity_poly.pdbx_seq_one_letter_code       
;MSTPARKRLMRDFKRLQQDPPAGISGAPQDNNIMLWNAVIFGPDDTPWDGGTFKLSLQFSEDYPNKPPTVRFVSRMFHPN
IYADGSICLDILQNQWSPIYDVAAILTSIQSLLCDPNPNSPANSEAARMYSESKREYNRRVRDVVEQSWTAD
;
_entity_poly.pdbx_seq_one_letter_code_can   
;MSTPARKRLMRDFKRLQQDPPAGISGAPQDNNIMLWNAVIFGPDDTPWDGGTFKLSLQFSEDYPNKPPTVRFVSRMFHPN
IYADGSICLDILQNQWSPIYDVAAILTSIQSLLCDPNPNSPANSEAARMYSESKREYNRRVRDVVEQSWTAD
;
_entity_poly.pdbx_strand_id                 A 
_entity_poly.pdbx_target_identifier         ? 
# 
loop_
_entity_poly_seq.entity_id 
_entity_poly_seq.num 
_entity_poly_seq.mon_id 
_entity_poly_seq.hetero 
1 1   MET n 
1 2   SER n 
1 3   THR n 
1 4   PRO n 
1 5   ALA n 
1 6   ARG n 
1 7   LYS n 
1 8   ARG n 
1 9   LEU n 
1 10  MET n 
1 11  ARG n 
1 12  ASP n 
1 13  PHE n 
1 14  LYS n 
1 15  ARG n 
1 16  LEU n 
1 17  GLN n 
1 18  GLN n 
1 19  ASP n 
1 20  PRO n 
1 21  PRO n 
1 22  ALA n 
1 23  GLY n 
1 24  ILE n 
1 25  SER n 
1 26  GLY n 
1 27  ALA n 
1 28  PRO n 
1 29  GLN n 
1 30  ASP n 
1 31  ASN n 
1 32  ASN n 
1 33  ILE n 
1 34  MET n 
1 35  LEU n 
1 36  TRP n 
1 37  ASN n 
1 38  ALA n 
1 39  VAL n 
1 40  ILE n 
1 41  PHE n 
1 42  GLY n 
1 43  PRO n 
1 44  ASP n 
1 45  ASP n 
1 46  THR n 
1 47  PRO n 
1 48  TRP n 
1 49  ASP n 
1 50  GLY n 
1 51  GLY n 
1 52  THR n 
1 53  PHE n 
1 54  LYS n 
1 55  LEU n 
1 56  SER n 
1 57  LEU n 
1 58  GLN n 
1 59  PHE n 
1 60  SER n 
1 61  GLU n 
1 62  ASP n 
1 63  TYR n 
1 64  PRO n 
1 65  ASN n 
1 66  LYS n 
1 67  PRO n 
1 68  PRO n 
1 69  THR n 
1 70  VAL n 
1 71  ARG n 
1 72  PHE n 
1 73  VAL n 
1 74  SER n 
1 75  ARG n 
1 76  MET n 
1 77  PHE n 
1 78  HIS n 
1 79  PRO n 
1 80  ASN n 
1 81  ILE n 
1 82  TYR n 
1 83  ALA n 
1 84  ASP n 
1 85  GLY n 
1 86  SER n 
1 87  ILE n 
1 88  CYS n 
1 89  LEU n 
1 90  ASP n 
1 91  ILE n 
1 92  LEU n 
1 93  GLN n 
1 94  ASN n 
1 95  GLN n 
1 96  TRP n 
1 97  SER n 
1 98  PRO n 
1 99  ILE n 
1 100 TYR n 
1 101 ASP n 
1 102 VAL n 
1 103 ALA n 
1 104 ALA n 
1 105 ILE n 
1 106 LEU n 
1 107 THR n 
1 108 SER n 
1 109 ILE n 
1 110 GLN n 
1 111 SER n 
1 112 LEU n 
1 113 LEU n 
1 114 CYS n 
1 115 ASP n 
1 116 PRO n 
1 117 ASN n 
1 118 PRO n 
1 119 ASN n 
1 120 SER n 
1 121 PRO n 
1 122 ALA n 
1 123 ASN n 
1 124 SER n 
1 125 GLU n 
1 126 ALA n 
1 127 ALA n 
1 128 ARG n 
1 129 MET n 
1 130 TYR n 
1 131 SER n 
1 132 GLU n 
1 133 SER n 
1 134 LYS n 
1 135 ARG n 
1 136 GLU n 
1 137 TYR n 
1 138 ASN n 
1 139 ARG n 
1 140 ARG n 
1 141 VAL n 
1 142 ARG n 
1 143 ASP n 
1 144 VAL n 
1 145 VAL n 
1 146 GLU n 
1 147 GLN n 
1 148 SER n 
1 149 TRP n 
1 150 THR n 
1 151 ALA n 
1 152 ASP n 
# 
_entity_src_gen.entity_id                          1 
_entity_src_gen.pdbx_src_id                        1 
_entity_src_gen.pdbx_alt_source_flag               sample 
_entity_src_gen.pdbx_seq_type                      ? 
_entity_src_gen.pdbx_beg_seq_num                   ? 
_entity_src_gen.pdbx_end_seq_num                   ? 
_entity_src_gen.gene_src_common_name               'thale cress' 
_entity_src_gen.gene_src_genus                     Arabidopsis 
_entity_src_gen.pdbx_gene_src_gene                 ? 
_entity_src_gen.gene_src_species                   ? 
_entity_src_gen.gene_src_strain                    ? 
_entity_src_gen.gene_src_tissue                    ? 
_entity_src_gen.gene_src_tissue_fraction           ? 
_entity_src_gen.gene_src_details                   ? 
_entity_src_gen.pdbx_gene_src_fragment             ? 
_entity_src_gen.pdbx_gene_src_scientific_name      'Arabidopsis thaliana' 
_entity_src_gen.pdbx_gene_src_ncbi_taxonomy_id     3702 
_entity_src_gen.pdbx_gene_src_variant              ? 
_entity_src_gen.pdbx_gene_src_cell_line            ? 
_entity_src_gen.pdbx_gene_src_atcc                 ? 
_entity_src_gen.pdbx_gene_src_organ                ? 
_entity_src_gen.pdbx_gene_src_organelle            ? 
_entity_src_gen.pdbx_gene_src_cell                 ? 
_entity_src_gen.pdbx_gene_src_cellular_location    ? 
_entity_src_gen.host_org_common_name               ? 
_entity_src_gen.pdbx_host_org_scientific_name      'Escherichia coli' 
_entity_src_gen.pdbx_host_org_ncbi_taxonomy_id     562 
_entity_src_gen.host_org_genus                     Escherichia 
_entity_src_gen.pdbx_host_org_gene                 ? 
_entity_src_gen.pdbx_host_org_organ                ? 
_entity_src_gen.host_org_species                   ? 
_entity_src_gen.pdbx_host_org_tissue               ? 
_entity_src_gen.pdbx_host_org_tissue_fraction      ? 
_entity_src_gen.pdbx_host_org_strain               ? 
_entity_src_gen.pdbx_host_org_variant              ? 
_entity_src_gen.pdbx_host_org_cell_line            ? 
_entity_src_gen.pdbx_host_org_atcc                 ? 
_entity_src_gen.pdbx_host_org_culture_collection   ? 
_entity_src_gen.pdbx_host_org_cell                 ? 
_entity_src_gen.pdbx_host_org_organelle            ? 
_entity_src_gen.pdbx_host_org_cellular_location    ? 
_entity_src_gen.pdbx_host_org_vector_type          ? 
_entity_src_gen.pdbx_host_org_vector               ? 
_entity_src_gen.host_org_details                   ? 
_entity_src_gen.expression_system_id               ? 
_entity_src_gen.plasmid_name                       ? 
_entity_src_gen.plasmid_details                    ? 
_entity_src_gen.pdbx_description                   ? 
# 
loop_
_chem_comp.id 
_chem_comp.type 
_chem_comp.mon_nstd_flag 
_chem_comp.name 
_chem_comp.pdbx_synonyms 
_chem_comp.formula 
_chem_comp.formula_weight 
ALA 'L-peptide linking' y ALANINE         ? 'C3 H7 N O2'     89.093  
ARG 'L-peptide linking' y ARGININE        ? 'C6 H15 N4 O2 1' 175.209 
ASN 'L-peptide linking' y ASPARAGINE      ? 'C4 H8 N2 O3'    132.118 
ASP 'L-peptide linking' y 'ASPARTIC ACID' ? 'C4 H7 N O4'     133.103 
CYS 'L-peptide linking' y CYSTEINE        ? 'C3 H7 N O2 S'   121.158 
GLN 'L-peptide linking' y GLUTAMINE       ? 'C5 H10 N2 O3'   146.144 
GLU 'L-peptide linking' y 'GLUTAMIC ACID' ? 'C5 H9 N O4'     147.129 
GLY 'peptide linking'   y GLYCINE         ? 'C2 H5 N O2'     75.067  
HIS 'L-peptide linking' y HISTIDINE       ? 'C6 H10 N3 O2 1' 156.162 
ILE 'L-peptide linking' y ISOLEUCINE      ? 'C6 H13 N O2'    131.173 
LEU 'L-peptide linking' y LEUCINE         ? 'C6 H13 N O2'    131.173 
LYS 'L-peptide linking' y LYSINE          ? 'C6 H15 N2 O2 1' 147.195 
MET 'L-peptide linking' y METHIONINE      ? 'C5 H11 N O2 S'  149.211 
PHE 'L-peptide linking' y PHENYLALANINE   ? 'C9 H11 N O2'    165.189 
PRO 'L-peptide linking' y PROLINE         ? 'C5 H9 N O2'     115.130 
SER 'L-peptide linking' y SERINE          ? 'C3 H7 N O3'     105.093 
THR 'L-peptide linking' y THREONINE       ? 'C4 H9 N O3'     119.119 
TRP 'L-peptide linking' y TRYPTOPHAN      ? 'C11 H12 N2 O2'  204.225 
TYR 'L-peptide linking' y TYROSINE        ? 'C9 H11 N O3'    181.189 
VAL 'L-peptide linking' y VALINE          ? 'C5 H11 N O2'    117.146 
# 
loop_
_pdbx_poly_seq_scheme.asym_id 
_pdbx_poly_seq_scheme.entity_id 
_pdbx_poly_seq_scheme.seq_id 
_pdbx_poly_seq_scheme.mon_id 
_pdbx_poly_seq_scheme.ndb_seq_num 
_pdbx_poly_seq_scheme.pdb_seq_num 
_pdbx_poly_seq_scheme.auth_seq_num 
_pdbx_poly_seq_scheme.pdb_mon_id 
_pdbx_poly_seq_scheme.auth_mon_id 
_pdbx_poly_seq_scheme.pdb_strand_id 
_pdbx_poly_seq_scheme.pdb_ins_code 
_pdbx_poly_seq_scheme.hetero 
A 1 1   MET 1   1   1   MET MET A . n 
A 1 2   SER 2   2   2   SER SER A . n 
A 1 3   THR 3   3   3   THR THR A . n 
A 1 4   PRO 4   4   4   PRO PRO A . n 
A 1 5   ALA 5   5   5   ALA ALA A . n 
A 1 6   ARG 6   6   6   ARG ARG A . n 
A 1 7   LYS 7   7   7   LYS LYS A . n 
A 1 8   ARG 8   8   8   ARG ARG A . n 
A 1 9   LEU 9   9   9   LEU LEU A . n 
A 1 10  MET 10  10  10  MET MET A . n 
A 1 11  ARG 11  11  11  ARG ARG A . n 
A 1 12  ASP 12  12  12  ASP ASP A . n 
A 1 13  PHE 13  13  13  PHE PHE A . n 
A 1 14  LYS 14  14  14  LYS LYS A . n 
A 1 15  ARG 15  15  15  ARG ARG A . n 
A 1 16  LEU 16  16  16  LEU LEU A . n 
A 1 17  GLN 17  17  17  GLN GLN A . n 
A 1 18  GLN 18  18  18  GLN GLN A . n 
A 1 19  ASP 19  19  19  ASP ASP A . n 
A 1 20  PRO 20  20  20  PRO PRO A . n 
A 1 21  PRO 21  21  21  PRO PRO A . n 
A 1 22  ALA 22  22  22  ALA ALA A . n 
A 1 23  GLY 23  23  23  GLY GLY A . n 
A 1 24  ILE 24  24  24  ILE ILE A . n 
A 1 25  SER 25  25  25  SER SER A . n 
A 1 26  GLY 26  26  26  GLY GLY A . n 
A 1 27  ALA 27  27  27  ALA ALA A . n 
A 1 28  PRO 28  28  28  PRO PRO A . n 
A 1 29  GLN 29  29  29  GLN GLN A . n 
A 1 30  ASP 30  30  30  ASP ASP A . n 
A 1 31  ASN 31  31  31  ASN ASN A . n 
A 1 32  ASN 32  32  32  ASN ASN A . n 
A 1 33  ILE 33  33  33  ILE ILE A . n 
A 1 34  MET 34  34  34  MET MET A . n 
A 1 35  LEU 35  35  35  LEU LEU A . n 
A 1 36  TRP 36  36  36  TRP TRP A . n 
A 1 37  ASN 37  37  37  ASN ASN A . n 
A 1 38  ALA 38  38  38  ALA ALA A . n 
A 1 39  VAL 39  39  39  VAL VAL A . n 
A 1 40  ILE 40  40  40  ILE ILE A . n 
A 1 41  PHE 41  41  41  PHE PHE A . n 
A 1 42  GLY 42  42  42  GLY GLY A . n 
A 1 43  PRO 43  43  43  PRO PRO A . n 
A 1 44  ASP 44  44  44  ASP ASP A . n 
A 1 45  ASP 45  45  45  ASP ASP A . n 
A 1 46  THR 46  46  46  THR THR A . n 
A 1 47  PRO 47  47  47  PRO PRO A . n 
A 1 48  TRP 48  48  48  TRP TRP A . n 
A 1 49  ASP 49  49  49  ASP ASP A . n 
A 1 50  GLY 50  50  50  GLY GLY A . n 
A 1 51  GLY 51  51  51  GLY GLY A . n 
A 1 52  THR 52  52  52  THR THR A . n 
A 1 53  PHE 53  53  53  PHE PHE A . n 
A 1 54  LYS 54  54  54  LYS LYS A . n 
A 1 55  LEU 55  55  55  LEU LEU A . n 
A 1 56  SER 56  56  56  SER SER A . n 
A 1 57  LEU 57  57  57  LEU LEU A . n 
A 1 58  GLN 58  58  58  GLN GLN A . n 
A 1 59  PHE 59  59  59  PHE PHE A . n 
A 1 60  SER 60  60  60  SER SER A . n 
A 1 61  GLU 61  61  61  GLU GLU A . n 
A 1 62  ASP 62  62  62  ASP ASP A . n 
A 1 63  TYR 63  63  63  TYR TYR A . n 
A 1 64  PRO 64  64  64  PRO PRO A . n 
A 1 65  ASN 65  65  65  ASN ASN A . n 
A 1 66  LYS 66  66  66  LYS LYS A . n 
A 1 67  PRO 67  67  67  PRO PRO A . n 
A 1 68  PRO 68  68  68  PRO PRO A . n 
A 1 69  THR 69  69  69  THR THR A . n 
A 1 70  VAL 70  70  70  VAL VAL A . n 
A 1 71  ARG 71  71  71  ARG ARG A . n 
A 1 72  PHE 72  72  72  PHE PHE A . n 
A 1 73  VAL 73  73  73  VAL VAL A . n 
A 1 74  SER 74  74  74  SER SER A . n 
A 1 75  ARG 75  75  75  ARG ARG A . n 
A 1 76  MET 76  76  76  MET MET A . n 
A 1 77  PHE 77  77  77  PHE PHE A . n 
A 1 78  HIS 78  78  78  HIS HIS A . n 
A 1 79  PRO 79  79  79  PRO PRO A . n 
A 1 80  ASN 80  80  80  ASN ASN A . n 
A 1 81  ILE 81  81  81  ILE ILE A . n 
A 1 82  TYR 82  82  82  TYR TYR A . n 
A 1 83  ALA 83  83  83  ALA ALA A . n 
A 1 84  ASP 84  84  84  ASP ASP A . n 
A 1 85  GLY 85  85  85  GLY GLY A . n 
A 1 86  SER 86  86  86  SER SER A . n 
A 1 87  ILE 87  87  87  ILE ILE A . n 
A 1 88  CYS 88  88  88  CYS CYS A . n 
A 1 89  LEU 89  89  89  LEU LEU A . n 
A 1 90  ASP 90  90  90  ASP ASP A . n 
A 1 91  ILE 91  91  91  ILE ILE A . n 
A 1 92  LEU 92  92  92  LEU LEU A . n 
A 1 93  GLN 93  93  93  GLN GLN A . n 
A 1 94  ASN 94  94  94  ASN ASN A . n 
A 1 95  GLN 95  95  95  GLN GLN A . n 
A 1 96  TRP 96  96  96  TRP TRP A . n 
A 1 97  SER 97  97  97  SER SER A . n 
A 1 98  PRO 98  98  98  PRO PRO A . n 
A 1 99  ILE 99  99  99  ILE ILE A . n 
A 1 100 TYR 100 100 100 TYR TYR A . n 
A 1 101 ASP 101 101 101 ASP ASP A . n 
A 1 102 VAL 102 102 102 VAL VAL A . n 
A 1 103 ALA 103 103 103 ALA ALA A . n 
A 1 104 ALA 104 104 104 ALA ALA A . n 
A 1 105 ILE 105 105 105 ILE ILE A . n 
A 1 106 LEU 106 106 106 LEU LEU A . n 
A 1 107 THR 107 107 107 THR THR A . n 
A 1 108 SER 108 108 108 SER SER A . n 
A 1 109 ILE 109 109 109 ILE ILE A . n 
A 1 110 GLN 110 110 110 GLN GLN A . n 
A 1 111 SER 111 111 111 SER SER A . n 
A 1 112 LEU 112 112 112 LEU LEU A . n 
A 1 113 LEU 113 113 113 LEU LEU A . n 
A 1 114 CYS 114 114 114 CYS CYS A . n 
A 1 115 ASP 115 115 115 ASP ASP A . n 
A 1 116 PRO 116 116 116 PRO PRO A . n 
A 1 117 ASN 117 117 117 ASN ASN A . n 
A 1 118 PRO 118 118 118 PRO PRO A . n 
A 1 119 ASN 119 119 119 ASN ASN A . n 
A 1 120 SER 120 120 120 SER SER A . n 
A 1 121 PRO 121 121 121 PRO PRO A . n 
A 1 122 ALA 122 122 122 ALA ALA A . n 
A 1 123 ASN 123 123 123 ASN ASN A . n 
A 1 124 SER 124 124 124 SER SER A . n 
A 1 125 GLU 125 125 125 GLU GLU A . n 
A 1 126 ALA 126 126 126 ALA ALA A . n 
A 1 127 ALA 127 127 127 ALA ALA A . n 
A 1 128 ARG 128 128 128 ARG ARG A . n 
A 1 129 MET 129 129 129 MET MET A . n 
A 1 130 TYR 130 130 130 TYR TYR A . n 
A 1 131 SER 131 131 131 SER SER A . n 
A 1 132 GLU 132 132 132 GLU GLU A . n 
A 1 133 SER 133 133 133 SER SER A . n 
A 1 134 LYS 134 134 134 LYS LYS A . n 
A 1 135 ARG 135 135 135 ARG ARG A . n 
A 1 136 GLU 136 136 136 GLU GLU A . n 
A 1 137 TYR 137 137 137 TYR TYR A . n 
A 1 138 ASN 138 138 138 ASN ASN A . n 
A 1 139 ARG 139 139 139 ARG ARG A . n 
A 1 140 ARG 140 140 140 ARG ARG A . n 
A 1 141 VAL 141 141 141 VAL VAL A . n 
A 1 142 ARG 142 142 142 ARG ARG A . n 
A 1 143 ASP 143 143 143 ASP ASP A . n 
A 1 144 VAL 144 144 144 VAL VAL A . n 
A 1 145 VAL 145 145 145 VAL VAL A . n 
A 1 146 GLU 146 146 146 GLU GLU A . n 
A 1 147 GLN 147 147 147 GLN GLN A . n 
A 1 148 SER 148 148 148 SER SER A . n 
A 1 149 TRP 149 149 149 TRP TRP A . n 
A 1 150 THR 150 150 150 THR THR A . n 
A 1 151 ALA 151 151 ?   ?   ?   A . n 
A 1 152 ASP 152 152 ?   ?   ?   A . n 
# 
loop_
_software.name 
_software.classification 
_software.version 
_software.citation_id 
_software.pdbx_ordinal 
X-PLOR 'model building' 3.851 ? 1 
X-PLOR refinement       3.851 ? 2 
XENGEN 'data reduction' .     ? 3 
XENGEN 'data scaling'   .     ? 4 
X-PLOR phasing          3.851 ? 5 
# 
_cell.entry_id           2AAK 
_cell.length_a           41.800 
_cell.length_b           44.900 
_cell.length_c           83.200 
_cell.angle_alpha        90.00 
_cell.angle_beta         90.00 
_cell.angle_gamma        90.00 
_cell.Z_PDB              4 
_cell.pdbx_unique_axis   ? 
# 
_symmetry.entry_id                         2AAK 
_symmetry.space_group_name_H-M             'P 21 21 21' 
_symmetry.pdbx_full_space_group_name_H-M   ? 
_symmetry.cell_setting                     ? 
_symmetry.Int_Tables_number                19 
# 
_exptl.entry_id          2AAK 
_exptl.method            'X-RAY DIFFRACTION' 
_exptl.crystals_number   ? 
# 
_exptl_crystal.id                    1 
_exptl_crystal.density_meas          ? 
_exptl_crystal.density_Matthews      2.23 
_exptl_crystal.density_percent_sol   45. 
_exptl_crystal.description           ? 
# 
_exptl_crystal_grow.crystal_id      1 
_exptl_crystal_grow.method          ? 
_exptl_crystal_grow.temp            ? 
_exptl_crystal_grow.temp_details    ? 
_exptl_crystal_grow.pH              6.7 
_exptl_crystal_grow.pdbx_pH_range   ? 
_exptl_crystal_grow.pdbx_details    'PROTEIN WAS CRYSTALLIZED FROM 35% SATURATED AMMONIUM SULFATE IN 50 MM MES, PH 6.7' 
# 
_diffrn.id                     1 
_diffrn.ambient_temp           295 
_diffrn.ambient_temp_details   ? 
_diffrn.crystal_id             1 
# 
_diffrn_detector.diffrn_id              1 
_diffrn_detector.detector               'AREA DETECTOR' 
_diffrn_detector.type                   SIEMENS 
_diffrn_detector.pdbx_collection_date   1992-01 
_diffrn_detector.details                ? 
# 
_diffrn_radiation.diffrn_id                        1 
_diffrn_radiation.wavelength_id                    1 
_diffrn_radiation.pdbx_monochromatic_or_laue_m_l   M 
_diffrn_radiation.monochromator                    'NI FILTER' 
_diffrn_radiation.pdbx_diffrn_protocol             ? 
_diffrn_radiation.pdbx_scattering_type             x-ray 
# 
_diffrn_radiation_wavelength.id           1 
_diffrn_radiation_wavelength.wavelength   1.5418 
_diffrn_radiation_wavelength.wt           1.0 
# 
_diffrn_source.diffrn_id                   1 
_diffrn_source.source                      'ROTATING ANODE' 
_diffrn_source.type                        RIGAKU 
_diffrn_source.pdbx_synchrotron_site       ? 
_diffrn_source.pdbx_synchrotron_beamline   ? 
_diffrn_source.pdbx_wavelength             1.5418 
_diffrn_source.pdbx_wavelength_list        ? 
# 
_reflns.entry_id                     2AAK 
_reflns.observed_criterion_sigma_I   ? 
_reflns.observed_criterion_sigma_F   ? 
_reflns.d_resolution_low             100. 
_reflns.d_resolution_high            2.4 
_reflns.number_obs                   6377 
_reflns.number_all                   ? 
_reflns.percent_possible_obs         97.9 
_reflns.pdbx_Rmerge_I_obs            ? 
_reflns.pdbx_Rsym_value              0.0770000 
_reflns.pdbx_netI_over_sigmaI        ? 
_reflns.B_iso_Wilson_estimate        20.6 
_reflns.pdbx_redundancy              6.3 
_reflns.pdbx_diffrn_id               1 
_reflns.pdbx_ordinal                 1 
# 
_refine.entry_id                                 2AAK 
_refine.ls_number_reflns_obs                     6095 
_refine.ls_number_reflns_all                     ? 
_refine.pdbx_ls_sigma_I                          ? 
_refine.pdbx_ls_sigma_F                          0.0 
_refine.pdbx_data_cutoff_high_absF               100000.0 
_refine.pdbx_data_cutoff_low_absF                0.001 
_refine.pdbx_data_cutoff_high_rms_absF           ? 
_refine.ls_d_res_low                             100. 
_refine.ls_d_res_high                            2.40 
_refine.ls_percent_reflns_obs                    93.5 
_refine.ls_R_factor_obs                          0.2210000 
_refine.ls_R_factor_all                          ? 
_refine.ls_R_factor_R_work                       0.2210000 
_refine.ls_R_factor_R_free                       0.2870000 
_refine.ls_R_factor_R_free_error                 0.015 
_refine.ls_R_factor_R_free_error_details         ? 
_refine.ls_percent_reflns_R_free                 5.6 
_refine.ls_number_reflns_R_free                  343 
_refine.ls_number_parameters                     ? 
_refine.ls_number_restraints                     ? 
_refine.occupancy_min                            ? 
_refine.occupancy_max                            ? 
_refine.B_iso_mean                               21.3 
_refine.aniso_B[1][1]                            ? 
_refine.aniso_B[2][2]                            ? 
_refine.aniso_B[3][3]                            ? 
_refine.aniso_B[1][2]                            ? 
_refine.aniso_B[1][3]                            ? 
_refine.aniso_B[2][3]                            ? 
_refine.solvent_model_details                    ? 
_refine.solvent_model_param_ksol                 ? 
_refine.solvent_model_param_bsol                 ? 
_refine.pdbx_ls_cross_valid_method               'A POSTERIORI' 
_refine.details                                  'BULK SOLVENT MODEL USED' 
_refine.pdbx_starting_model                      ? 
_refine.pdbx_method_to_determine_struct          'MULTIPLE ISOMORPHOUS REPLACEMENT' 
_refine.pdbx_isotropic_thermal_model             RESTRAINED 
_refine.pdbx_stereochemistry_target_values       ? 
_refine.pdbx_stereochem_target_val_spec_case     ? 
_refine.pdbx_R_Free_selection_details            RANDOM 
_refine.pdbx_overall_ESU_R                       ? 
_refine.pdbx_overall_ESU_R_Free                  ? 
_refine.overall_SU_ML                            ? 
_refine.overall_SU_B                             ? 
_refine.pdbx_refine_id                           'X-RAY DIFFRACTION' 
_refine.pdbx_diffrn_id                           1 
_refine.pdbx_TLS_residual_ADP_flag               ? 
_refine.correlation_coeff_Fo_to_Fc               ? 
_refine.correlation_coeff_Fo_to_Fc_free          ? 
_refine.pdbx_solvent_vdw_probe_radii             ? 
_refine.pdbx_solvent_ion_probe_radii             ? 
_refine.pdbx_solvent_shrinkage_radii             ? 
_refine.pdbx_overall_phase_error                 ? 
_refine.overall_SU_R_Cruickshank_DPI             ? 
_refine.pdbx_overall_SU_R_free_Cruickshank_DPI   ? 
_refine.pdbx_overall_SU_R_Blow_DPI               ? 
_refine.pdbx_overall_SU_R_free_Blow_DPI          ? 
# 
_refine_analyze.entry_id                        2AAK 
_refine_analyze.Luzzati_coordinate_error_obs    0.31 
_refine_analyze.Luzzati_sigma_a_obs             0.34 
_refine_analyze.Luzzati_d_res_low_obs           5.00 
_refine_analyze.Luzzati_coordinate_error_free   0.40 
_refine_analyze.Luzzati_sigma_a_free            0.47 
_refine_analyze.Luzzati_d_res_low_free          ? 
_refine_analyze.number_disordered_residues      ? 
_refine_analyze.occupancy_sum_hydrogen          ? 
_refine_analyze.occupancy_sum_non_hydrogen      ? 
_refine_analyze.pdbx_refine_id                  'X-RAY DIFFRACTION' 
# 
_refine_hist.pdbx_refine_id                   'X-RAY DIFFRACTION' 
_refine_hist.cycle_id                         LAST 
_refine_hist.pdbx_number_atoms_protein        1203 
_refine_hist.pdbx_number_atoms_nucleic_acid   0 
_refine_hist.pdbx_number_atoms_ligand         0 
_refine_hist.number_atoms_solvent             0 
_refine_hist.number_atoms_total               1203 
_refine_hist.d_res_high                       2.40 
_refine_hist.d_res_low                        100. 
# 
loop_
_refine_ls_restr.type 
_refine_ls_restr.dev_ideal 
_refine_ls_restr.dev_ideal_target 
_refine_ls_restr.weight 
_refine_ls_restr.number 
_refine_ls_restr.pdbx_refine_id 
_refine_ls_restr.pdbx_restraint_function 
x_bond_d                0.009 ?    ? ? 'X-RAY DIFFRACTION' ? 
x_bond_d_na             ?     ?    ? ? 'X-RAY DIFFRACTION' ? 
x_bond_d_prot           ?     ?    ? ? 'X-RAY DIFFRACTION' ? 
x_angle_d               ?     ?    ? ? 'X-RAY DIFFRACTION' ? 
x_angle_d_na            ?     ?    ? ? 'X-RAY DIFFRACTION' ? 
x_angle_d_prot          ?     ?    ? ? 'X-RAY DIFFRACTION' ? 
x_angle_deg             1.5   ?    ? ? 'X-RAY DIFFRACTION' ? 
x_angle_deg_na          ?     ?    ? ? 'X-RAY DIFFRACTION' ? 
x_angle_deg_prot        ?     ?    ? ? 'X-RAY DIFFRACTION' ? 
x_dihedral_angle_d      24.8  ?    ? ? 'X-RAY DIFFRACTION' ? 
x_dihedral_angle_d_na   ?     ?    ? ? 'X-RAY DIFFRACTION' ? 
x_dihedral_angle_d_prot ?     ?    ? ? 'X-RAY DIFFRACTION' ? 
x_improper_angle_d      1.34  ?    ? ? 'X-RAY DIFFRACTION' ? 
x_improper_angle_d_na   ?     ?    ? ? 'X-RAY DIFFRACTION' ? 
x_improper_angle_d_prot ?     ?    ? ? 'X-RAY DIFFRACTION' ? 
x_mcbond_it             1.48  1.50 ? ? 'X-RAY DIFFRACTION' ? 
x_mcangle_it            2.33  2.00 ? ? 'X-RAY DIFFRACTION' ? 
x_scbond_it             2.33  2.00 ? ? 'X-RAY DIFFRACTION' ? 
x_scangle_it            3.51  2.50 ? ? 'X-RAY DIFFRACTION' ? 
# 
_refine_ls_shell.pdbx_total_number_of_bins_used   6 
_refine_ls_shell.d_res_high                       2.40 
_refine_ls_shell.d_res_low                        2.55 
_refine_ls_shell.number_reflns_R_work             810 
_refine_ls_shell.R_factor_R_work                  0.2910000 
_refine_ls_shell.percent_reflns_obs               81.5 
_refine_ls_shell.R_factor_R_free                  0.3730000 
_refine_ls_shell.R_factor_R_free_error            0.054 
_refine_ls_shell.percent_reflns_R_free            5.5 
_refine_ls_shell.number_reflns_R_free             47 
_refine_ls_shell.pdbx_refine_id                   'X-RAY DIFFRACTION' 
_refine_ls_shell.number_reflns_all                ? 
_refine_ls_shell.R_factor_all                     ? 
# 
loop_
_pdbx_xplor_file.serial_no 
_pdbx_xplor_file.param_file 
_pdbx_xplor_file.topol_file 
_pdbx_xplor_file.pdbx_refine_id 
1 PARHCSDX.PRO TOPHCSDX.PRO 'X-RAY DIFFRACTION' 
2 ?            ?            'X-RAY DIFFRACTION' 
# 
_struct.entry_id                  2AAK 
_struct.title                     'UBIQUITIN CONJUGATING ENZYME FROM ARABIDOPSIS THALIANA' 
_struct.pdbx_model_details        ? 
_struct.pdbx_CASP_flag            ? 
_struct.pdbx_model_type_details   ? 
# 
_struct_keywords.entry_id        2AAK 
_struct_keywords.pdbx_keywords   'UBIQUITIN CONJUGATION' 
_struct_keywords.text            'UBIQUITIN CONJUGATION, LIGASE' 
# 
_struct_asym.id                            A 
_struct_asym.pdbx_blank_PDB_chainid_flag   N 
_struct_asym.pdbx_modified                 N 
_struct_asym.entity_id                     1 
_struct_asym.details                       ? 
# 
_struct_ref.id                         1 
_struct_ref.db_name                    UNP 
_struct_ref.db_code                    UBC1_ARATH 
_struct_ref.entity_id                  1 
_struct_ref.pdbx_db_accession          P25865 
_struct_ref.pdbx_align_begin           1 
_struct_ref.pdbx_seq_one_letter_code   
;MSTPARKRLMRDFKRLQQDPPAGISGAPQDNNIMLWNAVIFGPDDTPWDGGTFKLSLQFSEDYPNKPPTVRFVSRMFHPN
IYADGSICLDILQNQWSPIYDVAAILTSIQSLLCDPNPNSPANSEAARMYSESKREYNRRVRDVVEQSWTAD
;
_struct_ref.pdbx_db_isoform            ? 
# 
_struct_ref_seq.align_id                      1 
_struct_ref_seq.ref_id                        1 
_struct_ref_seq.pdbx_PDB_id_code              2AAK 
_struct_ref_seq.pdbx_strand_id                A 
_struct_ref_seq.seq_align_beg                 1 
_struct_ref_seq.pdbx_seq_align_beg_ins_code   ? 
_struct_ref_seq.seq_align_end                 152 
_struct_ref_seq.pdbx_seq_align_end_ins_code   ? 
_struct_ref_seq.pdbx_db_accession             P25865 
_struct_ref_seq.db_align_beg                  1 
_struct_ref_seq.pdbx_db_align_beg_ins_code    ? 
_struct_ref_seq.db_align_end                  152 
_struct_ref_seq.pdbx_db_align_end_ins_code    ? 
_struct_ref_seq.pdbx_auth_seq_align_beg       1 
_struct_ref_seq.pdbx_auth_seq_align_end       152 
# 
_pdbx_struct_assembly.id                   1 
_pdbx_struct_assembly.details              author_defined_assembly 
_pdbx_struct_assembly.method_details       ? 
_pdbx_struct_assembly.oligomeric_details   monomeric 
_pdbx_struct_assembly.oligomeric_count     1 
# 
_pdbx_struct_assembly_gen.assembly_id       1 
_pdbx_struct_assembly_gen.oper_expression   1 
_pdbx_struct_assembly_gen.asym_id_list      A 
# 
_pdbx_struct_oper_list.id                   1 
_pdbx_struct_oper_list.type                 'identity operation' 
_pdbx_struct_oper_list.name                 1_555 
_pdbx_struct_oper_list.symmetry_operation   x,y,z 
_pdbx_struct_oper_list.matrix[1][1]         1.0000000000 
_pdbx_struct_oper_list.matrix[1][2]         0.0000000000 
_pdbx_struct_oper_list.matrix[1][3]         0.0000000000 
_pdbx_struct_oper_list.vector[1]            0.0000000000 
_pdbx_struct_oper_list.matrix[2][1]         0.0000000000 
_pdbx_struct_oper_list.matrix[2][2]         1.0000000000 
_pdbx_struct_oper_list.matrix[2][3]         0.0000000000 
_pdbx_struct_oper_list.vector[2]            0.0000000000 
_pdbx_struct_oper_list.matrix[3][1]         0.0000000000 
_pdbx_struct_oper_list.matrix[3][2]         0.0000000000 
_pdbx_struct_oper_list.matrix[3][3]         1.0000000000 
_pdbx_struct_oper_list.vector[3]            0.0000000000 
# 
_struct_biol.id   1 
# 
loop_
_struct_conf.conf_type_id 
_struct_conf.id 
_struct_conf.pdbx_PDB_helix_id 
_struct_conf.beg_label_comp_id 
_struct_conf.beg_label_asym_id 
_struct_conf.beg_label_seq_id 
_struct_conf.pdbx_beg_PDB_ins_code 
_struct_conf.end_label_comp_id 
_struct_conf.end_label_asym_id 
_struct_conf.end_label_seq_id 
_struct_conf.pdbx_end_PDB_ins_code 
_struct_conf.beg_auth_comp_id 
_struct_conf.beg_auth_asym_id 
_struct_conf.beg_auth_seq_id 
_struct_conf.end_auth_comp_id 
_struct_conf.end_auth_asym_id 
_struct_conf.end_auth_seq_id 
_struct_conf.pdbx_PDB_helix_class 
_struct_conf.details 
_struct_conf.pdbx_PDB_helix_length 
HELX_P HELX_P1 1 PRO A 4   ? GLN A 18  ? PRO A 4   GLN A 18  1 ? 15 
HELX_P HELX_P2 2 ASP A 90  ? LEU A 92  ? ASP A 90  LEU A 92  5 ? 3  
HELX_P HELX_P3 3 VAL A 102 ? LEU A 113 ? VAL A 102 LEU A 113 1 ? 12 
HELX_P HELX_P4 4 SER A 124 ? GLU A 132 ? SER A 124 GLU A 132 1 ? 9  
HELX_P HELX_P5 5 LYS A 134 ? SER A 148 ? LYS A 134 SER A 148 1 ? 15 
# 
_struct_conf_type.id          HELX_P 
_struct_conf_type.criteria    ? 
_struct_conf_type.reference   ? 
# 
_struct_mon_prot_cis.pdbx_id                1 
_struct_mon_prot_cis.label_comp_id          TYR 
_struct_mon_prot_cis.label_seq_id           63 
_struct_mon_prot_cis.label_asym_id          A 
_struct_mon_prot_cis.label_alt_id           . 
_struct_mon_prot_cis.pdbx_PDB_ins_code      ? 
_struct_mon_prot_cis.auth_comp_id           TYR 
_struct_mon_prot_cis.auth_seq_id            63 
_struct_mon_prot_cis.auth_asym_id           A 
_struct_mon_prot_cis.pdbx_label_comp_id_2   PRO 
_struct_mon_prot_cis.pdbx_label_seq_id_2    64 
_struct_mon_prot_cis.pdbx_label_asym_id_2   A 
_struct_mon_prot_cis.pdbx_PDB_ins_code_2    ? 
_struct_mon_prot_cis.pdbx_auth_comp_id_2    PRO 
_struct_mon_prot_cis.pdbx_auth_seq_id_2     64 
_struct_mon_prot_cis.pdbx_auth_asym_id_2    A 
_struct_mon_prot_cis.pdbx_PDB_model_num     1 
_struct_mon_prot_cis.pdbx_omega_angle       1.15 
# 
_struct_sheet.id               A 
_struct_sheet.type             ? 
_struct_sheet.number_strands   4 
_struct_sheet.details          ? 
# 
loop_
_struct_sheet_order.sheet_id 
_struct_sheet_order.range_id_1 
_struct_sheet_order.range_id_2 
_struct_sheet_order.offset 
_struct_sheet_order.sense 
A 1 2 ? anti-parallel 
A 2 3 ? anti-parallel 
A 3 4 ? anti-parallel 
# 
loop_
_struct_sheet_range.sheet_id 
_struct_sheet_range.id 
_struct_sheet_range.beg_label_comp_id 
_struct_sheet_range.beg_label_asym_id 
_struct_sheet_range.beg_label_seq_id 
_struct_sheet_range.pdbx_beg_PDB_ins_code 
_struct_sheet_range.end_label_comp_id 
_struct_sheet_range.end_label_asym_id 
_struct_sheet_range.end_label_seq_id 
_struct_sheet_range.pdbx_end_PDB_ins_code 
_struct_sheet_range.beg_auth_comp_id 
_struct_sheet_range.beg_auth_asym_id 
_struct_sheet_range.beg_auth_seq_id 
_struct_sheet_range.end_auth_comp_id 
_struct_sheet_range.end_auth_asym_id 
_struct_sheet_range.end_auth_seq_id 
A 1 THR A 69 ? PHE A 72 ? THR A 69 PHE A 72 
A 2 THR A 52 ? GLN A 58 ? THR A 52 GLN A 58 
A 3 ASN A 32 ? PHE A 41 ? ASN A 32 PHE A 41 
A 4 ILE A 24 ? GLN A 29 ? ILE A 24 GLN A 29 
# 
loop_
_pdbx_struct_sheet_hbond.sheet_id 
_pdbx_struct_sheet_hbond.range_id_1 
_pdbx_struct_sheet_hbond.range_id_2 
_pdbx_struct_sheet_hbond.range_1_label_atom_id 
_pdbx_struct_sheet_hbond.range_1_label_comp_id 
_pdbx_struct_sheet_hbond.range_1_label_asym_id 
_pdbx_struct_sheet_hbond.range_1_label_seq_id 
_pdbx_struct_sheet_hbond.range_1_PDB_ins_code 
_pdbx_struct_sheet_hbond.range_1_auth_atom_id 
_pdbx_struct_sheet_hbond.range_1_auth_comp_id 
_pdbx_struct_sheet_hbond.range_1_auth_asym_id 
_pdbx_struct_sheet_hbond.range_1_auth_seq_id 
_pdbx_struct_sheet_hbond.range_2_label_atom_id 
_pdbx_struct_sheet_hbond.range_2_label_comp_id 
_pdbx_struct_sheet_hbond.range_2_label_asym_id 
_pdbx_struct_sheet_hbond.range_2_label_seq_id 
_pdbx_struct_sheet_hbond.range_2_PDB_ins_code 
_pdbx_struct_sheet_hbond.range_2_auth_atom_id 
_pdbx_struct_sheet_hbond.range_2_auth_comp_id 
_pdbx_struct_sheet_hbond.range_2_auth_asym_id 
_pdbx_struct_sheet_hbond.range_2_auth_seq_id 
A 1 2 O THR A 69 ? O THR A 69 N GLN A 58 ? N GLN A 58 
A 2 3 O PHE A 53 ? O PHE A 53 N ILE A 40 ? N ILE A 40 
A 3 4 O ASN A 32 ? O ASN A 32 N GLN A 29 ? N GLN A 29 
# 
_struct_site.id                   C88 
_struct_site.pdbx_evidence_code   Unknown 
_struct_site.pdbx_auth_asym_id    ? 
_struct_site.pdbx_auth_comp_id    ? 
_struct_site.pdbx_auth_seq_id     ? 
_struct_site.pdbx_auth_ins_code   ? 
_struct_site.pdbx_num_residues    1 
_struct_site.details              'CYS 88 BINDS A UBIQUITIN MOLECULE THROUGH A THIOLESTER BOND WITH THE C TERMINUS OF UBIQUITIN.' 
# 
_struct_site_gen.id                   1 
_struct_site_gen.site_id              C88 
_struct_site_gen.pdbx_num_res         1 
_struct_site_gen.label_comp_id        CYS 
_struct_site_gen.label_asym_id        A 
_struct_site_gen.label_seq_id         88 
_struct_site_gen.pdbx_auth_ins_code   ? 
_struct_site_gen.auth_comp_id         CYS 
_struct_site_gen.auth_asym_id         A 
_struct_site_gen.auth_seq_id          88 
_struct_site_gen.label_atom_id        . 
_struct_site_gen.label_alt_id         ? 
_struct_site_gen.symmetry             1_555 
_struct_site_gen.details              ? 
# 
loop_
_pdbx_validate_torsion.id 
_pdbx_validate_torsion.PDB_model_num 
_pdbx_validate_torsion.auth_comp_id 
_pdbx_validate_torsion.auth_asym_id 
_pdbx_validate_torsion.auth_seq_id 
_pdbx_validate_torsion.PDB_ins_code 
_pdbx_validate_torsion.label_alt_id 
_pdbx_validate_torsion.phi 
_pdbx_validate_torsion.psi 
1 1 ASN A 32  ? ? -171.35 101.14 
2 1 ASP A 90  ? ? -46.22  -73.66 
3 1 ILE A 91  ? ? -58.88  -9.66  
4 1 GLN A 93  ? ? -134.13 -62.63 
5 1 SER A 120 ? ? -151.76 55.83  
6 1 PRO A 121 ? ? -59.46  85.51  
# 
_pdbx_database_remark.id     650 
_pdbx_database_remark.text   
;HELIX
IN THE ORIGINAL STRUCTURE (1AAK), RESIDUES 14 - 16 WERE
MODELED AS 3/10 HELIX.  AN ADDITIONAL RESIDUE HAS NOW BEEN
INSERTED, AND THE ENTIRE N-TERMINAL HELIX IS NOW ALPHA
HELIX.  THE STRUCTURE HAS BEEN REFINED USING ALL THE DATA
(NO SIGMA CUTOFF) AND A BULK SOLVENT MODEL.
;
# 
loop_
_pdbx_unobs_or_zero_occ_residues.id 
_pdbx_unobs_or_zero_occ_residues.PDB_model_num 
_pdbx_unobs_or_zero_occ_residues.polymer_flag 
_pdbx_unobs_or_zero_occ_residues.occupancy_flag 
_pdbx_unobs_or_zero_occ_residues.auth_asym_id 
_pdbx_unobs_or_zero_occ_residues.auth_comp_id 
_pdbx_unobs_or_zero_occ_residues.auth_seq_id 
_pdbx_unobs_or_zero_occ_residues.PDB_ins_code 
_pdbx_unobs_or_zero_occ_residues.label_asym_id 
_pdbx_unobs_or_zero_occ_residues.label_comp_id 
_pdbx_unobs_or_zero_occ_residues.label_seq_id 
1 1 Y 1 A ALA 151 ? A ALA 151 
2 1 Y 1 A ASP 152 ? A ASP 152 
# 
loop_
_chem_comp_atom.comp_id 
_chem_comp_atom.atom_id 
_chem_comp_atom.type_symbol 
_chem_comp_atom.pdbx_aromatic_flag 
_chem_comp_atom.pdbx_stereo_config 
_chem_comp_atom.pdbx_ordinal 
ALA N    N N N 1   
ALA CA   C N S 2   
ALA C    C N N 3   
ALA O    O N N 4   
ALA CB   C N N 5   
ALA OXT  O N N 6   
ALA H    H N N 7   
ALA H2   H N N 8   
ALA HA   H N N 9   
ALA HB1  H N N 10  
ALA HB2  H N N 11  
ALA HB3  H N N 12  
ALA HXT  H N N 13  
ARG N    N N N 14  
ARG CA   C N S 15  
ARG C    C N N 16  
ARG O    O N N 17  
ARG CB   C N N 18  
ARG CG   C N N 19  
ARG CD   C N N 20  
ARG NE   N N N 21  
ARG CZ   C N N 22  
ARG NH1  N N N 23  
ARG NH2  N N N 24  
ARG OXT  O N N 25  
ARG H    H N N 26  
ARG H2   H N N 27  
ARG HA   H N N 28  
ARG HB2  H N N 29  
ARG HB3  H N N 30  
ARG HG2  H N N 31  
ARG HG3  H N N 32  
ARG HD2  H N N 33  
ARG HD3  H N N 34  
ARG HE   H N N 35  
ARG HH11 H N N 36  
ARG HH12 H N N 37  
ARG HH21 H N N 38  
ARG HH22 H N N 39  
ARG HXT  H N N 40  
ASN N    N N N 41  
ASN CA   C N S 42  
ASN C    C N N 43  
ASN O    O N N 44  
ASN CB   C N N 45  
ASN CG   C N N 46  
ASN OD1  O N N 47  
ASN ND2  N N N 48  
ASN OXT  O N N 49  
ASN H    H N N 50  
ASN H2   H N N 51  
ASN HA   H N N 52  
ASN HB2  H N N 53  
ASN HB3  H N N 54  
ASN HD21 H N N 55  
ASN HD22 H N N 56  
ASN HXT  H N N 57  
ASP N    N N N 58  
ASP CA   C N S 59  
ASP C    C N N 60  
ASP O    O N N 61  
ASP CB   C N N 62  
ASP CG   C N N 63  
ASP OD1  O N N 64  
ASP OD2  O N N 65  
ASP OXT  O N N 66  
ASP H    H N N 67  
ASP H2   H N N 68  
ASP HA   H N N 69  
ASP HB2  H N N 70  
ASP HB3  H N N 71  
ASP HD2  H N N 72  
ASP HXT  H N N 73  
CYS N    N N N 74  
CYS CA   C N R 75  
CYS C    C N N 76  
CYS O    O N N 77  
CYS CB   C N N 78  
CYS SG   S N N 79  
CYS OXT  O N N 80  
CYS H    H N N 81  
CYS H2   H N N 82  
CYS HA   H N N 83  
CYS HB2  H N N 84  
CYS HB3  H N N 85  
CYS HG   H N N 86  
CYS HXT  H N N 87  
GLN N    N N N 88  
GLN CA   C N S 89  
GLN C    C N N 90  
GLN O    O N N 91  
GLN CB   C N N 92  
GLN CG   C N N 93  
GLN CD   C N N 94  
GLN OE1  O N N 95  
GLN NE2  N N N 96  
GLN OXT  O N N 97  
GLN H    H N N 98  
GLN H2   H N N 99  
GLN HA   H N N 100 
GLN HB2  H N N 101 
GLN HB3  H N N 102 
GLN HG2  H N N 103 
GLN HG3  H N N 104 
GLN HE21 H N N 105 
GLN HE22 H N N 106 
GLN HXT  H N N 107 
GLU N    N N N 108 
GLU CA   C N S 109 
GLU C    C N N 110 
GLU O    O N N 111 
GLU CB   C N N 112 
GLU CG   C N N 113 
GLU CD   C N N 114 
GLU OE1  O N N 115 
GLU OE2  O N N 116 
GLU OXT  O N N 117 
GLU H    H N N 118 
GLU H2   H N N 119 
GLU HA   H N N 120 
GLU HB2  H N N 121 
GLU HB3  H N N 122 
GLU HG2  H N N 123 
GLU HG3  H N N 124 
GLU HE2  H N N 125 
GLU HXT  H N N 126 
GLY N    N N N 127 
GLY CA   C N N 128 
GLY C    C N N 129 
GLY O    O N N 130 
GLY OXT  O N N 131 
GLY H    H N N 132 
GLY H2   H N N 133 
GLY HA2  H N N 134 
GLY HA3  H N N 135 
GLY HXT  H N N 136 
HIS N    N N N 137 
HIS CA   C N S 138 
HIS C    C N N 139 
HIS O    O N N 140 
HIS CB   C N N 141 
HIS CG   C Y N 142 
HIS ND1  N Y N 143 
HIS CD2  C Y N 144 
HIS CE1  C Y N 145 
HIS NE2  N Y N 146 
HIS OXT  O N N 147 
HIS H    H N N 148 
HIS H2   H N N 149 
HIS HA   H N N 150 
HIS HB2  H N N 151 
HIS HB3  H N N 152 
HIS HD1  H N N 153 
HIS HD2  H N N 154 
HIS HE1  H N N 155 
HIS HE2  H N N 156 
HIS HXT  H N N 157 
ILE N    N N N 158 
ILE CA   C N S 159 
ILE C    C N N 160 
ILE O    O N N 161 
ILE CB   C N S 162 
ILE CG1  C N N 163 
ILE CG2  C N N 164 
ILE CD1  C N N 165 
ILE OXT  O N N 166 
ILE H    H N N 167 
ILE H2   H N N 168 
ILE HA   H N N 169 
ILE HB   H N N 170 
ILE HG12 H N N 171 
ILE HG13 H N N 172 
ILE HG21 H N N 173 
ILE HG22 H N N 174 
ILE HG23 H N N 175 
ILE HD11 H N N 176 
ILE HD12 H N N 177 
ILE HD13 H N N 178 
ILE HXT  H N N 179 
LEU N    N N N 180 
LEU CA   C N S 181 
LEU C    C N N 182 
LEU O    O N N 183 
LEU CB   C N N 184 
LEU CG   C N N 185 
LEU CD1  C N N 186 
LEU CD2  C N N 187 
LEU OXT  O N N 188 
LEU H    H N N 189 
LEU H2   H N N 190 
LEU HA   H N N 191 
LEU HB2  H N N 192 
LEU HB3  H N N 193 
LEU HG   H N N 194 
LEU HD11 H N N 195 
LEU HD12 H N N 196 
LEU HD13 H N N 197 
LEU HD21 H N N 198 
LEU HD22 H N N 199 
LEU HD23 H N N 200 
LEU HXT  H N N 201 
LYS N    N N N 202 
LYS CA   C N S 203 
LYS C    C N N 204 
LYS O    O N N 205 
LYS CB   C N N 206 
LYS CG   C N N 207 
LYS CD   C N N 208 
LYS CE   C N N 209 
LYS NZ   N N N 210 
LYS OXT  O N N 211 
LYS H    H N N 212 
LYS H2   H N N 213 
LYS HA   H N N 214 
LYS HB2  H N N 215 
LYS HB3  H N N 216 
LYS HG2  H N N 217 
LYS HG3  H N N 218 
LYS HD2  H N N 219 
LYS HD3  H N N 220 
LYS HE2  H N N 221 
LYS HE3  H N N 222 
LYS HZ1  H N N 223 
LYS HZ2  H N N 224 
LYS HZ3  H N N 225 
LYS HXT  H N N 226 
MET N    N N N 227 
MET CA   C N S 228 
MET C    C N N 229 
MET O    O N N 230 
MET CB   C N N 231 
MET CG   C N N 232 
MET SD   S N N 233 
MET CE   C N N 234 
MET OXT  O N N 235 
MET H    H N N 236 
MET H2   H N N 237 
MET HA   H N N 238 
MET HB2  H N N 239 
MET HB3  H N N 240 
MET HG2  H N N 241 
MET HG3  H N N 242 
MET HE1  H N N 243 
MET HE2  H N N 244 
MET HE3  H N N 245 
MET HXT  H N N 246 
PHE N    N N N 247 
PHE CA   C N S 248 
PHE C    C N N 249 
PHE O    O N N 250 
PHE CB   C N N 251 
PHE CG   C Y N 252 
PHE CD1  C Y N 253 
PHE CD2  C Y N 254 
PHE CE1  C Y N 255 
PHE CE2  C Y N 256 
PHE CZ   C Y N 257 
PHE OXT  O N N 258 
PHE H    H N N 259 
PHE H2   H N N 260 
PHE HA   H N N 261 
PHE HB2  H N N 262 
PHE HB3  H N N 263 
PHE HD1  H N N 264 
PHE HD2  H N N 265 
PHE HE1  H N N 266 
PHE HE2  H N N 267 
PHE HZ   H N N 268 
PHE HXT  H N N 269 
PRO N    N N N 270 
PRO CA   C N S 271 
PRO C    C N N 272 
PRO O    O N N 273 
PRO CB   C N N 274 
PRO CG   C N N 275 
PRO CD   C N N 276 
PRO OXT  O N N 277 
PRO H    H N N 278 
PRO HA   H N N 279 
PRO HB2  H N N 280 
PRO HB3  H N N 281 
PRO HG2  H N N 282 
PRO HG3  H N N 283 
PRO HD2  H N N 284 
PRO HD3  H N N 285 
PRO HXT  H N N 286 
SER N    N N N 287 
SER CA   C N S 288 
SER C    C N N 289 
SER O    O N N 290 
SER CB   C N N 291 
SER OG   O N N 292 
SER OXT  O N N 293 
SER H    H N N 294 
SER H2   H N N 295 
SER HA   H N N 296 
SER HB2  H N N 297 
SER HB3  H N N 298 
SER HG   H N N 299 
SER HXT  H N N 300 
THR N    N N N 301 
THR CA   C N S 302 
THR C    C N N 303 
THR O    O N N 304 
THR CB   C N R 305 
THR OG1  O N N 306 
THR CG2  C N N 307 
THR OXT  O N N 308 
THR H    H N N 309 
THR H2   H N N 310 
THR HA   H N N 311 
THR HB   H N N 312 
THR HG1  H N N 313 
THR HG21 H N N 314 
THR HG22 H N N 315 
THR HG23 H N N 316 
THR HXT  H N N 317 
TRP N    N N N 318 
TRP CA   C N S 319 
TRP C    C N N 320 
TRP O    O N N 321 
TRP CB   C N N 322 
TRP CG   C Y N 323 
TRP CD1  C Y N 324 
TRP CD2  C Y N 325 
TRP NE1  N Y N 326 
TRP CE2  C Y N 327 
TRP CE3  C Y N 328 
TRP CZ2  C Y N 329 
TRP CZ3  C Y N 330 
TRP CH2  C Y N 331 
TRP OXT  O N N 332 
TRP H    H N N 333 
TRP H2   H N N 334 
TRP HA   H N N 335 
TRP HB2  H N N 336 
TRP HB3  H N N 337 
TRP HD1  H N N 338 
TRP HE1  H N N 339 
TRP HE3  H N N 340 
TRP HZ2  H N N 341 
TRP HZ3  H N N 342 
TRP HH2  H N N 343 
TRP HXT  H N N 344 
TYR N    N N N 345 
TYR CA   C N S 346 
TYR C    C N N 347 
TYR O    O N N 348 
TYR CB   C N N 349 
TYR CG   C Y N 350 
TYR CD1  C Y N 351 
TYR CD2  C Y N 352 
TYR CE1  C Y N 353 
TYR CE2  C Y N 354 
TYR CZ   C Y N 355 
TYR OH   O N N 356 
TYR OXT  O N N 357 
TYR H    H N N 358 
TYR H2   H N N 359 
TYR HA   H N N 360 
TYR HB2  H N N 361 
TYR HB3  H N N 362 
TYR HD1  H N N 363 
TYR HD2  H N N 364 
TYR HE1  H N N 365 
TYR HE2  H N N 366 
TYR HH   H N N 367 
TYR HXT  H N N 368 
VAL N    N N N 369 
VAL CA   C N S 370 
VAL C    C N N 371 
VAL O    O N N 372 
VAL CB   C N N 373 
VAL CG1  C N N 374 
VAL CG2  C N N 375 
VAL OXT  O N N 376 
VAL H    H N N 377 
VAL H2   H N N 378 
VAL HA   H N N 379 
VAL HB   H N N 380 
VAL HG11 H N N 381 
VAL HG12 H N N 382 
VAL HG13 H N N 383 
VAL HG21 H N N 384 
VAL HG22 H N N 385 
VAL HG23 H N N 386 
VAL HXT  H N N 387 
# 
loop_
_chem_comp_bond.comp_id 
_chem_comp_bond.atom_id_1 
_chem_comp_bond.atom_id_2 
_chem_comp_bond.value_order 
_chem_comp_bond.pdbx_aromatic_flag 
_chem_comp_bond.pdbx_stereo_config 
_chem_comp_bond.pdbx_ordinal 
ALA N   CA   sing N N 1   
ALA N   H    sing N N 2   
ALA N   H2   sing N N 3   
ALA CA  C    sing N N 4   
ALA CA  CB   sing N N 5   
ALA CA  HA   sing N N 6   
ALA C   O    doub N N 7   
ALA C   OXT  sing N N 8   
ALA CB  HB1  sing N N 9   
ALA CB  HB2  sing N N 10  
ALA CB  HB3  sing N N 11  
ALA OXT HXT  sing N N 12  
ARG N   CA   sing N N 13  
ARG N   H    sing N N 14  
ARG N   H2   sing N N 15  
ARG CA  C    sing N N 16  
ARG CA  CB   sing N N 17  
ARG CA  HA   sing N N 18  
ARG C   O    doub N N 19  
ARG C   OXT  sing N N 20  
ARG CB  CG   sing N N 21  
ARG CB  HB2  sing N N 22  
ARG CB  HB3  sing N N 23  
ARG CG  CD   sing N N 24  
ARG CG  HG2  sing N N 25  
ARG CG  HG3  sing N N 26  
ARG CD  NE   sing N N 27  
ARG CD  HD2  sing N N 28  
ARG CD  HD3  sing N N 29  
ARG NE  CZ   sing N N 30  
ARG NE  HE   sing N N 31  
ARG CZ  NH1  sing N N 32  
ARG CZ  NH2  doub N N 33  
ARG NH1 HH11 sing N N 34  
ARG NH1 HH12 sing N N 35  
ARG NH2 HH21 sing N N 36  
ARG NH2 HH22 sing N N 37  
ARG OXT HXT  sing N N 38  
ASN N   CA   sing N N 39  
ASN N   H    sing N N 40  
ASN N   H2   sing N N 41  
ASN CA  C    sing N N 42  
ASN CA  CB   sing N N 43  
ASN CA  HA   sing N N 44  
ASN C   O    doub N N 45  
ASN C   OXT  sing N N 46  
ASN CB  CG   sing N N 47  
ASN CB  HB2  sing N N 48  
ASN CB  HB3  sing N N 49  
ASN CG  OD1  doub N N 50  
ASN CG  ND2  sing N N 51  
ASN ND2 HD21 sing N N 52  
ASN ND2 HD22 sing N N 53  
ASN OXT HXT  sing N N 54  
ASP N   CA   sing N N 55  
ASP N   H    sing N N 56  
ASP N   H2   sing N N 57  
ASP CA  C    sing N N 58  
ASP CA  CB   sing N N 59  
ASP CA  HA   sing N N 60  
ASP C   O    doub N N 61  
ASP C   OXT  sing N N 62  
ASP CB  CG   sing N N 63  
ASP CB  HB2  sing N N 64  
ASP CB  HB3  sing N N 65  
ASP CG  OD1  doub N N 66  
ASP CG  OD2  sing N N 67  
ASP OD2 HD2  sing N N 68  
ASP OXT HXT  sing N N 69  
CYS N   CA   sing N N 70  
CYS N   H    sing N N 71  
CYS N   H2   sing N N 72  
CYS CA  C    sing N N 73  
CYS CA  CB   sing N N 74  
CYS CA  HA   sing N N 75  
CYS C   O    doub N N 76  
CYS C   OXT  sing N N 77  
CYS CB  SG   sing N N 78  
CYS CB  HB2  sing N N 79  
CYS CB  HB3  sing N N 80  
CYS SG  HG   sing N N 81  
CYS OXT HXT  sing N N 82  
GLN N   CA   sing N N 83  
GLN N   H    sing N N 84  
GLN N   H2   sing N N 85  
GLN CA  C    sing N N 86  
GLN CA  CB   sing N N 87  
GLN CA  HA   sing N N 88  
GLN C   O    doub N N 89  
GLN C   OXT  sing N N 90  
GLN CB  CG   sing N N 91  
GLN CB  HB2  sing N N 92  
GLN CB  HB3  sing N N 93  
GLN CG  CD   sing N N 94  
GLN CG  HG2  sing N N 95  
GLN CG  HG3  sing N N 96  
GLN CD  OE1  doub N N 97  
GLN CD  NE2  sing N N 98  
GLN NE2 HE21 sing N N 99  
GLN NE2 HE22 sing N N 100 
GLN OXT HXT  sing N N 101 
GLU N   CA   sing N N 102 
GLU N   H    sing N N 103 
GLU N   H2   sing N N 104 
GLU CA  C    sing N N 105 
GLU CA  CB   sing N N 106 
GLU CA  HA   sing N N 107 
GLU C   O    doub N N 108 
GLU C   OXT  sing N N 109 
GLU CB  CG   sing N N 110 
GLU CB  HB2  sing N N 111 
GLU CB  HB3  sing N N 112 
GLU CG  CD   sing N N 113 
GLU CG  HG2  sing N N 114 
GLU CG  HG3  sing N N 115 
GLU CD  OE1  doub N N 116 
GLU CD  OE2  sing N N 117 
GLU OE2 HE2  sing N N 118 
GLU OXT HXT  sing N N 119 
GLY N   CA   sing N N 120 
GLY N   H    sing N N 121 
GLY N   H2   sing N N 122 
GLY CA  C    sing N N 123 
GLY CA  HA2  sing N N 124 
GLY CA  HA3  sing N N 125 
GLY C   O    doub N N 126 
GLY C   OXT  sing N N 127 
GLY OXT HXT  sing N N 128 
HIS N   CA   sing N N 129 
HIS N   H    sing N N 130 
HIS N   H2   sing N N 131 
HIS CA  C    sing N N 132 
HIS CA  CB   sing N N 133 
HIS CA  HA   sing N N 134 
HIS C   O    doub N N 135 
HIS C   OXT  sing N N 136 
HIS CB  CG   sing N N 137 
HIS CB  HB2  sing N N 138 
HIS CB  HB3  sing N N 139 
HIS CG  ND1  sing Y N 140 
HIS CG  CD2  doub Y N 141 
HIS ND1 CE1  doub Y N 142 
HIS ND1 HD1  sing N N 143 
HIS CD2 NE2  sing Y N 144 
HIS CD2 HD2  sing N N 145 
HIS CE1 NE2  sing Y N 146 
HIS CE1 HE1  sing N N 147 
HIS NE2 HE2  sing N N 148 
HIS OXT HXT  sing N N 149 
ILE N   CA   sing N N 150 
ILE N   H    sing N N 151 
ILE N   H2   sing N N 152 
ILE CA  C    sing N N 153 
ILE CA  CB   sing N N 154 
ILE CA  HA   sing N N 155 
ILE C   O    doub N N 156 
ILE C   OXT  sing N N 157 
ILE CB  CG1  sing N N 158 
ILE CB  CG2  sing N N 159 
ILE CB  HB   sing N N 160 
ILE CG1 CD1  sing N N 161 
ILE CG1 HG12 sing N N 162 
ILE CG1 HG13 sing N N 163 
ILE CG2 HG21 sing N N 164 
ILE CG2 HG22 sing N N 165 
ILE CG2 HG23 sing N N 166 
ILE CD1 HD11 sing N N 167 
ILE CD1 HD12 sing N N 168 
ILE CD1 HD13 sing N N 169 
ILE OXT HXT  sing N N 170 
LEU N   CA   sing N N 171 
LEU N   H    sing N N 172 
LEU N   H2   sing N N 173 
LEU CA  C    sing N N 174 
LEU CA  CB   sing N N 175 
LEU CA  HA   sing N N 176 
LEU C   O    doub N N 177 
LEU C   OXT  sing N N 178 
LEU CB  CG   sing N N 179 
LEU CB  HB2  sing N N 180 
LEU CB  HB3  sing N N 181 
LEU CG  CD1  sing N N 182 
LEU CG  CD2  sing N N 183 
LEU CG  HG   sing N N 184 
LEU CD1 HD11 sing N N 185 
LEU CD1 HD12 sing N N 186 
LEU CD1 HD13 sing N N 187 
LEU CD2 HD21 sing N N 188 
LEU CD2 HD22 sing N N 189 
LEU CD2 HD23 sing N N 190 
LEU OXT HXT  sing N N 191 
LYS N   CA   sing N N 192 
LYS N   H    sing N N 193 
LYS N   H2   sing N N 194 
LYS CA  C    sing N N 195 
LYS CA  CB   sing N N 196 
LYS CA  HA   sing N N 197 
LYS C   O    doub N N 198 
LYS C   OXT  sing N N 199 
LYS CB  CG   sing N N 200 
LYS CB  HB2  sing N N 201 
LYS CB  HB3  sing N N 202 
LYS CG  CD   sing N N 203 
LYS CG  HG2  sing N N 204 
LYS CG  HG3  sing N N 205 
LYS CD  CE   sing N N 206 
LYS CD  HD2  sing N N 207 
LYS CD  HD3  sing N N 208 
LYS CE  NZ   sing N N 209 
LYS CE  HE2  sing N N 210 
LYS CE  HE3  sing N N 211 
LYS NZ  HZ1  sing N N 212 
LYS NZ  HZ2  sing N N 213 
LYS NZ  HZ3  sing N N 214 
LYS OXT HXT  sing N N 215 
MET N   CA   sing N N 216 
MET N   H    sing N N 217 
MET N   H2   sing N N 218 
MET CA  C    sing N N 219 
MET CA  CB   sing N N 220 
MET CA  HA   sing N N 221 
MET C   O    doub N N 222 
MET C   OXT  sing N N 223 
MET CB  CG   sing N N 224 
MET CB  HB2  sing N N 225 
MET CB  HB3  sing N N 226 
MET CG  SD   sing N N 227 
MET CG  HG2  sing N N 228 
MET CG  HG3  sing N N 229 
MET SD  CE   sing N N 230 
MET CE  HE1  sing N N 231 
MET CE  HE2  sing N N 232 
MET CE  HE3  sing N N 233 
MET OXT HXT  sing N N 234 
PHE N   CA   sing N N 235 
PHE N   H    sing N N 236 
PHE N   H2   sing N N 237 
PHE CA  C    sing N N 238 
PHE CA  CB   sing N N 239 
PHE CA  HA   sing N N 240 
PHE C   O    doub N N 241 
PHE C   OXT  sing N N 242 
PHE CB  CG   sing N N 243 
PHE CB  HB2  sing N N 244 
PHE CB  HB3  sing N N 245 
PHE CG  CD1  doub Y N 246 
PHE CG  CD2  sing Y N 247 
PHE CD1 CE1  sing Y N 248 
PHE CD1 HD1  sing N N 249 
PHE CD2 CE2  doub Y N 250 
PHE CD2 HD2  sing N N 251 
PHE CE1 CZ   doub Y N 252 
PHE CE1 HE1  sing N N 253 
PHE CE2 CZ   sing Y N 254 
PHE CE2 HE2  sing N N 255 
PHE CZ  HZ   sing N N 256 
PHE OXT HXT  sing N N 257 
PRO N   CA   sing N N 258 
PRO N   CD   sing N N 259 
PRO N   H    sing N N 260 
PRO CA  C    sing N N 261 
PRO CA  CB   sing N N 262 
PRO CA  HA   sing N N 263 
PRO C   O    doub N N 264 
PRO C   OXT  sing N N 265 
PRO CB  CG   sing N N 266 
PRO CB  HB2  sing N N 267 
PRO CB  HB3  sing N N 268 
PRO CG  CD   sing N N 269 
PRO CG  HG2  sing N N 270 
PRO CG  HG3  sing N N 271 
PRO CD  HD2  sing N N 272 
PRO CD  HD3  sing N N 273 
PRO OXT HXT  sing N N 274 
SER N   CA   sing N N 275 
SER N   H    sing N N 276 
SER N   H2   sing N N 277 
SER CA  C    sing N N 278 
SER CA  CB   sing N N 279 
SER CA  HA   sing N N 280 
SER C   O    doub N N 281 
SER C   OXT  sing N N 282 
SER CB  OG   sing N N 283 
SER CB  HB2  sing N N 284 
SER CB  HB3  sing N N 285 
SER OG  HG   sing N N 286 
SER OXT HXT  sing N N 287 
THR N   CA   sing N N 288 
THR N   H    sing N N 289 
THR N   H2   sing N N 290 
THR CA  C    sing N N 291 
THR CA  CB   sing N N 292 
THR CA  HA   sing N N 293 
THR C   O    doub N N 294 
THR C   OXT  sing N N 295 
THR CB  OG1  sing N N 296 
THR CB  CG2  sing N N 297 
THR CB  HB   sing N N 298 
THR OG1 HG1  sing N N 299 
THR CG2 HG21 sing N N 300 
THR CG2 HG22 sing N N 301 
THR CG2 HG23 sing N N 302 
THR OXT HXT  sing N N 303 
TRP N   CA   sing N N 304 
TRP N   H    sing N N 305 
TRP N   H2   sing N N 306 
TRP CA  C    sing N N 307 
TRP CA  CB   sing N N 308 
TRP CA  HA   sing N N 309 
TRP C   O    doub N N 310 
TRP C   OXT  sing N N 311 
TRP CB  CG   sing N N 312 
TRP CB  HB2  sing N N 313 
TRP CB  HB3  sing N N 314 
TRP CG  CD1  doub Y N 315 
TRP CG  CD2  sing Y N 316 
TRP CD1 NE1  sing Y N 317 
TRP CD1 HD1  sing N N 318 
TRP CD2 CE2  doub Y N 319 
TRP CD2 CE3  sing Y N 320 
TRP NE1 CE2  sing Y N 321 
TRP NE1 HE1  sing N N 322 
TRP CE2 CZ2  sing Y N 323 
TRP CE3 CZ3  doub Y N 324 
TRP CE3 HE3  sing N N 325 
TRP CZ2 CH2  doub Y N 326 
TRP CZ2 HZ2  sing N N 327 
TRP CZ3 CH2  sing Y N 328 
TRP CZ3 HZ3  sing N N 329 
TRP CH2 HH2  sing N N 330 
TRP OXT HXT  sing N N 331 
TYR N   CA   sing N N 332 
TYR N   H    sing N N 333 
TYR N   H2   sing N N 334 
TYR CA  C    sing N N 335 
TYR CA  CB   sing N N 336 
TYR CA  HA   sing N N 337 
TYR C   O    doub N N 338 
TYR C   OXT  sing N N 339 
TYR CB  CG   sing N N 340 
TYR CB  HB2  sing N N 341 
TYR CB  HB3  sing N N 342 
TYR CG  CD1  doub Y N 343 
TYR CG  CD2  sing Y N 344 
TYR CD1 CE1  sing Y N 345 
TYR CD1 HD1  sing N N 346 
TYR CD2 CE2  doub Y N 347 
TYR CD2 HD2  sing N N 348 
TYR CE1 CZ   doub Y N 349 
TYR CE1 HE1  sing N N 350 
TYR CE2 CZ   sing Y N 351 
TYR CE2 HE2  sing N N 352 
TYR CZ  OH   sing N N 353 
TYR OH  HH   sing N N 354 
TYR OXT HXT  sing N N 355 
VAL N   CA   sing N N 356 
VAL N   H    sing N N 357 
VAL N   H2   sing N N 358 
VAL CA  C    sing N N 359 
VAL CA  CB   sing N N 360 
VAL CA  HA   sing N N 361 
VAL C   O    doub N N 362 
VAL C   OXT  sing N N 363 
VAL CB  CG1  sing N N 364 
VAL CB  CG2  sing N N 365 
VAL CB  HB   sing N N 366 
VAL CG1 HG11 sing N N 367 
VAL CG1 HG12 sing N N 368 
VAL CG1 HG13 sing N N 369 
VAL CG2 HG21 sing N N 370 
VAL CG2 HG22 sing N N 371 
VAL CG2 HG23 sing N N 372 
VAL OXT HXT  sing N N 373 
# 
_atom_sites.entry_id                    2AAK 
_atom_sites.fract_transf_matrix[1][1]   -0.01485236 
_atom_sites.fract_transf_matrix[1][2]   -0.00254635 
_atom_sites.fract_transf_matrix[1][3]   0.01858046 
_atom_sites.fract_transf_matrix[2][1]   0.00967089 
_atom_sites.fract_transf_matrix[2][2]   0.01733179 
_atom_sites.fract_transf_matrix[2][3]   0.01010569 
_atom_sites.fract_transf_matrix[3][1]   -0.00784476 
_atom_sites.fract_transf_matrix[3][2]   0.00743912 
_atom_sites.fract_transf_matrix[3][3]   -0.00525125 
_atom_sites.fract_transf_vector[1]      0.116929 
_atom_sites.fract_transf_vector[2]      0.438474 
_atom_sites.fract_transf_vector[3]      0.403738 
# 
loop_
_atom_type.symbol 
C 
N 
O 
S 
# 
loop_
_atom_site.group_PDB 
_atom_site.id 
_atom_site.type_symbol 
_atom_site.label_atom_id 
_atom_site.label_alt_id 
_atom_site.label_comp_id 
_atom_site.label_asym_id 
_atom_site.label_entity_id 
_atom_site.label_seq_id 
_atom_site.pdbx_PDB_ins_code 
_atom_site.Cartn_x 
_atom_site.Cartn_y 
_atom_site.Cartn_z 
_atom_site.occupancy 
_atom_site.B_iso_or_equiv 
_atom_site.pdbx_formal_charge 
_atom_site.auth_seq_id 
_atom_site.auth_comp_id 
_atom_site.auth_asym_id 
_atom_site.auth_atom_id 
_atom_site.pdbx_PDB_model_num 
ATOM 1    N N   . MET A 1 1   ? -0.794  -27.676 -10.387 1.00 37.86 ? 1   MET A N   1 
ATOM 2    C CA  . MET A 1 1   ? -1.822  -27.128 -11.334 1.00 37.94 ? 1   MET A CA  1 
ATOM 3    C C   . MET A 1 1   ? -1.766  -25.579 -11.441 1.00 37.41 ? 1   MET A C   1 
ATOM 4    O O   . MET A 1 1   ? -1.243  -24.895 -10.539 1.00 35.69 ? 1   MET A O   1 
ATOM 5    C CB  . MET A 1 1   ? -3.227  -27.598 -10.917 1.00 39.59 ? 1   MET A CB  1 
ATOM 6    C CG  . MET A 1 1   ? -3.815  -26.880 -9.684  1.00 41.51 ? 1   MET A CG  1 
ATOM 7    S SD  . MET A 1 1   ? -5.252  -25.781 -10.080 1.00 42.91 ? 1   MET A SD  1 
ATOM 8    C CE  . MET A 1 1   ? -4.487  -24.087 -10.046 1.00 38.12 ? 1   MET A CE  1 
ATOM 9    N N   . SER A 1 2   ? -2.320  -25.035 -12.535 1.00 35.85 ? 2   SER A N   1 
ATOM 10   C CA  . SER A 1 2   ? -2.326  -23.589 -12.757 1.00 31.02 ? 2   SER A CA  1 
ATOM 11   C C   . SER A 1 2   ? -3.579  -22.940 -13.376 1.00 28.50 ? 2   SER A C   1 
ATOM 12   O O   . SER A 1 2   ? -3.837  -22.995 -14.588 1.00 26.54 ? 2   SER A O   1 
ATOM 13   C CB  . SER A 1 2   ? -1.082  -23.179 -13.535 1.00 31.73 ? 2   SER A CB  1 
ATOM 14   O OG  . SER A 1 2   ? -1.184  -21.835 -13.944 1.00 32.65 ? 2   SER A OG  1 
ATOM 15   N N   . THR A 1 3   ? -4.306  -22.262 -12.497 1.00 25.63 ? 3   THR A N   1 
ATOM 16   C CA  . THR A 1 3   ? -5.524  -21.509 -12.782 1.00 21.27 ? 3   THR A CA  1 
ATOM 17   C C   . THR A 1 3   ? -5.074  -20.190 -13.462 1.00 22.10 ? 3   THR A C   1 
ATOM 18   O O   . THR A 1 3   ? -3.881  -19.880 -13.466 1.00 22.50 ? 3   THR A O   1 
ATOM 19   C CB  . THR A 1 3   ? -6.212  -21.264 -11.417 1.00 18.27 ? 3   THR A CB  1 
ATOM 20   O OG1 . THR A 1 3   ? -7.431  -22.001 -11.349 1.00 16.22 ? 3   THR A OG1 1 
ATOM 21   C CG2 . THR A 1 3   ? -6.444  -19.810 -11.139 1.00 20.12 ? 3   THR A CG2 1 
ATOM 22   N N   . PRO A 1 4   ? -5.991  -19.439 -14.116 1.00 20.49 ? 4   PRO A N   1 
ATOM 23   C CA  . PRO A 1 4   ? -5.514  -18.193 -14.744 1.00 17.55 ? 4   PRO A CA  1 
ATOM 24   C C   . PRO A 1 4   ? -5.036  -17.110 -13.762 1.00 14.19 ? 4   PRO A C   1 
ATOM 25   O O   . PRO A 1 4   ? -4.079  -16.391 -14.044 1.00 13.78 ? 4   PRO A O   1 
ATOM 26   C CB  . PRO A 1 4   ? -6.696  -17.754 -15.611 1.00 15.77 ? 4   PRO A CB  1 
ATOM 27   C CG  . PRO A 1 4   ? -7.866  -18.384 -14.965 1.00 20.08 ? 4   PRO A CG  1 
ATOM 28   C CD  . PRO A 1 4   ? -7.366  -19.738 -14.548 1.00 20.32 ? 4   PRO A CD  1 
ATOM 29   N N   . ALA A 1 5   ? -5.673  -17.018 -12.601 1.00 11.58 ? 5   ALA A N   1 
ATOM 30   C CA  . ALA A 1 5   ? -5.259  -16.051 -11.589 1.00 12.21 ? 5   ALA A CA  1 
ATOM 31   C C   . ALA A 1 5   ? -3.916  -16.510 -11.015 1.00 14.11 ? 5   ALA A C   1 
ATOM 32   O O   . ALA A 1 5   ? -2.989  -15.718 -10.906 1.00 15.91 ? 5   ALA A O   1 
ATOM 33   C CB  . ALA A 1 5   ? -6.301  -15.941 -10.483 1.00 10.20 ? 5   ALA A CB  1 
ATOM 34   N N   . ARG A 1 6   ? -3.813  -17.804 -10.700 1.00 16.16 ? 6   ARG A N   1 
ATOM 35   C CA  . ARG A 1 6   ? -2.602  -18.425 -10.155 1.00 16.76 ? 6   ARG A CA  1 
ATOM 36   C C   . ARG A 1 6   ? -1.398  -18.213 -11.070 1.00 17.56 ? 6   ARG A C   1 
ATOM 37   O O   . ARG A 1 6   ? -0.300  -17.872 -10.617 1.00 17.61 ? 6   ARG A O   1 
ATOM 38   C CB  . ARG A 1 6   ? -2.831  -19.923 -10.027 1.00 19.97 ? 6   ARG A CB  1 
ATOM 39   C CG  . ARG A 1 6   ? -1.781  -20.686 -9.236  1.00 24.07 ? 6   ARG A CG  1 
ATOM 40   C CD  . ARG A 1 6   ? -2.475  -21.508 -8.147  1.00 28.55 ? 6   ARG A CD  1 
ATOM 41   N NE  . ARG A 1 6   ? -3.919  -21.254 -8.156  1.00 30.50 ? 6   ARG A NE  1 
ATOM 42   C CZ  . ARG A 1 6   ? -4.670  -21.051 -7.078  1.00 30.91 ? 6   ARG A CZ  1 
ATOM 43   N NH1 . ARG A 1 6   ? -4.137  -21.081 -5.858  1.00 31.45 ? 6   ARG A NH1 1 
ATOM 44   N NH2 . ARG A 1 6   ? -5.968  -20.826 -7.231  1.00 30.03 ? 6   ARG A NH2 1 
ATOM 45   N N   . LYS A 1 7   ? -1.621  -18.471 -12.355 1.00 15.46 ? 7   LYS A N   1 
ATOM 46   C CA  . LYS A 1 7   ? -0.617  -18.333 -13.398 1.00 15.51 ? 7   LYS A CA  1 
ATOM 47   C C   . LYS A 1 7   ? -0.100  -16.888 -13.415 1.00 16.23 ? 7   LYS A C   1 
ATOM 48   O O   . LYS A 1 7   ? 1.106   -16.644 -13.483 1.00 16.58 ? 7   LYS A O   1 
ATOM 49   C CB  . LYS A 1 7   ? -1.267  -18.702 -14.741 1.00 16.12 ? 7   LYS A CB  1 
ATOM 50   C CG  . LYS A 1 7   ? -0.338  -18.849 -15.935 1.00 18.79 ? 7   LYS A CG  1 
ATOM 51   C CD  . LYS A 1 7   ? -1.166  -19.122 -17.200 1.00 20.70 ? 7   LYS A CD  1 
ATOM 52   C CE  . LYS A 1 7   ? -0.301  -19.519 -18.399 1.00 24.27 ? 7   LYS A CE  1 
ATOM 53   N NZ  . LYS A 1 7   ? 0.474   -18.380 -18.992 1.00 25.75 ? 7   LYS A NZ  1 
ATOM 54   N N   . ARG A 1 8   ? -1.028  -15.944 -13.284 1.00 15.70 ? 8   ARG A N   1 
ATOM 55   C CA  . ARG A 1 8   ? -0.732  -14.509 -13.268 1.00 14.97 ? 8   ARG A CA  1 
ATOM 56   C C   . ARG A 1 8   ? 0.065   -14.136 -12.019 1.00 13.46 ? 8   ARG A C   1 
ATOM 57   O O   . ARG A 1 8   ? 1.111   -13.491 -12.103 1.00 12.12 ? 8   ARG A O   1 
ATOM 58   C CB  . ARG A 1 8   ? -2.052  -13.730 -13.271 1.00 16.63 ? 8   ARG A CB  1 
ATOM 59   C CG  . ARG A 1 8   ? -2.000  -12.407 -13.984 1.00 17.80 ? 8   ARG A CG  1 
ATOM 60   C CD  . ARG A 1 8   ? -1.151  -11.400 -13.263 1.00 19.64 ? 8   ARG A CD  1 
ATOM 61   N NE  . ARG A 1 8   ? -0.714  -10.370 -14.188 1.00 22.05 ? 8   ARG A NE  1 
ATOM 62   C CZ  . ARG A 1 8   ? -1.095  -9.101  -14.123 1.00 23.77 ? 8   ARG A CZ  1 
ATOM 63   N NH1 . ARG A 1 8   ? -1.879  -8.689  -13.144 1.00 25.38 ? 8   ARG A NH1 1 
ATOM 64   N NH2 . ARG A 1 8   ? -0.657  -8.232  -15.019 1.00 29.34 ? 8   ARG A NH2 1 
ATOM 65   N N   . LEU A 1 9   ? -0.464  -14.542 -10.869 1.00 12.09 ? 9   LEU A N   1 
ATOM 66   C CA  . LEU A 1 9   ? 0.144   -14.282 -9.574  1.00 15.12 ? 9   LEU A CA  1 
ATOM 67   C C   . LEU A 1 9   ? 1.582   -14.786 -9.437  1.00 15.77 ? 9   LEU A C   1 
ATOM 68   O O   . LEU A 1 9   ? 2.361   -14.242 -8.657  1.00 18.89 ? 9   LEU A O   1 
ATOM 69   C CB  . LEU A 1 9   ? -0.739  -14.854 -8.466  1.00 13.42 ? 9   LEU A CB  1 
ATOM 70   C CG  . LEU A 1 9   ? -1.887  -13.942 -8.045  1.00 14.71 ? 9   LEU A CG  1 
ATOM 71   C CD1 . LEU A 1 9   ? -2.898  -14.707 -7.214  1.00 12.38 ? 9   LEU A CD1 1 
ATOM 72   C CD2 . LEU A 1 9   ? -1.331  -12.757 -7.273  1.00 12.27 ? 9   LEU A CD2 1 
ATOM 73   N N   . MET A 1 10  ? 1.923   -15.828 -10.188 1.00 17.48 ? 10  MET A N   1 
ATOM 74   C CA  . MET A 1 10  ? 3.275   -16.401 -10.190 1.00 18.10 ? 10  MET A CA  1 
ATOM 75   C C   . MET A 1 10  ? 4.220   -15.515 -11.018 1.00 17.65 ? 10  MET A C   1 
ATOM 76   O O   . MET A 1 10  ? 5.422   -15.435 -10.740 1.00 14.62 ? 10  MET A O   1 
ATOM 77   C CB  . MET A 1 10  ? 3.240   -17.810 -10.793 1.00 19.26 ? 10  MET A CB  1 
ATOM 78   C CG  . MET A 1 10  ? 2.801   -18.897 -9.834  1.00 21.23 ? 10  MET A CG  1 
ATOM 79   S SD  . MET A 1 10  ? 4.144   -19.353 -8.692  1.00 25.75 ? 10  MET A SD  1 
ATOM 80   C CE  . MET A 1 10  ? 5.605   -19.313 -9.792  1.00 21.70 ? 10  MET A CE  1 
ATOM 81   N N   . ARG A 1 11  ? 3.673   -14.903 -12.071 1.00 19.09 ? 11  ARG A N   1 
ATOM 82   C CA  . ARG A 1 11  ? 4.450   -14.011 -12.931 1.00 20.27 ? 11  ARG A CA  1 
ATOM 83   C C   . ARG A 1 11  ? 4.687   -12.713 -12.151 1.00 20.12 ? 11  ARG A C   1 
ATOM 84   O O   . ARG A 1 11  ? 5.802   -12.174 -12.117 1.00 19.85 ? 11  ARG A O   1 
ATOM 85   C CB  . ARG A 1 11  ? 3.709   -13.753 -14.247 1.00 21.57 ? 11  ARG A CB  1 
ATOM 86   C CG  . ARG A 1 11  ? 4.405   -12.768 -15.170 1.00 26.76 ? 11  ARG A CG  1 
ATOM 87   C CD  . ARG A 1 11  ? 4.042   -13.026 -16.642 1.00 34.26 ? 11  ARG A CD  1 
ATOM 88   N NE  . ARG A 1 11  ? 4.729   -12.126 -17.577 1.00 36.69 ? 11  ARG A NE  1 
ATOM 89   C CZ  . ARG A 1 11  ? 4.441   -10.832 -17.722 1.00 39.56 ? 11  ARG A CZ  1 
ATOM 90   N NH1 . ARG A 1 11  ? 3.465   -10.270 -16.997 1.00 38.62 ? 11  ARG A NH1 1 
ATOM 91   N NH2 . ARG A 1 11  ? 5.149   -10.089 -18.570 1.00 37.56 ? 11  ARG A NH2 1 
ATOM 92   N N   . ASP A 1 12  ? 3.641   -12.272 -11.456 1.00 19.06 ? 12  ASP A N   1 
ATOM 93   C CA  . ASP A 1 12  ? 3.693   -11.074 -10.632 1.00 17.08 ? 12  ASP A CA  1 
ATOM 94   C C   . ASP A 1 12  ? 4.733   -11.204 -9.533  1.00 16.38 ? 12  ASP A C   1 
ATOM 95   O O   . ASP A 1 12  ? 5.404   -10.234 -9.195  1.00 16.23 ? 12  ASP A O   1 
ATOM 96   C CB  . ASP A 1 12  ? 2.325   -10.811 -10.019 1.00 15.63 ? 12  ASP A CB  1 
ATOM 97   C CG  . ASP A 1 12  ? 1.357   -10.197 -11.005 1.00 18.08 ? 12  ASP A CG  1 
ATOM 98   O OD1 . ASP A 1 12  ? 1.704   -10.054 -12.203 1.00 15.63 ? 12  ASP A OD1 1 
ATOM 99   O OD2 . ASP A 1 12  ? 0.243   -9.844  -10.568 1.00 18.12 ? 12  ASP A OD2 1 
ATOM 100  N N   . PHE A 1 13  ? 4.850   -12.406 -8.976  1.00 17.18 ? 13  PHE A N   1 
ATOM 101  C CA  . PHE A 1 13  ? 5.814   -12.690 -7.922  1.00 16.98 ? 13  PHE A CA  1 
ATOM 102  C C   . PHE A 1 13  ? 7.254   -12.595 -8.434  1.00 16.48 ? 13  PHE A C   1 
ATOM 103  O O   . PHE A 1 13  ? 8.083   -11.932 -7.826  1.00 17.95 ? 13  PHE A O   1 
ATOM 104  C CB  . PHE A 1 13  ? 5.566   -14.079 -7.322  1.00 18.55 ? 13  PHE A CB  1 
ATOM 105  C CG  . PHE A 1 13  ? 6.602   -14.493 -6.325  1.00 17.83 ? 13  PHE A CG  1 
ATOM 106  C CD1 . PHE A 1 13  ? 6.800   -13.752 -5.171  1.00 17.10 ? 13  PHE A CD1 1 
ATOM 107  C CD2 . PHE A 1 13  ? 7.412   -15.595 -6.563  1.00 20.74 ? 13  PHE A CD2 1 
ATOM 108  C CE1 . PHE A 1 13  ? 7.794   -14.101 -4.261  1.00 20.70 ? 13  PHE A CE1 1 
ATOM 109  C CE2 . PHE A 1 13  ? 8.417   -15.957 -5.658  1.00 21.33 ? 13  PHE A CE2 1 
ATOM 110  C CZ  . PHE A 1 13  ? 8.608   -15.204 -4.503  1.00 21.18 ? 13  PHE A CZ  1 
ATOM 111  N N   . LYS A 1 14  ? 7.544   -13.247 -9.552  1.00 16.65 ? 14  LYS A N   1 
ATOM 112  C CA  . LYS A 1 14  ? 8.895   -13.220 -10.114 1.00 19.10 ? 14  LYS A CA  1 
ATOM 113  C C   . LYS A 1 14  ? 9.373   -11.808 -10.498 1.00 21.04 ? 14  LYS A C   1 
ATOM 114  O O   . LYS A 1 14  ? 10.538  -11.453 -10.260 1.00 21.65 ? 14  LYS A O   1 
ATOM 115  C CB  . LYS A 1 14  ? 8.989   -14.128 -11.344 1.00 17.65 ? 14  LYS A CB  1 
ATOM 116  C CG  . LYS A 1 14  ? 8.571   -15.568 -11.133 1.00 17.31 ? 14  LYS A CG  1 
ATOM 117  C CD  . LYS A 1 14  ? 8.753   -16.294 -12.440 1.00 18.79 ? 14  LYS A CD  1 
ATOM 118  C CE  . LYS A 1 14  ? 8.265   -17.709 -12.399 1.00 20.70 ? 14  LYS A CE  1 
ATOM 119  N NZ  . LYS A 1 14  ? 8.572   -18.340 -13.711 1.00 22.88 ? 14  LYS A NZ  1 
ATOM 120  N N   . ARG A 1 15  ? 8.478   -11.015 -11.094 1.00 21.22 ? 15  ARG A N   1 
ATOM 121  C CA  . ARG A 1 15  ? 8.810   -9.659  -11.523 1.00 23.66 ? 15  ARG A CA  1 
ATOM 122  C C   . ARG A 1 15  ? 8.984   -8.638  -10.405 1.00 23.18 ? 15  ARG A C   1 
ATOM 123  O O   . ARG A 1 15  ? 9.634   -7.607  -10.590 1.00 24.05 ? 15  ARG A O   1 
ATOM 124  C CB  . ARG A 1 15  ? 7.817   -9.168  -12.574 1.00 25.98 ? 15  ARG A CB  1 
ATOM 125  C CG  . ARG A 1 15  ? 8.142   -9.721  -13.965 1.00 33.86 ? 15  ARG A CG  1 
ATOM 126  C CD  . ARG A 1 15  ? 7.177   -9.252  -15.039 1.00 38.16 ? 15  ARG A CD  1 
ATOM 127  N NE  . ARG A 1 15  ? 5.802   -9.604  -14.695 1.00 43.01 ? 15  ARG A NE  1 
ATOM 128  C CZ  . ARG A 1 15  ? 4.866   -8.713  -14.382 1.00 45.22 ? 15  ARG A CZ  1 
ATOM 129  N NH1 . ARG A 1 15  ? 5.159   -7.411  -14.407 1.00 46.28 ? 15  ARG A NH1 1 
ATOM 130  N NH2 . ARG A 1 15  ? 3.635   -9.120  -14.070 1.00 46.63 ? 15  ARG A NH2 1 
ATOM 131  N N   . LEU A 1 16  ? 8.374   -8.909  -9.260  1.00 21.80 ? 16  LEU A N   1 
ATOM 132  C CA  . LEU A 1 16  ? 8.507   -8.047  -8.093  1.00 20.82 ? 16  LEU A CA  1 
ATOM 133  C C   . LEU A 1 16  ? 9.914   -8.373  -7.558  1.00 21.39 ? 16  LEU A C   1 
ATOM 134  O O   . LEU A 1 16  ? 10.672  -7.489  -7.158  1.00 21.55 ? 16  LEU A O   1 
ATOM 135  C CB  . LEU A 1 16  ? 7.456   -8.428  -7.040  1.00 20.07 ? 16  LEU A CB  1 
ATOM 136  C CG  . LEU A 1 16  ? 6.990   -7.443  -5.960  1.00 20.27 ? 16  LEU A CG  1 
ATOM 137  C CD1 . LEU A 1 16  ? 6.224   -8.224  -4.912  1.00 18.78 ? 16  LEU A CD1 1 
ATOM 138  C CD2 . LEU A 1 16  ? 8.156   -6.713  -5.314  1.00 20.89 ? 16  LEU A CD2 1 
ATOM 139  N N   . GLN A 1 17  ? 10.255  -9.657  -7.597  1.00 20.04 ? 17  GLN A N   1 
ATOM 140  C CA  . GLN A 1 17  ? 11.545  -10.133 -7.126  1.00 20.07 ? 17  GLN A CA  1 
ATOM 141  C C   . GLN A 1 17  ? 12.769  -9.725  -7.950  1.00 20.64 ? 17  GLN A C   1 
ATOM 142  O O   . GLN A 1 17  ? 13.786  -9.321  -7.374  1.00 17.58 ? 17  GLN A O   1 
ATOM 143  C CB  . GLN A 1 17  ? 11.531  -11.655 -6.985  1.00 19.74 ? 17  GLN A CB  1 
ATOM 144  C CG  . GLN A 1 17  ? 10.390  -12.197 -6.173  1.00 20.06 ? 17  GLN A CG  1 
ATOM 145  C CD  . GLN A 1 17  ? 10.248  -11.536 -4.818  1.00 23.03 ? 17  GLN A CD  1 
ATOM 146  O OE1 . GLN A 1 17  ? 11.220  -11.413 -4.063  1.00 22.84 ? 17  GLN A OE1 1 
ATOM 147  N NE2 . GLN A 1 17  ? 9.022   -11.112 -4.495  1.00 22.60 ? 17  GLN A NE2 1 
ATOM 148  N N   . GLN A 1 18  ? 12.709  -9.865  -9.277  1.00 20.42 ? 18  GLN A N   1 
ATOM 149  C CA  . GLN A 1 18  ? 13.881  -9.514  -10.080 1.00 23.22 ? 18  GLN A CA  1 
ATOM 150  C C   . GLN A 1 18  ? 14.176  -8.031  -10.242 1.00 23.85 ? 18  GLN A C   1 
ATOM 151  O O   . GLN A 1 18  ? 15.339  -7.631  -10.280 1.00 25.29 ? 18  GLN A O   1 
ATOM 152  C CB  . GLN A 1 18  ? 13.930  -10.248 -11.426 1.00 22.25 ? 18  GLN A CB  1 
ATOM 153  C CG  . GLN A 1 18  ? 12.749  -10.084 -12.342 1.00 22.95 ? 18  GLN A CG  1 
ATOM 154  C CD  . GLN A 1 18  ? 12.904  -10.917 -13.604 1.00 22.51 ? 18  GLN A CD  1 
ATOM 155  O OE1 . GLN A 1 18  ? 13.978  -10.948 -14.200 1.00 24.41 ? 18  GLN A OE1 1 
ATOM 156  N NE2 . GLN A 1 18  ? 11.836  -11.612 -14.007 1.00 21.28 ? 18  GLN A NE2 1 
ATOM 157  N N   . ASP A 1 19  ? 13.132  -7.215  -10.298 1.00 23.40 ? 19  ASP A N   1 
ATOM 158  C CA  . ASP A 1 19  ? 13.293  -5.773  -10.422 1.00 22.49 ? 19  ASP A CA  1 
ATOM 159  C C   . ASP A 1 19  ? 12.397  -5.163  -9.343  1.00 21.79 ? 19  ASP A C   1 
ATOM 160  O O   . ASP A 1 19  ? 11.271  -4.743  -9.617  1.00 22.18 ? 19  ASP A O   1 
ATOM 161  C CB  . ASP A 1 19  ? 12.871  -5.316  -11.822 1.00 25.71 ? 19  ASP A CB  1 
ATOM 162  C CG  . ASP A 1 19  ? 13.292  -3.879  -12.133 1.00 29.36 ? 19  ASP A CG  1 
ATOM 163  O OD1 . ASP A 1 19  ? 14.214  -3.371  -11.455 1.00 30.17 ? 19  ASP A OD1 1 
ATOM 164  O OD2 . ASP A 1 19  ? 12.708  -3.263  -13.065 1.00 29.53 ? 19  ASP A OD2 1 
ATOM 165  N N   . PRO A 1 20  ? 12.860  -5.187  -8.079  1.00 21.46 ? 20  PRO A N   1 
ATOM 166  C CA  . PRO A 1 20  ? 12.081  -4.634  -6.969  1.00 20.16 ? 20  PRO A CA  1 
ATOM 167  C C   . PRO A 1 20  ? 12.199  -3.120  -6.783  1.00 17.79 ? 20  PRO A C   1 
ATOM 168  O O   . PRO A 1 20  ? 13.287  -2.547  -6.860  1.00 19.22 ? 20  PRO A O   1 
ATOM 169  C CB  . PRO A 1 20  ? 12.637  -5.396  -5.764  1.00 18.91 ? 20  PRO A CB  1 
ATOM 170  C CG  . PRO A 1 20  ? 14.075  -5.528  -6.108  1.00 20.66 ? 20  PRO A CG  1 
ATOM 171  C CD  . PRO A 1 20  ? 14.049  -5.906  -7.576  1.00 20.81 ? 20  PRO A CD  1 
ATOM 172  N N   . PRO A 1 21  ? 11.066  -2.454  -6.540  1.00 15.42 ? 21  PRO A N   1 
ATOM 173  C CA  . PRO A 1 21  ? 11.065  -1.002  -6.338  1.00 16.64 ? 21  PRO A CA  1 
ATOM 174  C C   . PRO A 1 21  ? 11.760  -0.711  -5.004  1.00 16.04 ? 21  PRO A C   1 
ATOM 175  O O   . PRO A 1 21  ? 11.509  -1.400  -4.025  1.00 19.73 ? 21  PRO A O   1 
ATOM 176  C CB  . PRO A 1 21  ? 9.563   -0.669  -6.253  1.00 16.51 ? 21  PRO A CB  1 
ATOM 177  C CG  . PRO A 1 21  ? 8.868   -1.869  -6.909  1.00 15.61 ? 21  PRO A CG  1 
ATOM 178  C CD  . PRO A 1 21  ? 9.706   -3.012  -6.449  1.00 14.24 ? 21  PRO A CD  1 
ATOM 179  N N   . ALA A 1 22  ? 12.608  0.306   -4.954  1.00 14.90 ? 22  ALA A N   1 
ATOM 180  C CA  . ALA A 1 22  ? 13.322  0.656   -3.726  1.00 14.04 ? 22  ALA A CA  1 
ATOM 181  C C   . ALA A 1 22  ? 12.415  0.761   -2.503  1.00 13.30 ? 22  ALA A C   1 
ATOM 182  O O   . ALA A 1 22  ? 11.413  1.465   -2.528  1.00 16.41 ? 22  ALA A O   1 
ATOM 183  C CB  . ALA A 1 22  ? 14.081  1.962   -3.919  1.00 13.53 ? 22  ALA A CB  1 
ATOM 184  N N   . GLY A 1 23  ? 12.759  0.026   -1.448  1.00 12.97 ? 23  GLY A N   1 
ATOM 185  C CA  . GLY A 1 23  ? 11.991  0.058   -0.213  1.00 12.22 ? 23  GLY A CA  1 
ATOM 186  C C   . GLY A 1 23  ? 10.750  -0.806  -0.177  1.00 10.96 ? 23  GLY A C   1 
ATOM 187  O O   . GLY A 1 23  ? 9.998   -0.773  0.788   1.00 12.91 ? 23  GLY A O   1 
ATOM 188  N N   . ILE A 1 24  ? 10.528  -1.584  -1.225  1.00 11.51 ? 24  ILE A N   1 
ATOM 189  C CA  . ILE A 1 24  ? 9.358   -2.453  -1.285  1.00 10.77 ? 24  ILE A CA  1 
ATOM 190  C C   . ILE A 1 24  ? 9.704   -3.936  -1.445  1.00 10.76 ? 24  ILE A C   1 
ATOM 191  O O   . ILE A 1 24  ? 10.498  -4.319  -2.305  1.00 8.91  ? 24  ILE A O   1 
ATOM 192  C CB  . ILE A 1 24  ? 8.414   -2.051  -2.441  1.00 9.68  ? 24  ILE A CB  1 
ATOM 193  C CG1 . ILE A 1 24  ? 7.943   -0.610  -2.254  1.00 12.25 ? 24  ILE A CG1 1 
ATOM 194  C CG2 . ILE A 1 24  ? 7.222   -2.978  -2.477  1.00 9.60  ? 24  ILE A CG2 1 
ATOM 195  C CD1 . ILE A 1 24  ? 7.299   0.004   -3.468  1.00 10.95 ? 24  ILE A CD1 1 
ATOM 196  N N   . SER A 1 25  ? 9.115   -4.759  -0.589  1.00 9.78  ? 25  SER A N   1 
ATOM 197  C CA  . SER A 1 25  ? 9.302   -6.201  -0.645  1.00 12.89 ? 25  SER A CA  1 
ATOM 198  C C   . SER A 1 25  ? 7.919   -6.819  -0.462  1.00 11.84 ? 25  SER A C   1 
ATOM 199  O O   . SER A 1 25  ? 7.057   -6.234  0.189   1.00 14.19 ? 25  SER A O   1 
ATOM 200  C CB  . SER A 1 25  ? 10.273  -6.689  0.440   1.00 12.57 ? 25  SER A CB  1 
ATOM 201  O OG  . SER A 1 25  ? 9.773   -6.459  1.745   1.00 14.93 ? 25  SER A OG  1 
ATOM 202  N N   . GLY A 1 26  ? 7.693   -7.963  -1.091  1.00 12.05 ? 26  GLY A N   1 
ATOM 203  C CA  . GLY A 1 26  ? 6.401   -8.618  -0.986  1.00 11.26 ? 26  GLY A CA  1 
ATOM 204  C C   . GLY A 1 26  ? 6.477   -10.103 -1.259  1.00 11.90 ? 26  GLY A C   1 
ATOM 205  O O   . GLY A 1 26  ? 7.356   -10.577 -1.995  1.00 9.96  ? 26  GLY A O   1 
ATOM 206  N N   . ALA A 1 27  ? 5.550   -10.848 -0.669  1.00 9.95  ? 27  ALA A N   1 
ATOM 207  C CA  . ALA A 1 27  ? 5.541   -12.280 -0.851  1.00 11.28 ? 27  ALA A CA  1 
ATOM 208  C C   . ALA A 1 27  ? 4.276   -12.920 -0.336  1.00 13.24 ? 27  ALA A C   1 
ATOM 209  O O   . ALA A 1 27  ? 3.663   -12.420 0.607   1.00 11.61 ? 27  ALA A O   1 
ATOM 210  C CB  . ALA A 1 27  ? 6.740   -12.890 -0.141  1.00 9.00  ? 27  ALA A CB  1 
ATOM 211  N N   . PRO A 1 28  ? 3.857   -14.031 -0.978  1.00 16.06 ? 28  PRO A N   1 
ATOM 212  C CA  . PRO A 1 28  ? 2.671   -14.840 -0.656  1.00 19.84 ? 28  PRO A CA  1 
ATOM 213  C C   . PRO A 1 28  ? 3.067   -15.862 0.407   1.00 22.08 ? 28  PRO A C   1 
ATOM 214  O O   . PRO A 1 28  ? 4.248   -16.166 0.523   1.00 24.42 ? 28  PRO A O   1 
ATOM 215  C CB  . PRO A 1 28  ? 2.395   -15.557 -1.975  1.00 20.15 ? 28  PRO A CB  1 
ATOM 216  C CG  . PRO A 1 28  ? 3.770   -15.808 -2.499  1.00 17.75 ? 28  PRO A CG  1 
ATOM 217  C CD  . PRO A 1 28  ? 4.444   -14.467 -2.262  1.00 15.93 ? 28  PRO A CD  1 
ATOM 218  N N   . GLN A 1 29  ? 2.121   -16.383 1.192   1.00 26.76 ? 29  GLN A N   1 
ATOM 219  C CA  . GLN A 1 29  ? 2.478   -17.412 2.193   1.00 29.56 ? 29  GLN A CA  1 
ATOM 220  C C   . GLN A 1 29  ? 2.742   -18.717 1.422   1.00 30.70 ? 29  GLN A C   1 
ATOM 221  O O   . GLN A 1 29  ? 1.991   -19.060 0.497   1.00 29.79 ? 29  GLN A O   1 
ATOM 222  C CB  . GLN A 1 29  ? 1.355   -17.657 3.213   1.00 29.23 ? 29  GLN A CB  1 
ATOM 223  C CG  . GLN A 1 29  ? 0.357   -16.525 3.394   1.00 31.29 ? 29  GLN A CG  1 
ATOM 224  C CD  . GLN A 1 29  ? 0.979   -15.260 3.952   1.00 31.13 ? 29  GLN A CD  1 
ATOM 225  O OE1 . GLN A 1 29  ? 1.946   -14.719 3.393   1.00 30.61 ? 29  GLN A OE1 1 
ATOM 226  N NE2 . GLN A 1 29  ? 0.404   -14.761 5.049   1.00 32.32 ? 29  GLN A NE2 1 
ATOM 227  N N   . ASP A 1 30  ? 3.799   -19.441 1.795   1.00 31.54 ? 30  ASP A N   1 
ATOM 228  C CA  . ASP A 1 30  ? 4.148   -20.698 1.111   1.00 34.26 ? 30  ASP A CA  1 
ATOM 229  C C   . ASP A 1 30  ? 2.940   -21.640 1.068   1.00 34.54 ? 30  ASP A C   1 
ATOM 230  O O   . ASP A 1 30  ? 2.883   -22.590 0.281   1.00 34.84 ? 30  ASP A O   1 
ATOM 231  C CB  . ASP A 1 30  ? 5.333   -21.388 1.823   1.00 35.49 ? 30  ASP A CB  1 
ATOM 232  C CG  . ASP A 1 30  ? 6.611   -21.442 0.955   1.00 39.31 ? 30  ASP A CG  1 
ATOM 233  O OD1 . ASP A 1 30  ? 6.721   -20.665 -0.031  1.00 40.42 ? 30  ASP A OD1 1 
ATOM 234  O OD2 . ASP A 1 30  ? 7.518   -22.272 1.256   1.00 39.12 ? 30  ASP A OD2 1 
ATOM 235  N N   . ASN A 1 31  ? 1.950   -21.310 1.886   1.00 35.31 ? 31  ASN A N   1 
ATOM 236  C CA  . ASN A 1 31  ? 0.720   -22.086 2.035   1.00 36.32 ? 31  ASN A CA  1 
ATOM 237  C C   . ASN A 1 31  ? -0.522  -21.482 1.348   1.00 35.59 ? 31  ASN A C   1 
ATOM 238  O O   . ASN A 1 31  ? -1.622  -22.035 1.474   1.00 34.49 ? 31  ASN A O   1 
ATOM 239  C CB  . ASN A 1 31  ? 0.454   -22.244 3.536   1.00 38.39 ? 31  ASN A CB  1 
ATOM 240  C CG  . ASN A 1 31  ? 1.030   -21.075 4.350   1.00 40.29 ? 31  ASN A CG  1 
ATOM 241  O OD1 . ASN A 1 31  ? 2.255   -20.855 4.368   1.00 40.88 ? 31  ASN A OD1 1 
ATOM 242  N ND2 . ASN A 1 31  ? 0.151   -20.293 4.973   1.00 42.54 ? 31  ASN A ND2 1 
ATOM 243  N N   . ASN A 1 32  ? -0.351  -20.355 0.642   1.00 31.81 ? 32  ASN A N   1 
ATOM 244  C CA  . ASN A 1 32  ? -1.468  -19.683 -0.020  1.00 28.17 ? 32  ASN A CA  1 
ATOM 245  C C   . ASN A 1 32  ? -0.966  -18.556 -0.920  1.00 27.05 ? 32  ASN A C   1 
ATOM 246  O O   . ASN A 1 32  ? -0.643  -17.450 -0.469  1.00 24.67 ? 32  ASN A O   1 
ATOM 247  C CB  . ASN A 1 32  ? -2.458  -19.138 1.025   1.00 28.30 ? 32  ASN A CB  1 
ATOM 248  C CG  . ASN A 1 32  ? -3.833  -18.800 0.436   1.00 28.96 ? 32  ASN A CG  1 
ATOM 249  O OD1 . ASN A 1 32  ? -4.701  -18.283 1.141   1.00 28.98 ? 32  ASN A OD1 1 
ATOM 250  N ND2 . ASN A 1 32  ? -4.038  -19.100 -0.850  1.00 29.03 ? 32  ASN A ND2 1 
ATOM 251  N N   . ILE A 1 33  ? -0.928  -18.867 -2.211  1.00 24.84 ? 33  ILE A N   1 
ATOM 252  C CA  . ILE A 1 33  ? -0.489  -17.953 -3.255  1.00 22.53 ? 33  ILE A CA  1 
ATOM 253  C C   . ILE A 1 33  ? -1.456  -16.772 -3.380  1.00 22.96 ? 33  ILE A C   1 
ATOM 254  O O   . ILE A 1 33  ? -1.150  -15.776 -4.029  1.00 23.27 ? 33  ILE A O   1 
ATOM 255  C CB  . ILE A 1 33  ? -0.454  -18.702 -4.608  1.00 21.18 ? 33  ILE A CB  1 
ATOM 256  C CG1 . ILE A 1 33  ? 0.453   -17.982 -5.598  1.00 19.35 ? 33  ILE A CG1 1 
ATOM 257  C CG2 . ILE A 1 33  ? -1.873  -18.880 -5.167  1.00 17.06 ? 33  ILE A CG2 1 
ATOM 258  C CD1 . ILE A 1 33  ? 1.908   -18.142 -5.284  1.00 21.40 ? 33  ILE A CD1 1 
ATOM 259  N N   . MET A 1 34  ? -2.630  -16.916 -2.780  1.00 21.55 ? 34  MET A N   1 
ATOM 260  C CA  . MET A 1 34  ? -3.686  -15.914 -2.831  1.00 20.55 ? 34  MET A CA  1 
ATOM 261  C C   . MET A 1 34  ? -3.647  -14.884 -1.708  1.00 21.62 ? 34  MET A C   1 
ATOM 262  O O   . MET A 1 34  ? -4.411  -13.912 -1.725  1.00 22.13 ? 34  MET A O   1 
ATOM 263  C CB  . MET A 1 34  ? -5.045  -16.622 -2.830  1.00 23.80 ? 34  MET A CB  1 
ATOM 264  C CG  . MET A 1 34  ? -5.233  -17.611 -3.971  1.00 24.05 ? 34  MET A CG  1 
ATOM 265  S SD  . MET A 1 34  ? -5.823  -16.783 -5.453  1.00 24.57 ? 34  MET A SD  1 
ATOM 266  C CE  . MET A 1 34  ? -7.426  -16.395 -4.803  1.00 26.01 ? 34  MET A CE  1 
ATOM 267  N N   . LEU A 1 35  ? -2.826  -15.128 -0.691  1.00 20.17 ? 35  LEU A N   1 
ATOM 268  C CA  . LEU A 1 35  ? -2.721  -14.186 0.412   1.00 19.53 ? 35  LEU A CA  1 
ATOM 269  C C   . LEU A 1 35  ? -1.274  -13.757 0.452   1.00 18.82 ? 35  LEU A C   1 
ATOM 270  O O   . LEU A 1 35  ? -0.384  -14.595 0.575   1.00 19.46 ? 35  LEU A O   1 
ATOM 271  C CB  . LEU A 1 35  ? -3.118  -14.843 1.734   1.00 21.54 ? 35  LEU A CB  1 
ATOM 272  C CG  . LEU A 1 35  ? -3.512  -13.965 2.933   1.00 24.21 ? 35  LEU A CG  1 
ATOM 273  C CD1 . LEU A 1 35  ? -2.404  -12.999 3.324   1.00 25.80 ? 35  LEU A CD1 1 
ATOM 274  C CD2 . LEU A 1 35  ? -4.768  -13.192 2.598   1.00 26.04 ? 35  LEU A CD2 1 
ATOM 275  N N   . TRP A 1 36  ? -1.044  -12.456 0.314   1.00 15.59 ? 36  TRP A N   1 
ATOM 276  C CA  . TRP A 1 36  ? 0.307   -11.909 0.328   1.00 14.71 ? 36  TRP A CA  1 
ATOM 277  C C   . TRP A 1 36  ? 0.530   -10.950 1.482   1.00 14.94 ? 36  TRP A C   1 
ATOM 278  O O   . TRP A 1 36  ? -0.408  -10.532 2.144   1.00 16.81 ? 36  TRP A O   1 
ATOM 279  C CB  . TRP A 1 36  ? 0.594   -11.124 -0.950  1.00 12.51 ? 36  TRP A CB  1 
ATOM 280  C CG  . TRP A 1 36  ? 0.788   -11.912 -2.194  1.00 9.92  ? 36  TRP A CG  1 
ATOM 281  C CD1 . TRP A 1 36  ? 0.068   -12.989 -2.607  1.00 9.94  ? 36  TRP A CD1 1 
ATOM 282  C CD2 . TRP A 1 36  ? 1.719   -11.623 -3.243  1.00 7.26  ? 36  TRP A CD2 1 
ATOM 283  N NE1 . TRP A 1 36  ? 0.486   -13.385 -3.855  1.00 10.77 ? 36  TRP A NE1 1 
ATOM 284  C CE2 . TRP A 1 36  ? 1.500   -12.563 -4.267  1.00 6.57  ? 36  TRP A CE2 1 
ATOM 285  C CE3 . TRP A 1 36  ? 2.718   -10.659 -3.414  1.00 6.48  ? 36  TRP A CE3 1 
ATOM 286  C CZ2 . TRP A 1 36  ? 2.233   -12.566 -5.451  1.00 6.57  ? 36  TRP A CZ2 1 
ATOM 287  C CZ3 . TRP A 1 36  ? 3.449   -10.662 -4.588  1.00 5.19  ? 36  TRP A CZ3 1 
ATOM 288  C CH2 . TRP A 1 36  ? 3.203   -11.612 -5.590  1.00 7.73  ? 36  TRP A CH2 1 
ATOM 289  N N   . ASN A 1 37  ? 1.793   -10.640 1.734   1.00 13.58 ? 37  ASN A N   1 
ATOM 290  C CA  . ASN A 1 37  ? 2.166   -9.677  2.752   1.00 14.28 ? 37  ASN A CA  1 
ATOM 291  C C   . ASN A 1 37  ? 3.263   -8.887  2.102   1.00 12.65 ? 37  ASN A C   1 
ATOM 292  O O   . ASN A 1 37  ? 3.927   -9.384  1.203   1.00 15.13 ? 37  ASN A O   1 
ATOM 293  C CB  . ASN A 1 37  ? 2.659   -10.337 4.038   1.00 18.74 ? 37  ASN A CB  1 
ATOM 294  C CG  . ASN A 1 37  ? 1.522   -10.706 4.968   1.00 22.37 ? 37  ASN A CG  1 
ATOM 295  O OD1 . ASN A 1 37  ? 1.013   -11.826 4.914   1.00 27.31 ? 37  ASN A OD1 1 
ATOM 296  N ND2 . ASN A 1 37  ? 1.092   -9.757  5.809   1.00 22.44 ? 37  ASN A ND2 1 
ATOM 297  N N   . ALA A 1 38  ? 3.404   -7.632  2.488   1.00 12.07 ? 38  ALA A N   1 
ATOM 298  C CA  . ALA A 1 38  ? 4.432   -6.796  1.908   1.00 12.56 ? 38  ALA A CA  1 
ATOM 299  C C   . ALA A 1 38  ? 4.869   -5.757  2.894   1.00 13.44 ? 38  ALA A C   1 
ATOM 300  O O   . ALA A 1 38  ? 4.188   -5.481  3.881   1.00 12.80 ? 38  ALA A O   1 
ATOM 301  C CB  . ALA A 1 38  ? 3.931   -6.133  0.648   1.00 12.66 ? 38  ALA A CB  1 
ATOM 302  N N   . VAL A 1 39  ? 6.026   -5.180  2.624   1.00 15.11 ? 39  VAL A N   1 
ATOM 303  C CA  . VAL A 1 39  ? 6.562   -4.148  3.490   1.00 17.13 ? 39  VAL A CA  1 
ATOM 304  C C   . VAL A 1 39  ? 6.999   -2.982  2.643   1.00 15.56 ? 39  VAL A C   1 
ATOM 305  O O   . VAL A 1 39  ? 7.652   -3.162  1.621   1.00 16.28 ? 39  VAL A O   1 
ATOM 306  C CB  . VAL A 1 39  ? 7.785   -4.630  4.296   1.00 16.88 ? 39  VAL A CB  1 
ATOM 307  C CG1 . VAL A 1 39  ? 8.217   -3.530  5.270   1.00 20.04 ? 39  VAL A CG1 1 
ATOM 308  C CG2 . VAL A 1 39  ? 7.467   -5.910  5.049   1.00 16.41 ? 39  VAL A CG2 1 
ATOM 309  N N   . ILE A 1 40  ? 6.638   -1.787  3.075   1.00 15.02 ? 40  ILE A N   1 
ATOM 310  C CA  . ILE A 1 40  ? 7.027   -0.602  2.347   1.00 16.17 ? 40  ILE A CA  1 
ATOM 311  C C   . ILE A 1 40  ? 7.752   0.336   3.283   1.00 15.85 ? 40  ILE A C   1 
ATOM 312  O O   . ILE A 1 40  ? 7.332   0.552   4.417   1.00 15.83 ? 40  ILE A O   1 
ATOM 313  C CB  . ILE A 1 40  ? 5.808   0.116   1.701   1.00 17.72 ? 40  ILE A CB  1 
ATOM 314  C CG1 . ILE A 1 40  ? 5.178   -0.780  0.634   1.00 17.83 ? 40  ILE A CG1 1 
ATOM 315  C CG2 . ILE A 1 40  ? 6.238   1.454   1.079   1.00 18.07 ? 40  ILE A CG2 1 
ATOM 316  C CD1 . ILE A 1 40  ? 3.990   -0.164  -0.042  1.00 20.45 ? 40  ILE A CD1 1 
ATOM 317  N N   . PHE A 1 41  ? 8.897   0.820   2.831   1.00 15.70 ? 41  PHE A N   1 
ATOM 318  C CA  . PHE A 1 41  ? 9.661   1.746   3.631   1.00 19.05 ? 41  PHE A CA  1 
ATOM 319  C C   . PHE A 1 41  ? 9.172   3.129   3.314   1.00 18.70 ? 41  PHE A C   1 
ATOM 320  O O   . PHE A 1 41  ? 8.823   3.411   2.165   1.00 19.73 ? 41  PHE A O   1 
ATOM 321  C CB  . PHE A 1 41  ? 11.147  1.664   3.294   1.00 21.55 ? 41  PHE A CB  1 
ATOM 322  C CG  . PHE A 1 41  ? 11.882  0.604   4.050   1.00 22.92 ? 41  PHE A CG  1 
ATOM 323  C CD1 . PHE A 1 41  ? 11.772  -0.741  3.685   1.00 22.97 ? 41  PHE A CD1 1 
ATOM 324  C CD2 . PHE A 1 41  ? 12.715  0.949   5.112   1.00 22.61 ? 41  PHE A CD2 1 
ATOM 325  C CE1 . PHE A 1 41  ? 12.487  -1.727  4.365   1.00 21.91 ? 41  PHE A CE1 1 
ATOM 326  C CE2 . PHE A 1 41  ? 13.432  -0.030  5.797   1.00 24.88 ? 41  PHE A CE2 1 
ATOM 327  C CZ  . PHE A 1 41  ? 13.316  -1.371  5.417   1.00 24.01 ? 41  PHE A CZ  1 
ATOM 328  N N   . GLY A 1 42  ? 9.079   3.971   4.334   1.00 16.57 ? 42  GLY A N   1 
ATOM 329  C CA  . GLY A 1 42  ? 8.686   5.339   4.085   1.00 19.01 ? 42  GLY A CA  1 
ATOM 330  C C   . GLY A 1 42  ? 9.867   5.828   3.271   1.00 19.65 ? 42  GLY A C   1 
ATOM 331  O O   . GLY A 1 42  ? 11.007  5.611   3.685   1.00 20.09 ? 42  GLY A O   1 
ATOM 332  N N   . PRO A 1 43  ? 9.647   6.443   2.101   1.00 20.45 ? 43  PRO A N   1 
ATOM 333  C CA  . PRO A 1 43  ? 10.737  6.939   1.245   1.00 23.34 ? 43  PRO A CA  1 
ATOM 334  C C   . PRO A 1 43  ? 11.727  7.860   1.960   1.00 25.69 ? 43  PRO A C   1 
ATOM 335  O O   . PRO A 1 43  ? 11.415  8.400   3.017   1.00 27.62 ? 43  PRO A O   1 
ATOM 336  C CB  . PRO A 1 43  ? 9.984   7.669   0.133   1.00 22.49 ? 43  PRO A CB  1 
ATOM 337  C CG  . PRO A 1 43  ? 8.710   8.115   0.818   1.00 20.83 ? 43  PRO A CG  1 
ATOM 338  C CD  . PRO A 1 43  ? 8.337   6.899   1.600   1.00 17.65 ? 43  PRO A CD  1 
ATOM 339  N N   . ASP A 1 44  ? 12.918  8.034   1.388   1.00 26.81 ? 44  ASP A N   1 
ATOM 340  C CA  . ASP A 1 44  ? 13.931  8.909   1.990   1.00 29.98 ? 44  ASP A CA  1 
ATOM 341  C C   . ASP A 1 44  ? 13.538  10.370  1.777   1.00 28.61 ? 44  ASP A C   1 
ATOM 342  O O   . ASP A 1 44  ? 12.795  10.689  0.847   1.00 30.55 ? 44  ASP A O   1 
ATOM 343  C CB  . ASP A 1 44  ? 15.320  8.651   1.390   1.00 34.22 ? 44  ASP A CB  1 
ATOM 344  C CG  . ASP A 1 44  ? 15.771  7.174   1.516   1.00 37.95 ? 44  ASP A CG  1 
ATOM 345  O OD1 . ASP A 1 44  ? 15.103  6.373   2.229   1.00 37.12 ? 44  ASP A OD1 1 
ATOM 346  O OD2 . ASP A 1 44  ? 16.813  6.815   0.893   1.00 40.45 ? 44  ASP A OD2 1 
ATOM 347  N N   . ASP A 1 45  ? 14.021  11.244  2.651   1.00 27.82 ? 45  ASP A N   1 
ATOM 348  C CA  . ASP A 1 45  ? 13.736  12.683  2.605   1.00 27.59 ? 45  ASP A CA  1 
ATOM 349  C C   . ASP A 1 45  ? 12.264  13.099  2.587   1.00 25.16 ? 45  ASP A C   1 
ATOM 350  O O   . ASP A 1 45  ? 11.876  13.986  1.844   1.00 25.34 ? 45  ASP A O   1 
ATOM 351  C CB  . ASP A 1 45  ? 14.487  13.396  1.463   1.00 31.05 ? 45  ASP A CB  1 
ATOM 352  C CG  . ASP A 1 45  ? 14.605  14.923  1.698   1.00 34.44 ? 45  ASP A CG  1 
ATOM 353  O OD1 . ASP A 1 45  ? 15.152  15.331  2.753   1.00 34.79 ? 45  ASP A OD1 1 
ATOM 354  O OD2 . ASP A 1 45  ? 14.145  15.717  0.843   1.00 35.18 ? 45  ASP A OD2 1 
ATOM 355  N N   . THR A 1 46  ? 11.450  12.442  3.398   1.00 23.65 ? 46  THR A N   1 
ATOM 356  C CA  . THR A 1 46  ? 10.030  12.777  3.519   1.00 21.14 ? 46  THR A CA  1 
ATOM 357  C C   . THR A 1 46  ? 9.771   12.573  5.004   1.00 20.46 ? 46  THR A C   1 
ATOM 358  O O   . THR A 1 46  ? 10.551  11.898  5.677   1.00 19.45 ? 46  THR A O   1 
ATOM 359  C CB  . THR A 1 46  ? 9.076   11.832  2.683   1.00 20.74 ? 46  THR A CB  1 
ATOM 360  O OG1 . THR A 1 46  ? 8.834   10.603  3.381   1.00 19.16 ? 46  THR A OG1 1 
ATOM 361  C CG2 . THR A 1 46  ? 9.673   11.519  1.335   1.00 17.88 ? 46  THR A CG2 1 
ATOM 362  N N   . PRO A 1 47  ? 8.733   13.205  5.562   1.00 20.62 ? 47  PRO A N   1 
ATOM 363  C CA  . PRO A 1 47  ? 8.537   12.961  6.992   1.00 19.97 ? 47  PRO A CA  1 
ATOM 364  C C   . PRO A 1 47  ? 8.249   11.482  7.295   1.00 20.08 ? 47  PRO A C   1 
ATOM 365  O O   . PRO A 1 47  ? 8.226   11.067  8.461   1.00 22.40 ? 47  PRO A O   1 
ATOM 366  C CB  . PRO A 1 47  ? 7.358   13.885  7.343   1.00 20.65 ? 47  PRO A CB  1 
ATOM 367  C CG  . PRO A 1 47  ? 6.671   14.125  6.021   1.00 19.97 ? 47  PRO A CG  1 
ATOM 368  C CD  . PRO A 1 47  ? 7.827   14.258  5.072   1.00 19.06 ? 47  PRO A CD  1 
ATOM 369  N N   . TRP A 1 48  ? 8.085   10.686  6.237   1.00 19.01 ? 48  TRP A N   1 
ATOM 370  C CA  . TRP A 1 48  ? 7.808   9.257   6.351   1.00 16.17 ? 48  TRP A CA  1 
ATOM 371  C C   . TRP A 1 48  ? 9.103   8.438   6.443   1.00 17.26 ? 48  TRP A C   1 
ATOM 372  O O   . TRP A 1 48  ? 9.066   7.246   6.732   1.00 15.94 ? 48  TRP A O   1 
ATOM 373  C CB  . TRP A 1 48  ? 6.998   8.781   5.137   1.00 15.01 ? 48  TRP A CB  1 
ATOM 374  C CG  . TRP A 1 48  ? 5.618   9.351   5.040   1.00 13.97 ? 48  TRP A CG  1 
ATOM 375  C CD1 . TRP A 1 48  ? 5.226   10.422  4.291   1.00 13.37 ? 48  TRP A CD1 1 
ATOM 376  C CD2 . TRP A 1 48  ? 4.448   8.894   5.733   1.00 12.19 ? 48  TRP A CD2 1 
ATOM 377  N NE1 . TRP A 1 48  ? 3.888   10.666  4.483   1.00 15.47 ? 48  TRP A NE1 1 
ATOM 378  C CE2 . TRP A 1 48  ? 3.387   9.743   5.364   1.00 13.47 ? 48  TRP A CE2 1 
ATOM 379  C CE3 . TRP A 1 48  ? 4.196   7.850   6.634   1.00 10.78 ? 48  TRP A CE3 1 
ATOM 380  C CZ2 . TRP A 1 48  ? 2.089   9.584   5.864   1.00 14.61 ? 48  TRP A CZ2 1 
ATOM 381  C CZ3 . TRP A 1 48  ? 2.912   7.690   7.131   1.00 11.87 ? 48  TRP A CZ3 1 
ATOM 382  C CH2 . TRP A 1 48  ? 1.873   8.551   6.746   1.00 14.52 ? 48  TRP A CH2 1 
ATOM 383  N N   . ASP A 1 49  ? 10.235  9.088   6.187   1.00 16.00 ? 49  ASP A N   1 
ATOM 384  C CA  . ASP A 1 49  ? 11.554  8.452   6.211   1.00 17.05 ? 49  ASP A CA  1 
ATOM 385  C C   . ASP A 1 49  ? 11.845  7.503   7.387   1.00 15.28 ? 49  ASP A C   1 
ATOM 386  O O   . ASP A 1 49  ? 11.722  7.881   8.542   1.00 14.57 ? 49  ASP A O   1 
ATOM 387  C CB  . ASP A 1 49  ? 12.639  9.530   6.138   1.00 16.01 ? 49  ASP A CB  1 
ATOM 388  C CG  . ASP A 1 49  ? 14.041  8.952   6.164   1.00 18.12 ? 49  ASP A CG  1 
ATOM 389  O OD1 . ASP A 1 49  ? 14.526  8.639   7.263   1.00 18.74 ? 49  ASP A OD1 1 
ATOM 390  O OD2 . ASP A 1 49  ? 14.666  8.821   5.092   1.00 19.40 ? 49  ASP A OD2 1 
ATOM 391  N N   . GLY A 1 50  ? 12.266  6.279   7.070   1.00 14.55 ? 50  GLY A N   1 
ATOM 392  C CA  . GLY A 1 50  ? 12.585  5.313   8.107   1.00 14.11 ? 50  GLY A CA  1 
ATOM 393  C C   . GLY A 1 50  ? 11.492  4.360   8.577   1.00 15.21 ? 50  GLY A C   1 
ATOM 394  O O   . GLY A 1 50  ? 11.795  3.381   9.273   1.00 17.45 ? 50  GLY A O   1 
ATOM 395  N N   . GLY A 1 51  ? 10.236  4.638   8.231   1.00 12.21 ? 51  GLY A N   1 
ATOM 396  C CA  . GLY A 1 51  ? 9.145   3.770   8.637   1.00 10.55 ? 51  GLY A CA  1 
ATOM 397  C C   . GLY A 1 51  ? 9.132   2.444   7.897   1.00 10.34 ? 51  GLY A C   1 
ATOM 398  O O   . GLY A 1 51  ? 9.542   2.358   6.751   1.00 10.91 ? 51  GLY A O   1 
ATOM 399  N N   . THR A 1 52  ? 8.677   1.400   8.569   1.00 10.87 ? 52  THR A N   1 
ATOM 400  C CA  . THR A 1 52  ? 8.614   0.072   7.976   1.00 11.28 ? 52  THR A CA  1 
ATOM 401  C C   . THR A 1 52  ? 7.161   -0.384  8.068   1.00 12.72 ? 52  THR A C   1 
ATOM 402  O O   . THR A 1 52  ? 6.729   -0.974  9.061   1.00 12.39 ? 52  THR A O   1 
ATOM 403  C CB  . THR A 1 52  ? 9.580   -0.931  8.697   1.00 10.61 ? 52  THR A CB  1 
ATOM 404  O OG1 . THR A 1 52  ? 9.353   -0.919  10.114  1.00 8.51  ? 52  THR A OG1 1 
ATOM 405  C CG2 . THR A 1 52  ? 11.025  -0.581  8.412   1.00 9.68  ? 52  THR A CG2 1 
ATOM 406  N N   . PHE A 1 53  ? 6.408   -0.107  7.013   1.00 13.24 ? 53  PHE A N   1 
ATOM 407  C CA  . PHE A 1 53  ? 4.993   -0.429  7.000   1.00 13.74 ? 53  PHE A CA  1 
ATOM 408  C C   . PHE A 1 53  ? 4.605   -1.760  6.409   1.00 13.99 ? 53  PHE A C   1 
ATOM 409  O O   . PHE A 1 53  ? 5.072   -2.144  5.346   1.00 16.41 ? 53  PHE A O   1 
ATOM 410  C CB  . PHE A 1 53  ? 4.229   0.721   6.367   1.00 13.87 ? 53  PHE A CB  1 
ATOM 411  C CG  . PHE A 1 53  ? 4.576   2.050   6.973   1.00 13.40 ? 53  PHE A CG  1 
ATOM 412  C CD1 . PHE A 1 53  ? 4.163   2.359   8.265   1.00 10.03 ? 53  PHE A CD1 1 
ATOM 413  C CD2 . PHE A 1 53  ? 5.369   2.964   6.279   1.00 12.84 ? 53  PHE A CD2 1 
ATOM 414  C CE1 . PHE A 1 53  ? 4.535   3.550   8.859   1.00 11.34 ? 53  PHE A CE1 1 
ATOM 415  C CE2 . PHE A 1 53  ? 5.748   4.157   6.866   1.00 11.84 ? 53  PHE A CE2 1 
ATOM 416  C CZ  . PHE A 1 53  ? 5.330   4.453   8.161   1.00 12.63 ? 53  PHE A CZ  1 
ATOM 417  N N   . LYS A 1 54  ? 3.760   -2.465  7.148   1.00 14.68 ? 54  LYS A N   1 
ATOM 418  C CA  . LYS A 1 54  ? 3.257   -3.785  6.795   1.00 16.04 ? 54  LYS A CA  1 
ATOM 419  C C   . LYS A 1 54  ? 1.948   -3.679  6.018   1.00 15.60 ? 54  LYS A C   1 
ATOM 420  O O   . LYS A 1 54  ? 1.165   -2.758  6.242   1.00 14.54 ? 54  LYS A O   1 
ATOM 421  C CB  . LYS A 1 54  ? 2.970   -4.548  8.089   1.00 17.96 ? 54  LYS A CB  1 
ATOM 422  C CG  . LYS A 1 54  ? 3.409   -5.988  8.124   1.00 22.87 ? 54  LYS A CG  1 
ATOM 423  C CD  . LYS A 1 54  ? 4.870   -6.114  8.573   1.00 26.48 ? 54  LYS A CD  1 
ATOM 424  C CE  . LYS A 1 54  ? 5.093   -7.413  9.341   1.00 25.83 ? 54  LYS A CE  1 
ATOM 425  N NZ  . LYS A 1 54  ? 4.340   -7.421  10.635  1.00 24.47 ? 54  LYS A NZ  1 
ATOM 426  N N   . LEU A 1 55  ? 1.708   -4.635  5.126   1.00 16.67 ? 55  LEU A N   1 
ATOM 427  C CA  . LEU A 1 55  ? 0.476   -4.668  4.345   1.00 16.76 ? 55  LEU A CA  1 
ATOM 428  C C   . LEU A 1 55  ? 0.102   -6.078  4.000   1.00 16.16 ? 55  LEU A C   1 
ATOM 429  O O   . LEU A 1 55  ? 0.954   -6.962  3.941   1.00 15.61 ? 55  LEU A O   1 
ATOM 430  C CB  . LEU A 1 55  ? 0.600   -3.901  3.029   1.00 18.45 ? 55  LEU A CB  1 
ATOM 431  C CG  . LEU A 1 55  ? 0.781   -2.391  3.000   1.00 22.30 ? 55  LEU A CG  1 
ATOM 432  C CD1 . LEU A 1 55  ? 2.243   -2.087  2.710   1.00 22.10 ? 55  LEU A CD1 1 
ATOM 433  C CD2 . LEU A 1 55  ? -0.110  -1.782  1.919   1.00 22.68 ? 55  LEU A CD2 1 
ATOM 434  N N   . SER A 1 56  ? -1.183  -6.269  3.735   1.00 16.67 ? 56  SER A N   1 
ATOM 435  C CA  . SER A 1 56  ? -1.710  -7.566  3.337   1.00 17.70 ? 56  SER A CA  1 
ATOM 436  C C   . SER A 1 56  ? -2.502  -7.385  2.047   1.00 15.64 ? 56  SER A C   1 
ATOM 437  O O   . SER A 1 56  ? -3.294  -6.452  1.912   1.00 14.06 ? 56  SER A O   1 
ATOM 438  C CB  . SER A 1 56  ? -2.595  -8.172  4.427   1.00 19.21 ? 56  SER A CB  1 
ATOM 439  O OG  . SER A 1 56  ? -3.620  -7.273  4.817   1.00 25.24 ? 56  SER A OG  1 
ATOM 440  N N   . LEU A 1 57  ? -2.191  -8.218  1.069   1.00 12.62 ? 57  LEU A N   1 
ATOM 441  C CA  . LEU A 1 57  ? -2.863  -8.183  -0.209  1.00 12.65 ? 57  LEU A CA  1 
ATOM 442  C C   . LEU A 1 57  ? -3.604  -9.494  -0.335  1.00 15.14 ? 57  LEU A C   1 
ATOM 443  O O   . LEU A 1 57  ? -3.025  -10.567 -0.175  1.00 17.52 ? 57  LEU A O   1 
ATOM 444  C CB  . LEU A 1 57  ? -1.856  -8.047  -1.352  1.00 12.40 ? 57  LEU A CB  1 
ATOM 445  C CG  . LEU A 1 57  ? -1.032  -6.757  -1.478  1.00 12.12 ? 57  LEU A CG  1 
ATOM 446  C CD1 . LEU A 1 57  ? 0.052   -6.692  -0.427  1.00 7.19  ? 57  LEU A CD1 1 
ATOM 447  C CD2 . LEU A 1 57  ? -0.417  -6.698  -2.858  1.00 11.88 ? 57  LEU A CD2 1 
ATOM 448  N N   . GLN A 1 58  ? -4.906  -9.413  -0.545  1.00 16.17 ? 58  GLN A N   1 
ATOM 449  C CA  . GLN A 1 58  ? -5.715  -10.609 -0.702  1.00 17.17 ? 58  GLN A CA  1 
ATOM 450  C C   . GLN A 1 58  ? -6.238  -10.639 -2.131  1.00 17.74 ? 58  GLN A C   1 
ATOM 451  O O   . GLN A 1 58  ? -6.865  -9.684  -2.595  1.00 18.72 ? 58  GLN A O   1 
ATOM 452  C CB  . GLN A 1 58  ? -6.869  -10.586 0.289   1.00 20.42 ? 58  GLN A CB  1 
ATOM 453  C CG  . GLN A 1 58  ? -7.850  -11.719 0.155   1.00 25.39 ? 58  GLN A CG  1 
ATOM 454  C CD  . GLN A 1 58  ? -9.183  -11.327 0.733   1.00 30.23 ? 58  GLN A CD  1 
ATOM 455  O OE1 . GLN A 1 58  ? -9.322  -11.180 1.957   1.00 32.40 ? 58  GLN A OE1 1 
ATOM 456  N NE2 . GLN A 1 58  ? -10.174 -11.105 -0.143  1.00 30.66 ? 58  GLN A NE2 1 
ATOM 457  N N   . PHE A 1 59  ? -5.938  -11.722 -2.839  1.00 18.16 ? 59  PHE A N   1 
ATOM 458  C CA  . PHE A 1 59  ? -6.362  -11.876 -4.232  1.00 18.34 ? 59  PHE A CA  1 
ATOM 459  C C   . PHE A 1 59  ? -7.572  -12.802 -4.379  1.00 17.66 ? 59  PHE A C   1 
ATOM 460  O O   . PHE A 1 59  ? -7.964  -13.479 -3.429  1.00 17.13 ? 59  PHE A O   1 
ATOM 461  C CB  . PHE A 1 59  ? -5.182  -12.375 -5.080  1.00 16.76 ? 59  PHE A CB  1 
ATOM 462  C CG  . PHE A 1 59  ? -4.001  -11.434 -5.087  1.00 16.57 ? 59  PHE A CG  1 
ATOM 463  C CD1 . PHE A 1 59  ? -3.049  -11.479 -4.074  1.00 15.42 ? 59  PHE A CD1 1 
ATOM 464  C CD2 . PHE A 1 59  ? -3.863  -10.479 -6.090  1.00 14.27 ? 59  PHE A CD2 1 
ATOM 465  C CE1 . PHE A 1 59  ? -1.981  -10.592 -4.063  1.00 14.16 ? 59  PHE A CE1 1 
ATOM 466  C CE2 . PHE A 1 59  ? -2.801  -9.589  -6.084  1.00 11.98 ? 59  PHE A CE2 1 
ATOM 467  C CZ  . PHE A 1 59  ? -1.860  -9.645  -5.068  1.00 12.46 ? 59  PHE A CZ  1 
ATOM 468  N N   . SER A 1 60  ? -8.187  -12.803 -5.556  1.00 17.69 ? 60  SER A N   1 
ATOM 469  C CA  . SER A 1 60  ? -9.336  -13.672 -5.794  1.00 18.28 ? 60  SER A CA  1 
ATOM 470  C C   . SER A 1 60  ? -9.079  -14.515 -7.033  1.00 18.56 ? 60  SER A C   1 
ATOM 471  O O   . SER A 1 60  ? -8.047  -14.370 -7.698  1.00 15.91 ? 60  SER A O   1 
ATOM 472  C CB  . SER A 1 60  ? -10.632 -12.864 -5.972  1.00 18.04 ? 60  SER A CB  1 
ATOM 473  O OG  . SER A 1 60  ? -10.766 -12.348 -7.282  1.00 19.22 ? 60  SER A OG  1 
ATOM 474  N N   . GLU A 1 61  ? -10.010 -15.417 -7.318  1.00 19.39 ? 61  GLU A N   1 
ATOM 475  C CA  . GLU A 1 61  ? -9.902  -16.275 -8.483  1.00 19.34 ? 61  GLU A CA  1 
ATOM 476  C C   . GLU A 1 61  ? -10.236 -15.509 -9.754  1.00 18.98 ? 61  GLU A C   1 
ATOM 477  O O   . GLU A 1 61  ? -10.233 -16.078 -10.850 1.00 19.16 ? 61  GLU A O   1 
ATOM 478  C CB  . GLU A 1 61  ? -10.827 -17.477 -8.333  1.00 20.36 ? 61  GLU A CB  1 
ATOM 479  C CG  . GLU A 1 61  ? -10.297 -18.536 -7.391  1.00 22.22 ? 61  GLU A CG  1 
ATOM 480  C CD  . GLU A 1 61  ? -9.046  -19.239 -7.910  1.00 21.20 ? 61  GLU A CD  1 
ATOM 481  O OE1 . GLU A 1 61  ? -8.762  -19.218 -9.130  1.00 20.17 ? 61  GLU A OE1 1 
ATOM 482  O OE2 . GLU A 1 61  ? -8.345  -19.839 -7.076  1.00 26.67 ? 61  GLU A OE2 1 
ATOM 483  N N   . ASP A 1 62  ? -10.544 -14.221 -9.599  1.00 17.87 ? 62  ASP A N   1 
ATOM 484  C CA  . ASP A 1 62  ? -10.867 -13.384 -10.747 1.00 20.42 ? 62  ASP A CA  1 
ATOM 485  C C   . ASP A 1 62  ? -9.815  -12.313 -11.042 1.00 19.53 ? 62  ASP A C   1 
ATOM 486  O O   . ASP A 1 62  ? -10.064 -11.357 -11.776 1.00 20.32 ? 62  ASP A O   1 
ATOM 487  C CB  . ASP A 1 62  ? -12.261 -12.773 -10.609 1.00 23.80 ? 62  ASP A CB  1 
ATOM 488  C CG  . ASP A 1 62  ? -12.952 -12.590 -11.955 1.00 27.24 ? 62  ASP A CG  1 
ATOM 489  O OD1 . ASP A 1 62  ? -12.420 -13.090 -12.985 1.00 26.23 ? 62  ASP A OD1 1 
ATOM 490  O OD2 . ASP A 1 62  ? -14.033 -11.946 -11.985 1.00 29.03 ? 62  ASP A OD2 1 
ATOM 491  N N   . TYR A 1 63  ? -8.643  -12.476 -10.444 1.00 17.23 ? 63  TYR A N   1 
ATOM 492  C CA  . TYR A 1 63  ? -7.532  -11.574 -10.672 1.00 16.10 ? 63  TYR A CA  1 
ATOM 493  C C   . TYR A 1 63  ? -7.009  -12.035 -12.032 1.00 15.24 ? 63  TYR A C   1 
ATOM 494  O O   . TYR A 1 63  ? -7.003  -13.228 -12.314 1.00 16.44 ? 63  TYR A O   1 
ATOM 495  C CB  . TYR A 1 63  ? -6.483  -11.790 -9.575  1.00 16.29 ? 63  TYR A CB  1 
ATOM 496  C CG  . TYR A 1 63  ? -5.257  -10.900 -9.667  1.00 14.60 ? 63  TYR A CG  1 
ATOM 497  C CD1 . TYR A 1 63  ? -5.317  -9.550  -9.302  1.00 13.36 ? 63  TYR A CD1 1 
ATOM 498  C CD2 . TYR A 1 63  ? -4.043  -11.410 -10.132 1.00 13.13 ? 63  TYR A CD2 1 
ATOM 499  C CE1 . TYR A 1 63  ? -4.196  -8.736  -9.400  1.00 10.41 ? 63  TYR A CE1 1 
ATOM 500  C CE2 . TYR A 1 63  ? -2.917  -10.608 -10.232 1.00 11.73 ? 63  TYR A CE2 1 
ATOM 501  C CZ  . TYR A 1 63  ? -2.994  -9.272  -9.864  1.00 12.53 ? 63  TYR A CZ  1 
ATOM 502  O OH  . TYR A 1 63  ? -1.870  -8.484  -9.963  1.00 8.99  ? 63  TYR A OH  1 
ATOM 503  N N   . PRO A 1 64  ? -6.524  -11.115 -12.876 1.00 16.00 ? 64  PRO A N   1 
ATOM 504  C CA  . PRO A 1 64  ? -6.386  -9.667  -12.695 1.00 17.09 ? 64  PRO A CA  1 
ATOM 505  C C   . PRO A 1 64  ? -7.548  -8.785  -13.148 1.00 19.03 ? 64  PRO A C   1 
ATOM 506  O O   . PRO A 1 64  ? -7.395  -7.565  -13.220 1.00 20.83 ? 64  PRO A O   1 
ATOM 507  C CB  . PRO A 1 64  ? -5.139  -9.362  -13.500 1.00 13.80 ? 64  PRO A CB  1 
ATOM 508  C CG  . PRO A 1 64  ? -5.340  -10.229 -14.688 1.00 15.03 ? 64  PRO A CG  1 
ATOM 509  C CD  . PRO A 1 64  ? -5.867  -11.541 -14.125 1.00 12.10 ? 64  PRO A CD  1 
ATOM 510  N N   . ASN A 1 65  ? -8.704  -9.359  -13.444 1.00 18.81 ? 65  ASN A N   1 
ATOM 511  C CA  . ASN A 1 65  ? -9.808  -8.520  -13.882 1.00 19.94 ? 65  ASN A CA  1 
ATOM 512  C C   . ASN A 1 65  ? -10.316 -7.723  -12.716 1.00 20.98 ? 65  ASN A C   1 
ATOM 513  O O   . ASN A 1 65  ? -10.730 -6.581  -12.870 1.00 22.73 ? 65  ASN A O   1 
ATOM 514  C CB  . ASN A 1 65  ? -10.907 -9.344  -14.538 1.00 17.56 ? 65  ASN A CB  1 
ATOM 515  C CG  . ASN A 1 65  ? -10.450 -9.954  -15.834 1.00 16.91 ? 65  ASN A CG  1 
ATOM 516  O OD1 . ASN A 1 65  ? -9.769  -9.302  -16.634 1.00 17.40 ? 65  ASN A OD1 1 
ATOM 517  N ND2 . ASN A 1 65  ? -10.773 -11.218 -16.038 1.00 18.61 ? 65  ASN A ND2 1 
ATOM 518  N N   . LYS A 1 66  ? -10.200 -8.309  -11.532 1.00 21.96 ? 66  LYS A N   1 
ATOM 519  C CA  . LYS A 1 66  ? -10.612 -7.646  -10.310 1.00 23.53 ? 66  LYS A CA  1 
ATOM 520  C C   . LYS A 1 66  ? -9.349  -7.474  -9.455  1.00 23.83 ? 66  LYS A C   1 
ATOM 521  O O   . LYS A 1 66  ? -8.556  -8.418  -9.303  1.00 23.42 ? 66  LYS A O   1 
ATOM 522  C CB  . LYS A 1 66  ? -11.677 -8.477  -9.605  1.00 23.84 ? 66  LYS A CB  1 
ATOM 523  C CG  . LYS A 1 66  ? -12.915 -8.729  -10.484 1.00 27.95 ? 66  LYS A CG  1 
ATOM 524  C CD  . LYS A 1 66  ? -13.686 -7.427  -10.757 1.00 31.73 ? 66  LYS A CD  1 
ATOM 525  C CE  . LYS A 1 66  ? -14.917 -7.636  -11.654 1.00 31.68 ? 66  LYS A CE  1 
ATOM 526  N NZ  . LYS A 1 66  ? -14.561 -7.941  -13.082 1.00 31.96 ? 66  LYS A NZ  1 
ATOM 527  N N   . PRO A 1 67  ? -9.118  -6.249  -8.931  1.00 23.06 ? 67  PRO A N   1 
ATOM 528  C CA  . PRO A 1 67  ? -7.962  -5.886  -8.094  1.00 21.50 ? 67  PRO A CA  1 
ATOM 529  C C   . PRO A 1 67  ? -7.969  -6.543  -6.723  1.00 19.76 ? 67  PRO A C   1 
ATOM 530  O O   . PRO A 1 67  ? -9.029  -6.923  -6.212  1.00 19.85 ? 67  PRO A O   1 
ATOM 531  C CB  . PRO A 1 67  ? -8.118  -4.382  -7.949  1.00 21.22 ? 67  PRO A CB  1 
ATOM 532  C CG  . PRO A 1 67  ? -9.598  -4.240  -7.860  1.00 22.00 ? 67  PRO A CG  1 
ATOM 533  C CD  . PRO A 1 67  ? -10.065 -5.123  -8.999  1.00 22.92 ? 67  PRO A CD  1 
ATOM 534  N N   . PRO A 1 68  ? -6.781  -6.668  -6.101  1.00 18.66 ? 68  PRO A N   1 
ATOM 535  C CA  . PRO A 1 68  ? -6.617  -7.273  -4.773  1.00 17.31 ? 68  PRO A CA  1 
ATOM 536  C C   . PRO A 1 68  ? -7.124  -6.358  -3.668  1.00 15.42 ? 68  PRO A C   1 
ATOM 537  O O   . PRO A 1 68  ? -7.200  -5.146  -3.847  1.00 14.02 ? 68  PRO A O   1 
ATOM 538  C CB  . PRO A 1 68  ? -5.106  -7.436  -4.665  1.00 16.41 ? 68  PRO A CB  1 
ATOM 539  C CG  . PRO A 1 68  ? -4.593  -6.269  -5.455  1.00 16.67 ? 68  PRO A CG  1 
ATOM 540  C CD  . PRO A 1 68  ? -5.470  -6.312  -6.676  1.00 16.90 ? 68  PRO A CD  1 
ATOM 541  N N   . THR A 1 69  ? -7.503  -6.947  -2.540  1.00 15.16 ? 69  THR A N   1 
ATOM 542  C CA  . THR A 1 69  ? -7.968  -6.177  -1.400  1.00 14.01 ? 69  THR A CA  1 
ATOM 543  C C   . THR A 1 69  ? -6.720  -5.859  -0.610  1.00 14.91 ? 69  THR A C   1 
ATOM 544  O O   . THR A 1 69  ? -6.150  -6.748  0.010   1.00 15.62 ? 69  THR A O   1 
ATOM 545  C CB  . THR A 1 69  ? -8.901  -7.002  -0.509  1.00 16.96 ? 69  THR A CB  1 
ATOM 546  O OG1 . THR A 1 69  ? -10.025 -7.437  -1.275  1.00 20.69 ? 69  THR A OG1 1 
ATOM 547  C CG2 . THR A 1 69  ? -9.384  -6.181  0.672   1.00 12.12 ? 69  THR A CG2 1 
ATOM 548  N N   . VAL A 1 70  ? -6.266  -4.614  -0.692  1.00 14.49 ? 70  VAL A N   1 
ATOM 549  C CA  . VAL A 1 70  ? -5.070  -4.182  0.020   1.00 14.63 ? 70  VAL A CA  1 
ATOM 550  C C   . VAL A 1 70  ? -5.435  -3.404  1.278   1.00 18.10 ? 70  VAL A C   1 
ATOM 551  O O   . VAL A 1 70  ? -6.380  -2.602  1.283   1.00 18.37 ? 70  VAL A O   1 
ATOM 552  C CB  . VAL A 1 70  ? -4.178  -3.306  -0.855  1.00 12.35 ? 70  VAL A CB  1 
ATOM 553  C CG1 . VAL A 1 70  ? -2.805  -3.204  -0.242  1.00 11.92 ? 70  VAL A CG1 1 
ATOM 554  C CG2 . VAL A 1 70  ? -4.101  -3.859  -2.260  1.00 9.90  ? 70  VAL A CG2 1 
ATOM 555  N N   . ARG A 1 71  ? -4.669  -3.636  2.338   1.00 18.01 ? 71  ARG A N   1 
ATOM 556  C CA  . ARG A 1 71  ? -4.895  -2.975  3.614   1.00 19.26 ? 71  ARG A CA  1 
ATOM 557  C C   . ARG A 1 71  ? -3.630  -2.887  4.453   1.00 19.32 ? 71  ARG A C   1 
ATOM 558  O O   . ARG A 1 71  ? -2.749  -3.741  4.363   1.00 18.41 ? 71  ARG A O   1 
ATOM 559  C CB  . ARG A 1 71  ? -5.955  -3.722  4.415   1.00 20.57 ? 71  ARG A CB  1 
ATOM 560  C CG  . ARG A 1 71  ? -7.378  -3.463  3.971   1.00 26.38 ? 71  ARG A CG  1 
ATOM 561  C CD  . ARG A 1 71  ? -8.330  -4.330  4.755   1.00 28.56 ? 71  ARG A CD  1 
ATOM 562  N NE  . ARG A 1 71  ? -7.966  -4.352  6.169   1.00 29.62 ? 71  ARG A NE  1 
ATOM 563  C CZ  . ARG A 1 71  ? -8.815  -4.636  7.150   1.00 31.86 ? 71  ARG A CZ  1 
ATOM 564  N NH1 . ARG A 1 71  ? -10.079 -4.921  6.863   1.00 32.96 ? 71  ARG A NH1 1 
ATOM 565  N NH2 . ARG A 1 71  ? -8.403  -4.630  8.413   1.00 29.81 ? 71  ARG A NH2 1 
ATOM 566  N N   . PHE A 1 72  ? -3.562  -1.857  5.288   1.00 17.01 ? 72  PHE A N   1 
ATOM 567  C CA  . PHE A 1 72  ? -2.416  -1.675  6.159   1.00 16.80 ? 72  PHE A CA  1 
ATOM 568  C C   . PHE A 1 72  ? -2.615  -2.459  7.429   1.00 17.10 ? 72  PHE A C   1 
ATOM 569  O O   . PHE A 1 72  ? -3.708  -2.468  8.002   1.00 17.66 ? 72  PHE A O   1 
ATOM 570  C CB  . PHE A 1 72  ? -2.193  -0.198  6.485   1.00 16.38 ? 72  PHE A CB  1 
ATOM 571  C CG  . PHE A 1 72  ? -1.365  0.516   5.465   1.00 16.47 ? 72  PHE A CG  1 
ATOM 572  C CD1 . PHE A 1 72  ? 0.024   0.430   5.495   1.00 15.04 ? 72  PHE A CD1 1 
ATOM 573  C CD2 . PHE A 1 72  ? -1.968  1.241   4.448   1.00 15.78 ? 72  PHE A CD2 1 
ATOM 574  C CE1 . PHE A 1 72  ? 0.798   1.055   4.520   1.00 14.41 ? 72  PHE A CE1 1 
ATOM 575  C CE2 . PHE A 1 72  ? -1.207  1.866   3.475   1.00 15.66 ? 72  PHE A CE2 1 
ATOM 576  C CZ  . PHE A 1 72  ? 0.183   1.773   3.510   1.00 15.12 ? 72  PHE A CZ  1 
ATOM 577  N N   . VAL A 1 73  ? -1.565  -3.173  7.824   1.00 17.39 ? 73  VAL A N   1 
ATOM 578  C CA  . VAL A 1 73  ? -1.575  -3.965  9.038   1.00 17.20 ? 73  VAL A CA  1 
ATOM 579  C C   . VAL A 1 73  ? -1.080  -3.064  10.160  1.00 17.27 ? 73  VAL A C   1 
ATOM 580  O O   . VAL A 1 73  ? -1.593  -3.123  11.265  1.00 20.35 ? 73  VAL A O   1 
ATOM 581  C CB  . VAL A 1 73  ? -0.696  -5.218  8.897   1.00 18.63 ? 73  VAL A CB  1 
ATOM 582  C CG1 . VAL A 1 73  ? -0.714  -6.041  10.186  1.00 17.66 ? 73  VAL A CG1 1 
ATOM 583  C CG2 . VAL A 1 73  ? -1.193  -6.052  7.736   1.00 17.88 ? 73  VAL A CG2 1 
ATOM 584  N N   . SER A 1 74  ? -0.087  -2.227  9.870   1.00 17.03 ? 74  SER A N   1 
ATOM 585  C CA  . SER A 1 74  ? 0.428   -1.284  10.863  1.00 19.22 ? 74  SER A CA  1 
ATOM 586  C C   . SER A 1 74  ? -0.437  -0.013  10.869  1.00 19.25 ? 74  SER A C   1 
ATOM 587  O O   . SER A 1 74  ? -0.954  0.394   9.828   1.00 18.86 ? 74  SER A O   1 
ATOM 588  C CB  . SER A 1 74  ? 1.899   -0.943  10.598  1.00 18.88 ? 74  SER A CB  1 
ATOM 589  O OG  . SER A 1 74  ? 2.252   -1.188  9.253   1.00 20.39 ? 74  SER A OG  1 
ATOM 590  N N   . ARG A 1 75  ? -0.610  0.587   12.048  1.00 19.17 ? 75  ARG A N   1 
ATOM 591  C CA  . ARG A 1 75  ? -1.422  1.783   12.189  1.00 18.99 ? 75  ARG A CA  1 
ATOM 592  C C   . ARG A 1 75  ? -0.867  2.918   11.358  1.00 18.21 ? 75  ARG A C   1 
ATOM 593  O O   . ARG A 1 75  ? 0.348   3.097   11.266  1.00 19.23 ? 75  ARG A O   1 
ATOM 594  C CB  . ARG A 1 75  ? -1.527  2.219   13.647  1.00 21.39 ? 75  ARG A CB  1 
ATOM 595  C CG  . ARG A 1 75  ? -2.773  3.067   13.892  1.00 30.74 ? 75  ARG A CG  1 
ATOM 596  C CD  . ARG A 1 75  ? -2.753  3.811   15.225  1.00 36.45 ? 75  ARG A CD  1 
ATOM 597  N NE  . ARG A 1 75  ? -3.845  4.793   15.331  1.00 41.62 ? 75  ARG A NE  1 
ATOM 598  C CZ  . ARG A 1 75  ? -3.913  5.939   14.642  1.00 43.62 ? 75  ARG A CZ  1 
ATOM 599  N NH1 . ARG A 1 75  ? -2.951  6.265   13.773  1.00 42.86 ? 75  ARG A NH1 1 
ATOM 600  N NH2 . ARG A 1 75  ? -4.949  6.764   14.819  1.00 42.47 ? 75  ARG A NH2 1 
ATOM 601  N N   . MET A 1 76  ? -1.772  3.651   10.716  1.00 16.59 ? 76  MET A N   1 
ATOM 602  C CA  . MET A 1 76  ? -1.417  4.779   9.858   1.00 15.53 ? 76  MET A CA  1 
ATOM 603  C C   . MET A 1 76  ? -2.187  6.013   10.248  1.00 15.03 ? 76  MET A C   1 
ATOM 604  O O   . MET A 1 76  ? -3.119  5.965   11.040  1.00 14.09 ? 76  MET A O   1 
ATOM 605  C CB  . MET A 1 76  ? -1.750  4.485   8.394   1.00 17.23 ? 76  MET A CB  1 
ATOM 606  C CG  . MET A 1 76  ? -1.006  3.326   7.801   1.00 20.64 ? 76  MET A CG  1 
ATOM 607  S SD  . MET A 1 76  ? 0.745   3.606   7.955   1.00 22.05 ? 76  MET A SD  1 
ATOM 608  C CE  . MET A 1 76  ? 0.950   4.873   6.716   1.00 19.29 ? 76  MET A CE  1 
ATOM 609  N N   . PHE A 1 77  ? -1.781  7.121   9.652   1.00 16.42 ? 77  PHE A N   1 
ATOM 610  C CA  . PHE A 1 77  ? -2.408  8.419   9.854   1.00 17.64 ? 77  PHE A CA  1 
ATOM 611  C C   . PHE A 1 77  ? -2.093  9.148   8.555   1.00 16.70 ? 77  PHE A C   1 
ATOM 612  O O   . PHE A 1 77  ? -1.008  9.708   8.388   1.00 18.97 ? 77  PHE A O   1 
ATOM 613  C CB  . PHE A 1 77  ? -1.803  9.155   11.059  1.00 18.02 ? 77  PHE A CB  1 
ATOM 614  C CG  . PHE A 1 77  ? -2.416  10.516  11.311  1.00 16.12 ? 77  PHE A CG  1 
ATOM 615  C CD1 . PHE A 1 77  ? -3.578  10.648  12.066  1.00 14.45 ? 77  PHE A CD1 1 
ATOM 616  C CD2 . PHE A 1 77  ? -1.824  11.660  10.789  1.00 13.73 ? 77  PHE A CD2 1 
ATOM 617  C CE1 . PHE A 1 77  ? -4.135  11.887  12.291  1.00 13.78 ? 77  PHE A CE1 1 
ATOM 618  C CE2 . PHE A 1 77  ? -2.375  12.901  11.008  1.00 14.68 ? 77  PHE A CE2 1 
ATOM 619  C CZ  . PHE A 1 77  ? -3.534  13.015  11.764  1.00 14.20 ? 77  PHE A CZ  1 
ATOM 620  N N   . HIS A 1 78  ? -3.043  9.106   7.625   1.00 15.17 ? 78  HIS A N   1 
ATOM 621  C CA  . HIS A 1 78  ? -2.873  9.714   6.314   1.00 12.45 ? 78  HIS A CA  1 
ATOM 622  C C   . HIS A 1 78  ? -4.269  10.048  5.786   1.00 12.50 ? 78  HIS A C   1 
ATOM 623  O O   . HIS A 1 78  ? -5.233  9.343   6.079   1.00 11.11 ? 78  HIS A O   1 
ATOM 624  C CB  . HIS A 1 78  ? -2.164  8.695   5.413   1.00 9.84  ? 78  HIS A CB  1 
ATOM 625  C CG  . HIS A 1 78  ? -1.794  9.209   4.055   1.00 10.73 ? 78  HIS A CG  1 
ATOM 626  N ND1 . HIS A 1 78  ? -2.673  9.212   2.995   1.00 9.05  ? 78  HIS A ND1 1 
ATOM 627  C CD2 . HIS A 1 78  ? -0.620  9.677   3.572   1.00 10.62 ? 78  HIS A CD2 1 
ATOM 628  C CE1 . HIS A 1 78  ? -2.053  9.656   1.916   1.00 10.90 ? 78  HIS A CE1 1 
ATOM 629  N NE2 . HIS A 1 78  ? -0.807  9.945   2.238   1.00 10.19 ? 78  HIS A NE2 1 
ATOM 630  N N   . PRO A 1 79  ? -4.399  11.152  5.027   1.00 13.43 ? 79  PRO A N   1 
ATOM 631  C CA  . PRO A 1 79  ? -5.684  11.583  4.461   1.00 13.85 ? 79  PRO A CA  1 
ATOM 632  C C   . PRO A 1 79  ? -6.451  10.541  3.630   1.00 14.00 ? 79  PRO A C   1 
ATOM 633  O O   . PRO A 1 79  ? -7.680  10.530  3.646   1.00 16.74 ? 79  PRO A O   1 
ATOM 634  C CB  . PRO A 1 79  ? -5.290  12.794  3.609   1.00 12.09 ? 79  PRO A CB  1 
ATOM 635  C CG  . PRO A 1 79  ? -4.181  13.384  4.382   1.00 14.33 ? 79  PRO A CG  1 
ATOM 636  C CD  . PRO A 1 79  ? -3.359  12.160  4.757   1.00 11.90 ? 79  PRO A CD  1 
ATOM 637  N N   . ASN A 1 80  ? -5.741  9.685   2.905   1.00 13.54 ? 80  ASN A N   1 
ATOM 638  C CA  . ASN A 1 80  ? -6.389  8.680   2.065   1.00 13.19 ? 80  ASN A CA  1 
ATOM 639  C C   . ASN A 1 80  ? -6.428  7.248   2.611   1.00 14.19 ? 80  ASN A C   1 
ATOM 640  O O   . ASN A 1 80  ? -6.649  6.305   1.848   1.00 12.49 ? 80  ASN A O   1 
ATOM 641  C CB  . ASN A 1 80  ? -5.758  8.690   0.678   1.00 10.98 ? 80  ASN A CB  1 
ATOM 642  C CG  . ASN A 1 80  ? -5.746  10.065  0.064   1.00 16.14 ? 80  ASN A CG  1 
ATOM 643  O OD1 . ASN A 1 80  ? -4.749  10.491  -0.505  1.00 18.19 ? 80  ASN A OD1 1 
ATOM 644  N ND2 . ASN A 1 80  ? -6.849  10.780  0.193   1.00 17.29 ? 80  ASN A ND2 1 
ATOM 645  N N   . ILE A 1 81  ? -6.221  7.085   3.918   1.00 12.31 ? 81  ILE A N   1 
ATOM 646  C CA  . ILE A 1 81  ? -6.243  5.768   4.531   1.00 11.33 ? 81  ILE A CA  1 
ATOM 647  C C   . ILE A 1 81  ? -7.251  5.764   5.657   1.00 13.60 ? 81  ILE A C   1 
ATOM 648  O O   . ILE A 1 81  ? -7.113  6.523   6.608   1.00 16.60 ? 81  ILE A O   1 
ATOM 649  C CB  . ILE A 1 81  ? -4.848  5.362   5.100   1.00 13.12 ? 81  ILE A CB  1 
ATOM 650  C CG1 . ILE A 1 81  ? -3.808  5.303   3.981   1.00 11.78 ? 81  ILE A CG1 1 
ATOM 651  C CG2 . ILE A 1 81  ? -4.917  3.989   5.786   1.00 8.30  ? 81  ILE A CG2 1 
ATOM 652  C CD1 . ILE A 1 81  ? -2.383  5.165   4.488   1.00 13.52 ? 81  ILE A CD1 1 
ATOM 653  N N   . TYR A 1 82  ? -8.248  4.888   5.551   1.00 13.67 ? 82  TYR A N   1 
ATOM 654  C CA  . TYR A 1 82  ? -9.296  4.752   6.557   1.00 16.14 ? 82  TYR A CA  1 
ATOM 655  C C   . TYR A 1 82  ? -8.796  4.197   7.884   1.00 17.80 ? 82  TYR A C   1 
ATOM 656  O O   . TYR A 1 82  ? -7.690  3.671   7.974   1.00 18.68 ? 82  TYR A O   1 
ATOM 657  C CB  . TYR A 1 82  ? -10.418 3.847   6.036   1.00 17.24 ? 82  TYR A CB  1 
ATOM 658  C CG  . TYR A 1 82  ? -11.191 4.425   4.880   1.00 18.01 ? 82  TYR A CG  1 
ATOM 659  C CD1 . TYR A 1 82  ? -12.208 5.350   5.094   1.00 18.46 ? 82  TYR A CD1 1 
ATOM 660  C CD2 . TYR A 1 82  ? -10.915 4.040   3.573   1.00 20.51 ? 82  TYR A CD2 1 
ATOM 661  C CE1 . TYR A 1 82  ? -12.937 5.877   4.035   1.00 22.17 ? 82  TYR A CE1 1 
ATOM 662  C CE2 . TYR A 1 82  ? -11.634 4.559   2.501   1.00 24.41 ? 82  TYR A CE2 1 
ATOM 663  C CZ  . TYR A 1 82  ? -12.644 5.479   2.735   1.00 24.39 ? 82  TYR A CZ  1 
ATOM 664  O OH  . TYR A 1 82  ? -13.353 6.011   1.671   1.00 26.18 ? 82  TYR A OH  1 
ATOM 665  N N   . ALA A 1 83  ? -9.646  4.287   8.902   1.00 19.07 ? 83  ALA A N   1 
ATOM 666  C CA  . ALA A 1 83  ? -9.335  3.807   10.241  1.00 19.31 ? 83  ALA A CA  1 
ATOM 667  C C   . ALA A 1 83  ? -9.052  2.306   10.327  1.00 20.14 ? 83  ALA A C   1 
ATOM 668  O O   . ALA A 1 83  ? -8.339  1.874   11.228  1.00 21.51 ? 83  ALA A O   1 
ATOM 669  C CB  . ALA A 1 83  ? -10.455 4.182   11.203  1.00 19.14 ? 83  ALA A CB  1 
ATOM 670  N N   . ASP A 1 84  ? -9.587  1.513   9.398   1.00 19.23 ? 84  ASP A N   1 
ATOM 671  C CA  . ASP A 1 84  ? -9.361  0.068   9.419   1.00 18.28 ? 84  ASP A CA  1 
ATOM 672  C C   . ASP A 1 84  ? -8.114  -0.363  8.619   1.00 17.74 ? 84  ASP A C   1 
ATOM 673  O O   . ASP A 1 84  ? -7.758  -1.543  8.590   1.00 17.56 ? 84  ASP A O   1 
ATOM 674  C CB  . ASP A 1 84  ? -10.610 -0.674  8.917   1.00 16.89 ? 84  ASP A CB  1 
ATOM 675  C CG  . ASP A 1 84  ? -10.731 -0.669  7.401   1.00 18.71 ? 84  ASP A CG  1 
ATOM 676  O OD1 . ASP A 1 84  ? -10.220 0.274   6.749   1.00 16.43 ? 84  ASP A OD1 1 
ATOM 677  O OD2 . ASP A 1 84  ? -11.347 -1.622  6.861   1.00 19.57 ? 84  ASP A OD2 1 
ATOM 678  N N   . GLY A 1 85  ? -7.467  0.586   7.952   1.00 15.94 ? 85  GLY A N   1 
ATOM 679  C CA  . GLY A 1 85  ? -6.289  0.254   7.179   1.00 14.74 ? 85  GLY A CA  1 
ATOM 680  C C   . GLY A 1 85  ? -6.498  0.207   5.681   1.00 15.80 ? 85  GLY A C   1 
ATOM 681  O O   . GLY A 1 85  ? -5.522  0.146   4.926   1.00 14.95 ? 85  GLY A O   1 
ATOM 682  N N   . SER A 1 86  ? -7.757  0.226   5.246   1.00 16.24 ? 86  SER A N   1 
ATOM 683  C CA  . SER A 1 86  ? -8.067  0.207   3.815   1.00 16.59 ? 86  SER A CA  1 
ATOM 684  C C   . SER A 1 86  ? -7.635  1.523   3.167   1.00 15.85 ? 86  SER A C   1 
ATOM 685  O O   . SER A 1 86  ? -7.592  2.566   3.812   1.00 15.89 ? 86  SER A O   1 
ATOM 686  C CB  . SER A 1 86  ? -9.544  -0.088  3.562   1.00 16.73 ? 86  SER A CB  1 
ATOM 687  O OG  . SER A 1 86  ? -10.358 0.928   4.104   1.00 24.72 ? 86  SER A OG  1 
ATOM 688  N N   . ILE A 1 87  ? -7.322  1.459   1.883   1.00 15.17 ? 87  ILE A N   1 
ATOM 689  C CA  . ILE A 1 87  ? -6.816  2.604   1.164   1.00 16.95 ? 87  ILE A CA  1 
ATOM 690  C C   . ILE A 1 87  ? -7.718  3.172   0.074   1.00 20.12 ? 87  ILE A C   1 
ATOM 691  O O   . ILE A 1 87  ? -8.045  2.488   -0.898  1.00 21.49 ? 87  ILE A O   1 
ATOM 692  C CB  . ILE A 1 87  ? -5.478  2.232   0.510   1.00 18.03 ? 87  ILE A CB  1 
ATOM 693  C CG1 . ILE A 1 87  ? -4.555  1.578   1.542   1.00 17.20 ? 87  ILE A CG1 1 
ATOM 694  C CG2 . ILE A 1 87  ? -4.834  3.451   -0.128  1.00 17.34 ? 87  ILE A CG2 1 
ATOM 695  C CD1 . ILE A 1 87  ? -3.600  0.580   0.943   1.00 16.28 ? 87  ILE A CD1 1 
ATOM 696  N N   . CYS A 1 88  ? -8.092  4.439   0.228   1.00 21.71 ? 88  CYS A N   1 
ATOM 697  C CA  . CYS A 1 88  ? -8.902  5.109   -0.776  1.00 22.96 ? 88  CYS A CA  1 
ATOM 698  C C   . CYS A 1 88  ? -7.907  5.510   -1.861  1.00 22.17 ? 88  CYS A C   1 
ATOM 699  O O   . CYS A 1 88  ? -7.327  6.591   -1.815  1.00 25.17 ? 88  CYS A O   1 
ATOM 700  C CB  . CYS A 1 88  ? -9.582  6.355   -0.192  1.00 24.11 ? 88  CYS A CB  1 
ATOM 701  S SG  . CYS A 1 88  ? -10.687 7.221   -1.349  1.00 29.66 ? 88  CYS A SG  1 
ATOM 702  N N   . LEU A 1 89  ? -7.651  4.596   -2.787  1.00 19.96 ? 89  LEU A N   1 
ATOM 703  C CA  . LEU A 1 89  ? -6.724  4.857   -3.871  1.00 19.55 ? 89  LEU A CA  1 
ATOM 704  C C   . LEU A 1 89  ? -7.395  4.610   -5.207  1.00 22.17 ? 89  LEU A C   1 
ATOM 705  O O   . LEU A 1 89  ? -8.158  3.665   -5.381  1.00 21.93 ? 89  LEU A O   1 
ATOM 706  C CB  . LEU A 1 89  ? -5.467  3.986   -3.733  1.00 21.23 ? 89  LEU A CB  1 
ATOM 707  C CG  . LEU A 1 89  ? -4.366  3.970   -4.814  1.00 21.30 ? 89  LEU A CG  1 
ATOM 708  C CD1 . LEU A 1 89  ? -3.878  5.371   -5.146  1.00 20.76 ? 89  LEU A CD1 1 
ATOM 709  C CD2 . LEU A 1 89  ? -3.190  3.112   -4.337  1.00 18.99 ? 89  LEU A CD2 1 
ATOM 710  N N   . ASP A 1 90  ? -7.076  5.482   -6.148  1.00 24.33 ? 90  ASP A N   1 
ATOM 711  C CA  . ASP A 1 90  ? -7.588  5.456   -7.509  1.00 23.53 ? 90  ASP A CA  1 
ATOM 712  C C   . ASP A 1 90  ? -7.576  4.100   -8.202  1.00 23.07 ? 90  ASP A C   1 
ATOM 713  O O   . ASP A 1 90  ? -8.624  3.479   -8.397  1.00 20.96 ? 90  ASP A O   1 
ATOM 714  C CB  . ASP A 1 90  ? -6.780  6.443   -8.346  1.00 26.24 ? 90  ASP A CB  1 
ATOM 715  C CG  . ASP A 1 90  ? -7.636  7.509   -8.966  1.00 29.66 ? 90  ASP A CG  1 
ATOM 716  O OD1 . ASP A 1 90  ? -8.773  7.747   -8.485  1.00 30.09 ? 90  ASP A OD1 1 
ATOM 717  O OD2 . ASP A 1 90  ? -7.166  8.114   -9.949  1.00 32.85 ? 90  ASP A OD2 1 
ATOM 718  N N   . ILE A 1 91  ? -6.381  3.665   -8.588  1.00 22.97 ? 91  ILE A N   1 
ATOM 719  C CA  . ILE A 1 91  ? -6.198  2.407   -9.297  1.00 24.80 ? 91  ILE A CA  1 
ATOM 720  C C   . ILE A 1 91  ? -6.684  1.136   -8.582  1.00 25.43 ? 91  ILE A C   1 
ATOM 721  O O   . ILE A 1 91  ? -6.753  0.079   -9.205  1.00 24.67 ? 91  ILE A O   1 
ATOM 722  C CB  . ILE A 1 91  ? -4.721  2.205   -9.729  1.00 26.70 ? 91  ILE A CB  1 
ATOM 723  C CG1 . ILE A 1 91  ? -3.827  1.946   -8.512  1.00 26.49 ? 91  ILE A CG1 1 
ATOM 724  C CG2 . ILE A 1 91  ? -4.221  3.422   -10.495 1.00 26.31 ? 91  ILE A CG2 1 
ATOM 725  C CD1 . ILE A 1 91  ? -2.473  1.383   -8.894  1.00 26.90 ? 91  ILE A CD1 1 
ATOM 726  N N   . LEU A 1 92  ? -7.050  1.243   -7.305  1.00 24.26 ? 92  LEU A N   1 
ATOM 727  C CA  . LEU A 1 92  ? -7.524  0.085   -6.539  1.00 24.49 ? 92  LEU A CA  1 
ATOM 728  C C   . LEU A 1 92  ? -9.040  -0.059  -6.420  1.00 26.40 ? 92  LEU A C   1 
ATOM 729  O O   . LEU A 1 92  ? -9.520  -1.051  -5.864  1.00 26.22 ? 92  LEU A O   1 
ATOM 730  C CB  . LEU A 1 92  ? -6.917  0.097   -5.129  1.00 22.90 ? 92  LEU A CB  1 
ATOM 731  C CG  . LEU A 1 92  ? -5.808  -0.896  -4.786  1.00 21.23 ? 92  LEU A CG  1 
ATOM 732  C CD1 . LEU A 1 92  ? -4.974  -1.215  -6.010  1.00 20.76 ? 92  LEU A CD1 1 
ATOM 733  C CD2 . LEU A 1 92  ? -4.956  -0.310  -3.677  1.00 15.61 ? 92  LEU A CD2 1 
ATOM 734  N N   . GLN A 1 93  ? -9.800  0.917   -6.915  1.00 28.52 ? 93  GLN A N   1 
ATOM 735  C CA  . GLN A 1 93  ? -11.259 0.839   -6.798  1.00 31.09 ? 93  GLN A CA  1 
ATOM 736  C C   . GLN A 1 93  ? -12.023 1.173   -8.072  1.00 31.65 ? 93  GLN A C   1 
ATOM 737  O O   . GLN A 1 93  ? -12.713 0.314   -8.618  1.00 33.38 ? 93  GLN A O   1 
ATOM 738  C CB  . GLN A 1 93  ? -11.757 1.701   -5.626  1.00 31.05 ? 93  GLN A CB  1 
ATOM 739  C CG  . GLN A 1 93  ? -11.362 3.168   -5.706  1.00 33.85 ? 93  GLN A CG  1 
ATOM 740  C CD  . GLN A 1 93  ? -11.384 3.865   -4.352  1.00 34.97 ? 93  GLN A CD  1 
ATOM 741  O OE1 . GLN A 1 93  ? -11.697 5.066   -4.255  1.00 34.30 ? 93  GLN A OE1 1 
ATOM 742  N NE2 . GLN A 1 93  ? -11.020 3.126   -3.302  1.00 32.54 ? 93  GLN A NE2 1 
ATOM 743  N N   . ASN A 1 94  ? -11.888 2.403   -8.553  1.00 31.14 ? 94  ASN A N   1 
ATOM 744  C CA  . ASN A 1 94  ? -12.582 2.828   -9.756  1.00 30.91 ? 94  ASN A CA  1 
ATOM 745  C C   . ASN A 1 94  ? -11.722 2.848   -11.012 1.00 28.92 ? 94  ASN A C   1 
ATOM 746  O O   . ASN A 1 94  ? -12.259 2.811   -12.117 1.00 29.44 ? 94  ASN A O   1 
ATOM 747  C CB  . ASN A 1 94  ? -13.214 4.210   -9.532  1.00 36.18 ? 94  ASN A CB  1 
ATOM 748  C CG  . ASN A 1 94  ? -12.256 5.195   -8.829  1.00 39.36 ? 94  ASN A CG  1 
ATOM 749  O OD1 . ASN A 1 94  ? -12.619 5.840   -7.831  1.00 40.99 ? 94  ASN A OD1 1 
ATOM 750  N ND2 . ASN A 1 94  ? -11.033 5.304   -9.344  1.00 40.13 ? 94  ASN A ND2 1 
ATOM 751  N N   . GLN A 1 95  ? -10.398 2.902   -10.853 1.00 27.60 ? 95  GLN A N   1 
ATOM 752  C CA  . GLN A 1 95  ? -9.479  2.950   -12.004 1.00 26.11 ? 95  GLN A CA  1 
ATOM 753  C C   . GLN A 1 95  ? -8.518  1.770   -12.200 1.00 24.47 ? 95  GLN A C   1 
ATOM 754  O O   . GLN A 1 95  ? -7.441  1.928   -12.783 1.00 21.60 ? 95  GLN A O   1 
ATOM 755  C CB  . GLN A 1 95  ? -8.674  4.241   -11.978 1.00 28.22 ? 95  GLN A CB  1 
ATOM 756  C CG  . GLN A 1 95  ? -9.532  5.478   -11.954 1.00 31.08 ? 95  GLN A CG  1 
ATOM 757  C CD  . GLN A 1 95  ? -10.302 5.656   -13.234 1.00 33.89 ? 95  GLN A CD  1 
ATOM 758  O OE1 . GLN A 1 95  ? -9.853  6.375   -14.129 1.00 38.33 ? 95  GLN A OE1 1 
ATOM 759  N NE2 . GLN A 1 95  ? -11.463 4.998   -13.345 1.00 33.40 ? 95  GLN A NE2 1 
ATOM 760  N N   . TRP A 1 96  ? -8.921  0.591   -11.735 1.00 23.62 ? 96  TRP A N   1 
ATOM 761  C CA  . TRP A 1 96  ? -8.119  -0.612  -11.877 1.00 22.50 ? 96  TRP A CA  1 
ATOM 762  C C   . TRP A 1 96  ? -8.069  -1.104  -13.326 1.00 21.95 ? 96  TRP A C   1 
ATOM 763  O O   . TRP A 1 96  ? -9.073  -1.097  -14.029 1.00 23.28 ? 96  TRP A O   1 
ATOM 764  C CB  . TRP A 1 96  ? -8.678  -1.716  -10.979 1.00 23.61 ? 96  TRP A CB  1 
ATOM 765  C CG  . TRP A 1 96  ? -8.126  -3.086  -11.283 1.00 26.69 ? 96  TRP A CG  1 
ATOM 766  C CD1 . TRP A 1 96  ? -8.775  -4.109  -11.921 1.00 25.35 ? 96  TRP A CD1 1 
ATOM 767  C CD2 . TRP A 1 96  ? -6.807  -3.576  -10.973 1.00 27.40 ? 96  TRP A CD2 1 
ATOM 768  N NE1 . TRP A 1 96  ? -7.942  -5.200  -12.028 1.00 26.45 ? 96  TRP A NE1 1 
ATOM 769  C CE2 . TRP A 1 96  ? -6.732  -4.899  -11.460 1.00 24.78 ? 96  TRP A CE2 1 
ATOM 770  C CE3 . TRP A 1 96  ? -5.686  -3.023  -10.332 1.00 27.19 ? 96  TRP A CE3 1 
ATOM 771  C CZ2 . TRP A 1 96  ? -5.579  -5.678  -11.326 1.00 23.86 ? 96  TRP A CZ2 1 
ATOM 772  C CZ3 . TRP A 1 96  ? -4.540  -3.800  -10.199 1.00 24.77 ? 96  TRP A CZ3 1 
ATOM 773  C CH2 . TRP A 1 96  ? -4.499  -5.117  -10.697 1.00 24.41 ? 96  TRP A CH2 1 
ATOM 774  N N   . SER A 1 97  ? -6.889  -1.534  -13.752 1.00 20.93 ? 97  SER A N   1 
ATOM 775  C CA  . SER A 1 97  ? -6.674  -2.065  -15.089 1.00 21.68 ? 97  SER A CA  1 
ATOM 776  C C   . SER A 1 97  ? -5.872  -3.356  -14.914 1.00 21.69 ? 97  SER A C   1 
ATOM 777  O O   . SER A 1 97  ? -4.918  -3.390  -14.139 1.00 21.63 ? 97  SER A O   1 
ATOM 778  C CB  . SER A 1 97  ? -5.884  -1.068  -15.944 1.00 22.95 ? 97  SER A CB  1 
ATOM 779  O OG  . SER A 1 97  ? -5.545  -1.630  -17.204 1.00 25.04 ? 97  SER A OG  1 
ATOM 780  N N   . PRO A 1 98  ? -6.270  -4.439  -15.602 1.00 20.38 ? 98  PRO A N   1 
ATOM 781  C CA  . PRO A 1 98  ? -5.571  -5.720  -15.502 1.00 20.39 ? 98  PRO A CA  1 
ATOM 782  C C   . PRO A 1 98  ? -4.088  -5.625  -15.841 1.00 21.11 ? 98  PRO A C   1 
ATOM 783  O O   . PRO A 1 98  ? -3.314  -6.533  -15.541 1.00 21.86 ? 98  PRO A O   1 
ATOM 784  C CB  . PRO A 1 98  ? -6.329  -6.594  -16.501 1.00 19.67 ? 98  PRO A CB  1 
ATOM 785  C CG  . PRO A 1 98  ? -7.722  -6.079  -16.401 1.00 18.65 ? 98  PRO A CG  1 
ATOM 786  C CD  . PRO A 1 98  ? -7.489  -4.579  -16.418 1.00 19.08 ? 98  PRO A CD  1 
ATOM 787  N N   . ILE A 1 99  ? -3.693  -4.521  -16.462 1.00 21.58 ? 99  ILE A N   1 
ATOM 788  C CA  . ILE A 1 99  ? -2.295  -4.317  -16.818 1.00 23.56 ? 99  ILE A CA  1 
ATOM 789  C C   . ILE A 1 99  ? -1.433  -4.119  -15.578 1.00 23.31 ? 99  ILE A C   1 
ATOM 790  O O   . ILE A 1 99  ? -0.298  -4.580  -15.533 1.00 25.24 ? 99  ILE A O   1 
ATOM 791  C CB  . ILE A 1 99  ? -2.107  -3.086  -17.720 1.00 25.38 ? 99  ILE A CB  1 
ATOM 792  C CG1 . ILE A 1 99  ? -2.789  -3.308  -19.061 1.00 27.08 ? 99  ILE A CG1 1 
ATOM 793  C CG2 . ILE A 1 99  ? -0.609  -2.812  -17.929 1.00 26.96 ? 99  ILE A CG2 1 
ATOM 794  C CD1 . ILE A 1 99  ? -2.109  -4.362  -19.912 1.00 27.63 ? 99  ILE A CD1 1 
ATOM 795  N N   . TYR A 1 100 ? -1.962  -3.399  -14.595 1.00 21.49 ? 100 TYR A N   1 
ATOM 796  C CA  . TYR A 1 100 ? -1.233  -3.140  -13.358 1.00 21.63 ? 100 TYR A CA  1 
ATOM 797  C C   . TYR A 1 100 ? -0.862  -4.445  -12.626 1.00 19.33 ? 100 TYR A C   1 
ATOM 798  O O   . TYR A 1 100 ? -1.700  -5.331  -12.460 1.00 21.29 ? 100 TYR A O   1 
ATOM 799  C CB  . TYR A 1 100 ? -2.086  -2.297  -12.411 1.00 19.74 ? 100 TYR A CB  1 
ATOM 800  C CG  . TYR A 1 100 ? -2.572  -0.963  -12.934 1.00 20.32 ? 100 TYR A CG  1 
ATOM 801  C CD1 . TYR A 1 100 ? -1.708  -0.076  -13.583 1.00 21.42 ? 100 TYR A CD1 1 
ATOM 802  C CD2 . TYR A 1 100 ? -3.886  -0.550  -12.687 1.00 19.67 ? 100 TYR A CD2 1 
ATOM 803  C CE1 . TYR A 1 100 ? -2.147  1.203   -13.963 1.00 22.72 ? 100 TYR A CE1 1 
ATOM 804  C CE2 . TYR A 1 100 ? -4.332  0.716   -13.059 1.00 20.72 ? 100 TYR A CE2 1 
ATOM 805  C CZ  . TYR A 1 100 ? -3.462  1.590   -13.689 1.00 23.02 ? 100 TYR A CZ  1 
ATOM 806  O OH  . TYR A 1 100 ? -3.901  2.860   -14.003 1.00 26.29 ? 100 TYR A OH  1 
ATOM 807  N N   . ASP A 1 101 ? 0.382   -4.563  -12.184 1.00 15.19 ? 101 ASP A N   1 
ATOM 808  C CA  . ASP A 1 101 ? 0.779   -5.751  -11.445 1.00 16.11 ? 101 ASP A CA  1 
ATOM 809  C C   . ASP A 1 101 ? 0.972   -5.404  -9.971  1.00 15.04 ? 101 ASP A C   1 
ATOM 810  O O   . ASP A 1 101 ? 0.770   -4.264  -9.570  1.00 15.82 ? 101 ASP A O   1 
ATOM 811  C CB  . ASP A 1 101 ? 2.026   -6.415  -12.064 1.00 15.57 ? 101 ASP A CB  1 
ATOM 812  C CG  . ASP A 1 101 ? 3.309   -5.627  -11.838 1.00 16.79 ? 101 ASP A CG  1 
ATOM 813  O OD1 . ASP A 1 101 ? 3.258   -4.381  -11.768 1.00 20.50 ? 101 ASP A OD1 1 
ATOM 814  O OD2 . ASP A 1 101 ? 4.386   -6.262  -11.729 1.00 19.96 ? 101 ASP A OD2 1 
ATOM 815  N N   . VAL A 1 102 ? 1.301   -6.403  -9.167  1.00 13.47 ? 102 VAL A N   1 
ATOM 816  C CA  . VAL A 1 102 ? 1.524   -6.239  -7.734  1.00 12.84 ? 102 VAL A CA  1 
ATOM 817  C C   . VAL A 1 102 ? 2.526   -5.123  -7.439  1.00 14.65 ? 102 VAL A C   1 
ATOM 818  O O   . VAL A 1 102 ? 2.292   -4.287  -6.566  1.00 14.35 ? 102 VAL A O   1 
ATOM 819  C CB  . VAL A 1 102 ? 2.049   -7.559  -7.112  1.00 11.44 ? 102 VAL A CB  1 
ATOM 820  C CG1 . VAL A 1 102 ? 2.489   -7.337  -5.698  1.00 11.54 ? 102 VAL A CG1 1 
ATOM 821  C CG2 . VAL A 1 102 ? 0.968   -8.611  -7.134  1.00 12.81 ? 102 VAL A CG2 1 
ATOM 822  N N   . ALA A 1 103 ? 3.646   -5.132  -8.162  1.00 14.20 ? 103 ALA A N   1 
ATOM 823  C CA  . ALA A 1 103 ? 4.711   -4.143  -8.007  1.00 12.97 ? 103 ALA A CA  1 
ATOM 824  C C   . ALA A 1 103 ? 4.206   -2.723  -8.281  1.00 13.32 ? 103 ALA A C   1 
ATOM 825  O O   . ALA A 1 103 ? 4.558   -1.775  -7.571  1.00 14.24 ? 103 ALA A O   1 
ATOM 826  C CB  . ALA A 1 103 ? 5.873   -4.487  -8.942  1.00 11.13 ? 103 ALA A CB  1 
ATOM 827  N N   . ALA A 1 104 ? 3.382   -2.590  -9.316  1.00 12.86 ? 104 ALA A N   1 
ATOM 828  C CA  . ALA A 1 104 ? 2.808   -1.306  -9.690  1.00 10.91 ? 104 ALA A CA  1 
ATOM 829  C C   . ALA A 1 104 ? 1.831   -0.843  -8.612  1.00 11.22 ? 104 ALA A C   1 
ATOM 830  O O   . ALA A 1 104 ? 1.717   0.343   -8.347  1.00 13.66 ? 104 ALA A O   1 
ATOM 831  C CB  . ALA A 1 104 ? 2.127   -1.403  -11.053 1.00 8.28  ? 104 ALA A CB  1 
ATOM 832  N N   . ILE A 1 105 ? 1.150   -1.788  -7.971  1.00 11.93 ? 105 ILE A N   1 
ATOM 833  C CA  . ILE A 1 105 ? 0.205   -1.477  -6.895  1.00 13.04 ? 105 ILE A CA  1 
ATOM 834  C C   . ILE A 1 105 ? 0.929   -0.891  -5.676  1.00 14.53 ? 105 ILE A C   1 
ATOM 835  O O   . ILE A 1 105 ? 0.503   0.119   -5.118  1.00 16.69 ? 105 ILE A O   1 
ATOM 836  C CB  . ILE A 1 105 ? -0.571  -2.751  -6.468  1.00 14.26 ? 105 ILE A CB  1 
ATOM 837  C CG1 . ILE A 1 105 ? -1.480  -3.205  -7.606  1.00 16.90 ? 105 ILE A CG1 1 
ATOM 838  C CG2 . ILE A 1 105 ? -1.367  -2.499  -5.201  1.00 15.59 ? 105 ILE A CG2 1 
ATOM 839  C CD1 . ILE A 1 105 ? -2.162  -4.519  -7.365  1.00 18.72 ? 105 ILE A CD1 1 
ATOM 840  N N   . LEU A 1 106 ? 2.017   -1.542  -5.268  1.00 15.74 ? 106 LEU A N   1 
ATOM 841  C CA  . LEU A 1 106 ? 2.816   -1.113  -4.123  1.00 16.32 ? 106 LEU A CA  1 
ATOM 842  C C   . LEU A 1 106 ? 3.533   0.203   -4.373  1.00 15.45 ? 106 LEU A C   1 
ATOM 843  O O   . LEU A 1 106 ? 3.673   1.027   -3.472  1.00 13.33 ? 106 LEU A O   1 
ATOM 844  C CB  . LEU A 1 106 ? 3.829   -2.196  -3.728  1.00 17.07 ? 106 LEU A CB  1 
ATOM 845  C CG  . LEU A 1 106 ? 3.359   -3.267  -2.744  1.00 16.47 ? 106 LEU A CG  1 
ATOM 846  C CD1 . LEU A 1 106 ? 1.986   -2.913  -2.173  1.00 17.25 ? 106 LEU A CD1 1 
ATOM 847  C CD2 . LEU A 1 106 ? 3.331   -4.618  -3.426  1.00 15.54 ? 106 LEU A CD2 1 
ATOM 848  N N   . THR A 1 107 ? 4.033   0.364   -5.590  1.00 15.34 ? 107 THR A N   1 
ATOM 849  C CA  . THR A 1 107 ? 4.711   1.590   -5.987  1.00 17.04 ? 107 THR A CA  1 
ATOM 850  C C   . THR A 1 107 ? 3.753   2.764   -5.745  1.00 18.65 ? 107 THR A C   1 
ATOM 851  O O   . THR A 1 107 ? 4.077   3.711   -5.029  1.00 19.89 ? 107 THR A O   1 
ATOM 852  C CB  . THR A 1 107 ? 5.061   1.547   -7.479  1.00 16.80 ? 107 THR A CB  1 
ATOM 853  O OG1 . THR A 1 107 ? 5.935   0.444   -7.730  1.00 13.91 ? 107 THR A OG1 1 
ATOM 854  C CG2 . THR A 1 107 ? 5.711   2.826   -7.924  1.00 15.91 ? 107 THR A CG2 1 
ATOM 855  N N   . SER A 1 108 ? 2.545   2.653   -6.288  1.00 16.89 ? 108 SER A N   1 
ATOM 856  C CA  . SER A 1 108 ? 1.542   3.697   -6.146  1.00 14.67 ? 108 SER A CA  1 
ATOM 857  C C   . SER A 1 108 ? 1.163   3.999   -4.714  1.00 15.18 ? 108 SER A C   1 
ATOM 858  O O   . SER A 1 108 ? 0.867   5.139   -4.386  1.00 15.70 ? 108 SER A O   1 
ATOM 859  C CB  . SER A 1 108 ? 0.300   3.346   -6.946  1.00 12.98 ? 108 SER A CB  1 
ATOM 860  O OG  . SER A 1 108 ? 0.647   3.204   -8.306  1.00 17.80 ? 108 SER A OG  1 
ATOM 861  N N   . ILE A 1 109 ? 1.167   2.985   -3.854  1.00 14.99 ? 109 ILE A N   1 
ATOM 862  C CA  . ILE A 1 109 ? 0.810   3.207   -2.463  1.00 15.35 ? 109 ILE A CA  1 
ATOM 863  C C   . ILE A 1 109 ? 1.918   3.983   -1.747  1.00 16.44 ? 109 ILE A C   1 
ATOM 864  O O   . ILE A 1 109 ? 1.642   4.912   -0.974  1.00 13.86 ? 109 ILE A O   1 
ATOM 865  C CB  . ILE A 1 109 ? 0.487   1.881   -1.754  1.00 14.17 ? 109 ILE A CB  1 
ATOM 866  C CG1 . ILE A 1 109 ? -0.701  1.217   -2.455  1.00 14.66 ? 109 ILE A CG1 1 
ATOM 867  C CG2 . ILE A 1 109 ? 0.165   2.121   -0.280  1.00 11.56 ? 109 ILE A CG2 1 
ATOM 868  C CD1 . ILE A 1 109 ? -1.181  -0.053  -1.796  1.00 13.45 ? 109 ILE A CD1 1 
ATOM 869  N N   . GLN A 1 110 ? 3.170   3.638   -2.053  1.00 18.51 ? 110 GLN A N   1 
ATOM 870  C CA  . GLN A 1 110 ? 4.335   4.305   -1.465  1.00 18.54 ? 110 GLN A CA  1 
ATOM 871  C C   . GLN A 1 110 ? 4.332   5.775   -1.869  1.00 19.04 ? 110 GLN A C   1 
ATOM 872  O O   . GLN A 1 110 ? 4.564   6.648   -1.034  1.00 19.97 ? 110 GLN A O   1 
ATOM 873  C CB  . GLN A 1 110 ? 5.641   3.648   -1.933  1.00 16.62 ? 110 GLN A CB  1 
ATOM 874  C CG  . GLN A 1 110 ? 6.906   4.358   -1.455  1.00 16.60 ? 110 GLN A CG  1 
ATOM 875  C CD  . GLN A 1 110 ? 8.183   3.577   -1.759  1.00 18.04 ? 110 GLN A CD  1 
ATOM 876  O OE1 . GLN A 1 110 ? 8.655   3.563   -2.892  1.00 21.10 ? 110 GLN A OE1 1 
ATOM 877  N NE2 . GLN A 1 110 ? 8.738   2.920   -0.749  1.00 15.06 ? 110 GLN A NE2 1 
ATOM 878  N N   . SER A 1 111 ? 4.090   6.033   -3.155  1.00 18.17 ? 111 SER A N   1 
ATOM 879  C CA  . SER A 1 111 ? 4.053   7.395   -3.682  1.00 18.13 ? 111 SER A CA  1 
ATOM 880  C C   . SER A 1 111 ? 2.895   8.175   -3.079  1.00 17.16 ? 111 SER A C   1 
ATOM 881  O O   . SER A 1 111 ? 2.984   9.391   -2.900  1.00 19.47 ? 111 SER A O   1 
ATOM 882  C CB  . SER A 1 111 ? 3.929   7.388   -5.209  1.00 17.60 ? 111 SER A CB  1 
ATOM 883  O OG  . SER A 1 111 ? 5.152   7.011   -5.828  1.00 19.65 ? 111 SER A OG  1 
ATOM 884  N N   . LEU A 1 112 ? 1.827   7.460   -2.738  1.00 13.69 ? 112 LEU A N   1 
ATOM 885  C CA  . LEU A 1 112 ? 0.644   8.061   -2.157  1.00 13.00 ? 112 LEU A CA  1 
ATOM 886  C C   . LEU A 1 112 ? 0.903   8.602   -0.755  1.00 14.19 ? 112 LEU A C   1 
ATOM 887  O O   . LEU A 1 112 ? 0.307   9.593   -0.353  1.00 13.54 ? 112 LEU A O   1 
ATOM 888  C CB  . LEU A 1 112 ? -0.500  7.041   -2.129  1.00 12.39 ? 112 LEU A CB  1 
ATOM 889  C CG  . LEU A 1 112 ? -1.816  7.496   -1.503  1.00 12.50 ? 112 LEU A CG  1 
ATOM 890  C CD1 . LEU A 1 112 ? -2.379  8.632   -2.327  1.00 15.03 ? 112 LEU A CD1 1 
ATOM 891  C CD2 . LEU A 1 112 ? -2.802  6.361   -1.411  1.00 13.79 ? 112 LEU A CD2 1 
ATOM 892  N N   . LEU A 1 113 ? 1.787   7.943   -0.010  1.00 16.18 ? 113 LEU A N   1 
ATOM 893  C CA  . LEU A 1 113 ? 2.127   8.357   1.353   1.00 15.57 ? 113 LEU A CA  1 
ATOM 894  C C   . LEU A 1 113 ? 2.500   9.826   1.480   1.00 16.82 ? 113 LEU A C   1 
ATOM 895  O O   . LEU A 1 113 ? 1.904   10.579  2.261   1.00 17.58 ? 113 LEU A O   1 
ATOM 896  C CB  . LEU A 1 113 ? 3.287   7.526   1.880   1.00 14.38 ? 113 LEU A CB  1 
ATOM 897  C CG  . LEU A 1 113 ? 2.989   6.117   2.364   1.00 14.51 ? 113 LEU A CG  1 
ATOM 898  C CD1 . LEU A 1 113 ? 4.283   5.553   2.909   1.00 14.69 ? 113 LEU A CD1 1 
ATOM 899  C CD2 . LEU A 1 113 ? 1.911   6.122   3.434   1.00 10.95 ? 113 LEU A CD2 1 
ATOM 900  N N   . CYS A 1 114 ? 3.509   10.219  0.718   1.00 18.15 ? 114 CYS A N   1 
ATOM 901  C CA  . CYS A 1 114 ? 3.981   11.585  0.752   1.00 21.64 ? 114 CYS A CA  1 
ATOM 902  C C   . CYS A 1 114 ? 3.274   12.532  -0.203  1.00 21.39 ? 114 CYS A C   1 
ATOM 903  O O   . CYS A 1 114 ? 3.669   13.687  -0.310  1.00 24.07 ? 114 CYS A O   1 
ATOM 904  C CB  . CYS A 1 114 ? 5.489   11.611  0.516   1.00 26.12 ? 114 CYS A CB  1 
ATOM 905  S SG  . CYS A 1 114 ? 6.036   10.536  -0.821  1.00 27.78 ? 114 CYS A SG  1 
ATOM 906  N N   . ASP A 1 115 ? 2.254   12.045  -0.912  1.00 21.71 ? 115 ASP A N   1 
ATOM 907  C CA  . ASP A 1 115 ? 1.495   12.883  -1.844  1.00 21.25 ? 115 ASP A CA  1 
ATOM 908  C C   . ASP A 1 115 ? 0.005   12.559  -1.777  1.00 21.01 ? 115 ASP A C   1 
ATOM 909  O O   . ASP A 1 115 ? -0.586  12.033  -2.726  1.00 20.82 ? 115 ASP A O   1 
ATOM 910  C CB  . ASP A 1 115 ? 2.002   12.732  -3.287  1.00 23.39 ? 115 ASP A CB  1 
ATOM 911  C CG  . ASP A 1 115 ? 1.272   13.661  -4.278  1.00 27.03 ? 115 ASP A CG  1 
ATOM 912  O OD1 . ASP A 1 115 ? 0.471   14.527  -3.840  1.00 29.47 ? 115 ASP A OD1 1 
ATOM 913  O OD2 . ASP A 1 115 ? 1.508   13.525  -5.501  1.00 26.72 ? 115 ASP A OD2 1 
ATOM 914  N N   . PRO A 1 116 ? -0.633  12.900  -0.656  1.00 21.23 ? 116 PRO A N   1 
ATOM 915  C CA  . PRO A 1 116 ? -2.065  12.644  -0.467  1.00 23.36 ? 116 PRO A CA  1 
ATOM 916  C C   . PRO A 1 116 ? -2.959  13.496  -1.369  1.00 24.84 ? 116 PRO A C   1 
ATOM 917  O O   . PRO A 1 116 ? -2.525  14.542  -1.870  1.00 21.60 ? 116 PRO A O   1 
ATOM 918  C CB  . PRO A 1 116 ? -2.271  12.989  1.007   1.00 23.48 ? 116 PRO A CB  1 
ATOM 919  C CG  . PRO A 1 116 ? -1.250  14.076  1.245   1.00 24.21 ? 116 PRO A CG  1 
ATOM 920  C CD  . PRO A 1 116 ? -0.040  13.540  0.530   1.00 22.26 ? 116 PRO A CD  1 
ATOM 921  N N   . ASN A 1 117 ? -4.177  12.993  -1.617  1.00 27.53 ? 117 ASN A N   1 
ATOM 922  C CA  . ASN A 1 117 ? -5.198  13.673  -2.428  1.00 28.82 ? 117 ASN A CA  1 
ATOM 923  C C   . ASN A 1 117 ? -6.185  14.229  -1.410  1.00 28.95 ? 117 ASN A C   1 
ATOM 924  O O   . ASN A 1 117 ? -6.999  13.492  -0.865  1.00 28.66 ? 117 ASN A O   1 
ATOM 925  C CB  . ASN A 1 117 ? -5.940  12.689  -3.331  1.00 29.40 ? 117 ASN A CB  1 
ATOM 926  C CG  . ASN A 1 117 ? -5.014  11.678  -3.996  1.00 33.09 ? 117 ASN A CG  1 
ATOM 927  O OD1 . ASN A 1 117 ? -4.249  12.018  -4.909  1.00 35.88 ? 117 ASN A OD1 1 
ATOM 928  N ND2 . ASN A 1 117 ? -5.097  10.416  -3.556  1.00 33.66 ? 117 ASN A ND2 1 
ATOM 929  N N   . PRO A 1 118 ? -6.138  15.544  -1.154  1.00 31.10 ? 118 PRO A N   1 
ATOM 930  C CA  . PRO A 1 118 ? -7.049  16.160  -0.179  1.00 31.81 ? 118 PRO A CA  1 
ATOM 931  C C   . PRO A 1 118 ? -8.522  15.998  -0.528  1.00 30.48 ? 118 PRO A C   1 
ATOM 932  O O   . PRO A 1 118 ? -9.381  16.053  0.358   1.00 29.25 ? 118 PRO A O   1 
ATOM 933  C CB  . PRO A 1 118 ? -6.609  17.631  -0.176  1.00 32.92 ? 118 PRO A CB  1 
ATOM 934  C CG  . PRO A 1 118 ? -6.113  17.846  -1.590  1.00 33.38 ? 118 PRO A CG  1 
ATOM 935  C CD  . PRO A 1 118 ? -5.336  16.566  -1.860  1.00 33.16 ? 118 PRO A CD  1 
ATOM 936  N N   . ASN A 1 119 ? -8.793  15.747  -1.807  1.00 30.58 ? 119 ASN A N   1 
ATOM 937  C CA  . ASN A 1 119 ? -10.158 15.561  -2.311  1.00 32.71 ? 119 ASN A CA  1 
ATOM 938  C C   . ASN A 1 119 ? -10.667 14.119  -2.195  1.00 32.83 ? 119 ASN A C   1 
ATOM 939  O O   . ASN A 1 119 ? -11.522 13.673  -2.965  1.00 32.62 ? 119 ASN A O   1 
ATOM 940  C CB  . ASN A 1 119 ? -10.262 16.053  -3.759  1.00 34.84 ? 119 ASN A CB  1 
ATOM 941  C CG  . ASN A 1 119 ? -8.900  16.258  -4.405  1.00 39.07 ? 119 ASN A CG  1 
ATOM 942  O OD1 . ASN A 1 119 ? -8.643  17.304  -5.039  1.00 38.46 ? 119 ASN A OD1 1 
ATOM 943  N ND2 . ASN A 1 119 ? -7.995  15.269  -4.224  1.00 38.46 ? 119 ASN A ND2 1 
ATOM 944  N N   . SER A 1 120 ? -10.136 13.388  -1.221  1.00 31.63 ? 120 SER A N   1 
ATOM 945  C CA  . SER A 1 120 ? -10.552 12.013  -0.986  1.00 30.66 ? 120 SER A CA  1 
ATOM 946  C C   . SER A 1 120 ? -10.342 11.721  0.497   1.00 30.22 ? 120 SER A C   1 
ATOM 947  O O   . SER A 1 120 ? -9.664  10.754  0.863   1.00 30.94 ? 120 SER A O   1 
ATOM 948  C CB  . SER A 1 120 ? -9.728  11.049  -1.844  1.00 32.27 ? 120 SER A CB  1 
ATOM 949  O OG  . SER A 1 120 ? -9.788  11.380  -3.223  1.00 32.35 ? 120 SER A OG  1 
ATOM 950  N N   . PRO A 1 121 ? -10.949 12.543  1.376   1.00 28.88 ? 121 PRO A N   1 
ATOM 951  C CA  . PRO A 1 121 ? -10.824 12.387  2.831   1.00 27.54 ? 121 PRO A CA  1 
ATOM 952  C C   . PRO A 1 121 ? -11.287 11.075  3.459   1.00 26.18 ? 121 PRO A C   1 
ATOM 953  O O   . PRO A 1 121 ? -12.421 10.974  3.932   1.00 26.51 ? 121 PRO A O   1 
ATOM 954  C CB  . PRO A 1 121 ? -11.626 13.573  3.378   1.00 26.67 ? 121 PRO A CB  1 
ATOM 955  C CG  . PRO A 1 121 ? -11.482 14.606  2.298   1.00 28.38 ? 121 PRO A CG  1 
ATOM 956  C CD  . PRO A 1 121 ? -11.703 13.770  1.056   1.00 27.15 ? 121 PRO A CD  1 
ATOM 957  N N   . ALA A 1 122 ? -10.403 10.077  3.478   1.00 24.84 ? 122 ALA A N   1 
ATOM 958  C CA  . ALA A 1 122 ? -10.693 8.789   4.118   1.00 22.30 ? 122 ALA A CA  1 
ATOM 959  C C   . ALA A 1 122 ? -10.547 9.014   5.637   1.00 22.61 ? 122 ALA A C   1 
ATOM 960  O O   . ALA A 1 122 ? -11.306 8.459   6.447   1.00 23.17 ? 122 ALA A O   1 
ATOM 961  C CB  . ALA A 1 122 ? -9.719  7.729   3.637   1.00 17.57 ? 122 ALA A CB  1 
ATOM 962  N N   . ASN A 1 123 ? -9.551  9.826   6.002   1.00 22.29 ? 123 ASN A N   1 
ATOM 963  C CA  . ASN A 1 123 ? -9.275  10.205  7.387   1.00 21.78 ? 123 ASN A CA  1 
ATOM 964  C C   . ASN A 1 123 ? -9.436  11.728  7.404   1.00 21.86 ? 123 ASN A C   1 
ATOM 965  O O   . ASN A 1 123 ? -8.553  12.472  6.968   1.00 20.90 ? 123 ASN A O   1 
ATOM 966  C CB  . ASN A 1 123 ? -7.853  9.802   7.798   1.00 22.89 ? 123 ASN A CB  1 
ATOM 967  C CG  . ASN A 1 123 ? -7.565  10.065  9.284   1.00 25.29 ? 123 ASN A CG  1 
ATOM 968  O OD1 . ASN A 1 123 ? -8.126  10.981  9.891   1.00 27.80 ? 123 ASN A OD1 1 
ATOM 969  N ND2 . ASN A 1 123 ? -6.676  9.263   9.868   1.00 24.67 ? 123 ASN A ND2 1 
ATOM 970  N N   . SER A 1 124 ? -10.583 12.181  7.897   1.00 22.90 ? 124 SER A N   1 
ATOM 971  C CA  . SER A 1 124 ? -10.901 13.604  7.940   1.00 23.32 ? 124 SER A CA  1 
ATOM 972  C C   . SER A 1 124 ? -10.040 14.446  8.877   1.00 24.01 ? 124 SER A C   1 
ATOM 973  O O   . SER A 1 124 ? -9.762  15.606  8.578   1.00 23.96 ? 124 SER A O   1 
ATOM 974  C CB  . SER A 1 124 ? -12.387 13.802  8.229   1.00 23.65 ? 124 SER A CB  1 
ATOM 975  O OG  . SER A 1 124 ? -12.770 13.112  9.404   1.00 27.13 ? 124 SER A OG  1 
ATOM 976  N N   . GLU A 1 125 ? -9.606  13.862  9.991   1.00 24.22 ? 125 GLU A N   1 
ATOM 977  C CA  . GLU A 1 125 ? -8.749  14.568  10.943  1.00 23.35 ? 125 GLU A CA  1 
ATOM 978  C C   . GLU A 1 125 ? -7.395  14.819  10.273  1.00 22.43 ? 125 GLU A C   1 
ATOM 979  O O   . GLU A 1 125 ? -6.880  15.941  10.270  1.00 21.37 ? 125 GLU A O   1 
ATOM 980  C CB  . GLU A 1 125 ? -8.567  13.736  12.220  1.00 24.48 ? 125 GLU A CB  1 
ATOM 981  C CG  . GLU A 1 125 ? -7.947  14.524  13.390  1.00 32.66 ? 125 GLU A CG  1 
ATOM 982  C CD  . GLU A 1 125 ? -7.825  13.716  14.691  1.00 37.24 ? 125 GLU A CD  1 
ATOM 983  O OE1 . GLU A 1 125 ? -6.788  13.027  14.867  1.00 40.73 ? 125 GLU A OE1 1 
ATOM 984  O OE2 . GLU A 1 125 ? -8.750  13.782  15.548  1.00 38.51 ? 125 GLU A OE2 1 
ATOM 985  N N   . ALA A 1 126 ? -6.870  13.775  9.634   1.00 21.73 ? 126 ALA A N   1 
ATOM 986  C CA  . ALA A 1 126 ? -5.590  13.846  8.950   1.00 18.98 ? 126 ALA A CA  1 
ATOM 987  C C   . ALA A 1 126 ? -5.650  14.779  7.765   1.00 18.80 ? 126 ALA A C   1 
ATOM 988  O O   . ALA A 1 126 ? -4.671  15.450  7.452   1.00 19.48 ? 126 ALA A O   1 
ATOM 989  C CB  . ALA A 1 126 ? -5.159  12.463  8.502   1.00 20.59 ? 126 ALA A CB  1 
ATOM 990  N N   . ALA A 1 127 ? -6.778  14.787  7.066   1.00 19.21 ? 127 ALA A N   1 
ATOM 991  C CA  . ALA A 1 127 ? -6.936  15.662  5.908   1.00 21.34 ? 127 ALA A CA  1 
ATOM 992  C C   . ALA A 1 127 ? -6.829  17.139  6.307   1.00 21.66 ? 127 ALA A C   1 
ATOM 993  O O   . ALA A 1 127 ? -6.032  17.887  5.734   1.00 23.45 ? 127 ALA A O   1 
ATOM 994  C CB  . ALA A 1 127 ? -8.262  15.391  5.208   1.00 20.01 ? 127 ALA A CB  1 
ATOM 995  N N   . ARG A 1 128 ? -7.598  17.550  7.314   1.00 22.96 ? 128 ARG A N   1 
ATOM 996  C CA  . ARG A 1 128 ? -7.567  18.947  7.752   1.00 24.48 ? 128 ARG A CA  1 
ATOM 997  C C   . ARG A 1 128 ? -6.151  19.328  8.170   1.00 24.69 ? 128 ARG A C   1 
ATOM 998  O O   . ARG A 1 128 ? -5.576  20.291  7.654   1.00 24.26 ? 128 ARG A O   1 
ATOM 999  C CB  . ARG A 1 128 ? -8.531  19.179  8.929   1.00 25.34 ? 128 ARG A CB  1 
ATOM 1000 C CG  . ARG A 1 128 ? -9.045  20.624  9.027   1.00 29.17 ? 128 ARG A CG  1 
ATOM 1001 C CD  . ARG A 1 128 ? -9.704  20.967  10.368  1.00 27.98 ? 128 ARG A CD  1 
ATOM 1002 N NE  . ARG A 1 128 ? -8.716  21.371  11.370  1.00 31.52 ? 128 ARG A NE  1 
ATOM 1003 C CZ  . ARG A 1 128 ? -8.378  22.633  11.660  1.00 31.52 ? 128 ARG A CZ  1 
ATOM 1004 N NH1 . ARG A 1 128 ? -8.965  23.669  11.059  1.00 31.55 ? 128 ARG A NH1 1 
ATOM 1005 N NH2 . ARG A 1 128 ? -7.456  22.866  12.586  1.00 29.35 ? 128 ARG A NH2 1 
ATOM 1006 N N   . MET A 1 129 ? -5.572  18.504  9.039   1.00 23.42 ? 129 MET A N   1 
ATOM 1007 C CA  . MET A 1 129 ? -4.232  18.731  9.558   1.00 22.04 ? 129 MET A CA  1 
ATOM 1008 C C   . MET A 1 129 ? -3.186  18.887  8.471   1.00 20.76 ? 129 MET A C   1 
ATOM 1009 O O   . MET A 1 129 ? -2.302  19.737  8.574   1.00 20.88 ? 129 MET A O   1 
ATOM 1010 C CB  . MET A 1 129 ? -3.843  17.602  10.510  1.00 24.54 ? 129 MET A CB  1 
ATOM 1011 C CG  . MET A 1 129 ? -3.113  18.068  11.746  1.00 23.59 ? 129 MET A CG  1 
ATOM 1012 S SD  . MET A 1 129 ? -2.642  16.697  12.795  1.00 26.10 ? 129 MET A SD  1 
ATOM 1013 C CE  . MET A 1 129 ? -4.227  16.329  13.621  1.00 21.67 ? 129 MET A CE  1 
ATOM 1014 N N   . TYR A 1 130 ? -3.305  18.094  7.412   1.00 19.55 ? 130 TYR A N   1 
ATOM 1015 C CA  . TYR A 1 130 ? -2.363  18.159  6.302   1.00 20.13 ? 130 TYR A CA  1 
ATOM 1016 C C   . TYR A 1 130 ? -2.391  19.513  5.607   1.00 22.79 ? 130 TYR A C   1 
ATOM 1017 O O   . TYR A 1 130 ? -1.340  20.055  5.238   1.00 22.94 ? 130 TYR A O   1 
ATOM 1018 C CB  . TYR A 1 130 ? -2.659  17.075  5.258   1.00 19.84 ? 130 TYR A CB  1 
ATOM 1019 C CG  . TYR A 1 130 ? -1.790  17.197  4.019   1.00 20.82 ? 130 TYR A CG  1 
ATOM 1020 C CD1 . TYR A 1 130 ? -0.398  17.162  4.113   1.00 22.16 ? 130 TYR A CD1 1 
ATOM 1021 C CD2 . TYR A 1 130 ? -2.351  17.379  2.761   1.00 21.93 ? 130 TYR A CD2 1 
ATOM 1022 C CE1 . TYR A 1 130 ? 0.414   17.305  2.990   1.00 21.60 ? 130 TYR A CE1 1 
ATOM 1023 C CE2 . TYR A 1 130 ? -1.547  17.526  1.625   1.00 22.94 ? 130 TYR A CE2 1 
ATOM 1024 C CZ  . TYR A 1 130 ? -0.165  17.488  1.750   1.00 22.27 ? 130 TYR A CZ  1 
ATOM 1025 O OH  . TYR A 1 130 ? 0.641   17.629  0.641   1.00 24.18 ? 130 TYR A OH  1 
ATOM 1026 N N   . SER A 1 131 ? -3.595  20.035  5.395   1.00 24.02 ? 131 SER A N   1 
ATOM 1027 C CA  . SER A 1 131 ? -3.747  21.312  4.710   1.00 26.17 ? 131 SER A CA  1 
ATOM 1028 C C   . SER A 1 131 ? -3.693  22.576  5.573   1.00 27.05 ? 131 SER A C   1 
ATOM 1029 O O   . SER A 1 131 ? -3.372  23.647  5.059   1.00 28.51 ? 131 SER A O   1 
ATOM 1030 C CB  . SER A 1 131 ? -5.002  21.296  3.834   1.00 25.47 ? 131 SER A CB  1 
ATOM 1031 O OG  . SER A 1 131 ? -6.114  20.763  4.530   1.00 27.75 ? 131 SER A OG  1 
ATOM 1032 N N   . GLU A 1 132 ? -3.988  22.468  6.870   1.00 27.98 ? 132 GLU A N   1 
ATOM 1033 C CA  . GLU A 1 132 ? -3.954  23.641  7.750   1.00 27.89 ? 132 GLU A CA  1 
ATOM 1034 C C   . GLU A 1 132 ? -2.558  23.963  8.281   1.00 28.51 ? 132 GLU A C   1 
ATOM 1035 O O   . GLU A 1 132 ? -1.960  24.968  7.898   1.00 25.35 ? 132 GLU A O   1 
ATOM 1036 C CB  . GLU A 1 132 ? -4.927  23.473  8.916   1.00 30.12 ? 132 GLU A CB  1 
ATOM 1037 C CG  . GLU A 1 132 ? -6.372  23.214  8.494   1.00 33.41 ? 132 GLU A CG  1 
ATOM 1038 C CD  . GLU A 1 132 ? -6.806  24.071  7.315   1.00 36.57 ? 132 GLU A CD  1 
ATOM 1039 O OE1 . GLU A 1 132 ? -6.623  25.316  7.390   1.00 36.71 ? 132 GLU A OE1 1 
ATOM 1040 O OE2 . GLU A 1 132 ? -7.314  23.496  6.307   1.00 37.17 ? 132 GLU A OE2 1 
ATOM 1041 N N   . SER A 1 133 ? -2.047  23.105  9.163   1.00 29.77 ? 133 SER A N   1 
ATOM 1042 C CA  . SER A 1 133 ? -0.712  23.282  9.744   1.00 31.10 ? 133 SER A CA  1 
ATOM 1043 C C   . SER A 1 133 ? 0.125   22.017  9.588   1.00 32.09 ? 133 SER A C   1 
ATOM 1044 O O   . SER A 1 133 ? 0.077   21.116  10.435  1.00 32.09 ? 133 SER A O   1 
ATOM 1045 C CB  . SER A 1 133 ? -0.817  23.627  11.226  1.00 31.35 ? 133 SER A CB  1 
ATOM 1046 O OG  . SER A 1 133 ? -1.560  22.636  11.913  1.00 32.02 ? 133 SER A OG  1 
ATOM 1047 N N   . LYS A 1 134 ? 0.941   21.981  8.537   1.00 32.68 ? 134 LYS A N   1 
ATOM 1048 C CA  . LYS A 1 134 ? 1.797   20.822  8.253   1.00 33.53 ? 134 LYS A CA  1 
ATOM 1049 C C   . LYS A 1 134 ? 2.702   20.436  9.430   1.00 33.54 ? 134 LYS A C   1 
ATOM 1050 O O   . LYS A 1 134 ? 3.281   19.336  9.461   1.00 33.53 ? 134 LYS A O   1 
ATOM 1051 C CB  . LYS A 1 134 ? 2.661   21.092  7.017   1.00 32.61 ? 134 LYS A CB  1 
ATOM 1052 C CG  . LYS A 1 134 ? 3.134   19.824  6.337   1.00 31.83 ? 134 LYS A CG  1 
ATOM 1053 C CD  . LYS A 1 134 ? 4.170   20.134  5.278   1.00 32.49 ? 134 LYS A CD  1 
ATOM 1054 C CE  . LYS A 1 134 ? 4.273   18.996  4.278   1.00 32.80 ? 134 LYS A CE  1 
ATOM 1055 N NZ  . LYS A 1 134 ? 3.027   18.868  3.453   1.00 30.47 ? 134 LYS A NZ  1 
ATOM 1056 N N   . ARG A 1 135 ? 2.833   21.354  10.383  1.00 34.27 ? 135 ARG A N   1 
ATOM 1057 C CA  . ARG A 1 135 ? 3.667   21.152  11.562  1.00 33.31 ? 135 ARG A CA  1 
ATOM 1058 C C   . ARG A 1 135 ? 3.064   20.078  12.477  1.00 31.52 ? 135 ARG A C   1 
ATOM 1059 O O   . ARG A 1 135 ? 3.791   19.235  13.003  1.00 30.65 ? 135 ARG A O   1 
ATOM 1060 C CB  . ARG A 1 135 ? 3.832   22.486  12.291  1.00 35.43 ? 135 ARG A CB  1 
ATOM 1061 C CG  . ARG A 1 135 ? 4.944   22.543  13.313  1.00 36.08 ? 135 ARG A CG  1 
ATOM 1062 C CD  . ARG A 1 135 ? 4.992   23.958  13.870  1.00 38.35 ? 135 ARG A CD  1 
ATOM 1063 N NE  . ARG A 1 135 ? 5.419   23.997  15.261  1.00 39.85 ? 135 ARG A NE  1 
ATOM 1064 C CZ  . ARG A 1 135 ? 4.726   23.493  16.280  1.00 40.63 ? 135 ARG A CZ  1 
ATOM 1065 N NH1 . ARG A 1 135 ? 3.549   22.892  16.070  1.00 38.63 ? 135 ARG A NH1 1 
ATOM 1066 N NH2 . ARG A 1 135 ? 5.216   23.595  17.518  1.00 41.57 ? 135 ARG A NH2 1 
ATOM 1067 N N   . GLU A 1 136 ? 1.743   20.085  12.640  1.00 29.73 ? 136 GLU A N   1 
ATOM 1068 C CA  . GLU A 1 136 ? 1.093   19.072  13.471  1.00 30.02 ? 136 GLU A CA  1 
ATOM 1069 C C   . GLU A 1 136 ? 0.975   17.733  12.714  1.00 28.49 ? 136 GLU A C   1 
ATOM 1070 O O   . GLU A 1 136 ? 1.013   16.663  13.322  1.00 28.42 ? 136 GLU A O   1 
ATOM 1071 C CB  . GLU A 1 136 ? -0.280  19.568  13.985  1.00 33.72 ? 136 GLU A CB  1 
ATOM 1072 C CG  . GLU A 1 136 ? -0.205  20.408  15.286  1.00 36.37 ? 136 GLU A CG  1 
ATOM 1073 C CD  . GLU A 1 136 ? -1.400  21.358  15.502  1.00 37.65 ? 136 GLU A CD  1 
ATOM 1074 O OE1 . GLU A 1 136 ? -1.304  22.525  15.039  1.00 38.48 ? 136 GLU A OE1 1 
ATOM 1075 O OE2 . GLU A 1 136 ? -2.405  20.963  16.165  1.00 36.75 ? 136 GLU A OE2 1 
ATOM 1076 N N   . TYR A 1 137 ? 0.878   17.804  11.385  1.00 26.31 ? 137 TYR A N   1 
ATOM 1077 C CA  . TYR A 1 137 ? 0.775   16.619  10.520  1.00 23.33 ? 137 TYR A CA  1 
ATOM 1078 C C   . TYR A 1 137 ? 2.070   15.817  10.545  1.00 22.40 ? 137 TYR A C   1 
ATOM 1079 O O   . TYR A 1 137 ? 2.042   14.600  10.702  1.00 22.56 ? 137 TYR A O   1 
ATOM 1080 C CB  . TYR A 1 137 ? 0.457   17.051  9.084   1.00 21.33 ? 137 TYR A CB  1 
ATOM 1081 C CG  . TYR A 1 137 ? 0.546   15.969  8.022   1.00 20.53 ? 137 TYR A CG  1 
ATOM 1082 C CD1 . TYR A 1 137 ? -0.461  15.016  7.876   1.00 21.61 ? 137 TYR A CD1 1 
ATOM 1083 C CD2 . TYR A 1 137 ? 1.616   15.939  7.123   1.00 21.95 ? 137 TYR A CD2 1 
ATOM 1084 C CE1 . TYR A 1 137 ? -0.404  14.056  6.849   1.00 23.56 ? 137 TYR A CE1 1 
ATOM 1085 C CE2 . TYR A 1 137 ? 1.682   14.994  6.095   1.00 24.75 ? 137 TYR A CE2 1 
ATOM 1086 C CZ  . TYR A 1 137 ? 0.669   14.054  5.960   1.00 24.97 ? 137 TYR A CZ  1 
ATOM 1087 O OH  . TYR A 1 137 ? 0.727   13.144  4.918   1.00 26.79 ? 137 TYR A OH  1 
ATOM 1088 N N   . ASN A 1 138 ? 3.199   16.499  10.364  1.00 21.39 ? 138 ASN A N   1 
ATOM 1089 C CA  . ASN A 1 138 ? 4.515   15.858  10.387  1.00 19.58 ? 138 ASN A CA  1 
ATOM 1090 C C   . ASN A 1 138 ? 4.766   15.176  11.735  1.00 18.37 ? 138 ASN A C   1 
ATOM 1091 O O   . ASN A 1 138 ? 5.358   14.102  11.789  1.00 18.91 ? 138 ASN A O   1 
ATOM 1092 C CB  . ASN A 1 138 ? 5.620   16.888  10.126  1.00 17.59 ? 138 ASN A CB  1 
ATOM 1093 C CG  . ASN A 1 138 ? 5.692   17.311  8.686   1.00 17.19 ? 138 ASN A CG  1 
ATOM 1094 O OD1 . ASN A 1 138 ? 4.885   16.884  7.863   1.00 19.23 ? 138 ASN A OD1 1 
ATOM 1095 N ND2 . ASN A 1 138 ? 6.679   18.138  8.358   1.00 16.44 ? 138 ASN A ND2 1 
ATOM 1096 N N   . ARG A 1 139 ? 4.322   15.815  12.812  1.00 17.72 ? 139 ARG A N   1 
ATOM 1097 C CA  . ARG A 1 139 ? 4.472   15.293  14.163  1.00 19.21 ? 139 ARG A CA  1 
ATOM 1098 C C   . ARG A 1 139 ? 3.724   13.960  14.277  1.00 18.90 ? 139 ARG A C   1 
ATOM 1099 O O   . ARG A 1 139 ? 4.257   12.976  14.811  1.00 18.21 ? 139 ARG A O   1 
ATOM 1100 C CB  . ARG A 1 139 ? 3.902   16.307  15.159  1.00 19.84 ? 139 ARG A CB  1 
ATOM 1101 C CG  . ARG A 1 139 ? 3.795   15.838  16.593  1.00 23.50 ? 139 ARG A CG  1 
ATOM 1102 C CD  . ARG A 1 139 ? 5.151   15.827  17.286  1.00 28.64 ? 139 ARG A CD  1 
ATOM 1103 N NE  . ARG A 1 139 ? 5.027   15.749  18.749  1.00 33.77 ? 139 ARG A NE  1 
ATOM 1104 C CZ  . ARG A 1 139 ? 4.440   16.681  19.506  1.00 35.43 ? 139 ARG A CZ  1 
ATOM 1105 N NH1 . ARG A 1 139 ? 3.895   17.764  18.940  1.00 35.77 ? 139 ARG A NH1 1 
ATOM 1106 N NH2 . ARG A 1 139 ? 4.383   16.532  20.830  1.00 32.82 ? 139 ARG A NH2 1 
ATOM 1107 N N   . ARG A 1 140 ? 2.492   13.954  13.760  1.00 18.25 ? 140 ARG A N   1 
ATOM 1108 C CA  . ARG A 1 140 ? 1.614   12.779  13.749  1.00 18.42 ? 140 ARG A CA  1 
ATOM 1109 C C   . ARG A 1 140 ? 2.104   11.678  12.808  1.00 17.09 ? 140 ARG A C   1 
ATOM 1110 O O   . ARG A 1 140 ? 1.886   10.500  13.067  1.00 16.52 ? 140 ARG A O   1 
ATOM 1111 C CB  . ARG A 1 140 ? 0.190   13.192  13.378  1.00 19.51 ? 140 ARG A CB  1 
ATOM 1112 C CG  . ARG A 1 140 ? -0.472  14.083  14.411  1.00 19.47 ? 140 ARG A CG  1 
ATOM 1113 C CD  . ARG A 1 140 ? -0.609  13.338  15.716  1.00 22.12 ? 140 ARG A CD  1 
ATOM 1114 N NE  . ARG A 1 140 ? -1.900  12.665  15.830  1.00 25.57 ? 140 ARG A NE  1 
ATOM 1115 C CZ  . ARG A 1 140 ? -3.041  13.287  16.127  1.00 27.56 ? 140 ARG A CZ  1 
ATOM 1116 N NH1 . ARG A 1 140 ? -3.059  14.601  16.352  1.00 28.46 ? 140 ARG A NH1 1 
ATOM 1117 N NH2 . ARG A 1 140 ? -4.170  12.594  16.211  1.00 31.05 ? 140 ARG A NH2 1 
ATOM 1118 N N   . VAL A 1 141 ? 2.728   12.061  11.699  1.00 15.94 ? 141 VAL A N   1 
ATOM 1119 C CA  . VAL A 1 141 ? 3.280   11.087  10.770  1.00 17.67 ? 141 VAL A CA  1 
ATOM 1120 C C   . VAL A 1 141 ? 4.447   10.396  11.497  1.00 21.03 ? 141 VAL A C   1 
ATOM 1121 O O   . VAL A 1 141 ? 4.530   9.171   11.525  1.00 22.78 ? 141 VAL A O   1 
ATOM 1122 C CB  . VAL A 1 141 ? 3.762   11.758  9.460   1.00 17.10 ? 141 VAL A CB  1 
ATOM 1123 C CG1 . VAL A 1 141 ? 4.594   10.799  8.627   1.00 16.21 ? 141 VAL A CG1 1 
ATOM 1124 C CG2 . VAL A 1 141 ? 2.572   12.192  8.652   1.00 16.63 ? 141 VAL A CG2 1 
ATOM 1125 N N   . ARG A 1 142 ? 5.295   11.190  12.152  1.00 21.57 ? 142 ARG A N   1 
ATOM 1126 C CA  . ARG A 1 142 ? 6.437   10.679  12.912  1.00 22.08 ? 142 ARG A CA  1 
ATOM 1127 C C   . ARG A 1 142 ? 6.020   9.597   13.906  1.00 20.32 ? 142 ARG A C   1 
ATOM 1128 O O   . ARG A 1 142 ? 6.771   8.661   14.172  1.00 19.81 ? 142 ARG A O   1 
ATOM 1129 C CB  . ARG A 1 142 ? 7.086   11.818  13.703  1.00 23.85 ? 142 ARG A CB  1 
ATOM 1130 C CG  . ARG A 1 142 ? 8.170   12.561  12.986  1.00 24.70 ? 142 ARG A CG  1 
ATOM 1131 C CD  . ARG A 1 142 ? 9.420   11.716  12.895  1.00 28.71 ? 142 ARG A CD  1 
ATOM 1132 N NE  . ARG A 1 142 ? 9.521   11.075  11.591  1.00 28.65 ? 142 ARG A NE  1 
ATOM 1133 C CZ  . ARG A 1 142 ? 10.515  10.275  11.229  1.00 29.20 ? 142 ARG A CZ  1 
ATOM 1134 N NH1 . ARG A 1 142 ? 11.501  9.999   12.082  1.00 29.09 ? 142 ARG A NH1 1 
ATOM 1135 N NH2 . ARG A 1 142 ? 10.516  9.742   10.016  1.00 27.40 ? 142 ARG A NH2 1 
ATOM 1136 N N   . ASP A 1 143 ? 4.834   9.748   14.478  1.00 19.28 ? 143 ASP A N   1 
ATOM 1137 C CA  . ASP A 1 143 ? 4.351   8.784   15.447  1.00 18.42 ? 143 ASP A CA  1 
ATOM 1138 C C   . ASP A 1 143 ? 4.111   7.414   14.871  1.00 19.09 ? 143 ASP A C   1 
ATOM 1139 O O   . ASP A 1 143 ? 4.604   6.423   15.414  1.00 18.91 ? 143 ASP A O   1 
ATOM 1140 C CB  . ASP A 1 143 ? 3.084   9.275   16.109  1.00 22.07 ? 143 ASP A CB  1 
ATOM 1141 C CG  . ASP A 1 143 ? 3.352   9.888   17.437  1.00 24.07 ? 143 ASP A CG  1 
ATOM 1142 O OD1 . ASP A 1 143 ? 3.825   11.053  17.462  1.00 27.78 ? 143 ASP A OD1 1 
ATOM 1143 O OD2 . ASP A 1 143 ? 3.116   9.185   18.451  1.00 25.61 ? 143 ASP A OD2 1 
ATOM 1144 N N   . VAL A 1 144 ? 3.347   7.339   13.780  1.00 17.81 ? 144 VAL A N   1 
ATOM 1145 C CA  . VAL A 1 144 ? 3.081   6.039   13.180  1.00 17.90 ? 144 VAL A CA  1 
ATOM 1146 C C   . VAL A 1 144 ? 4.374   5.436   12.647  1.00 17.22 ? 144 VAL A C   1 
ATOM 1147 O O   . VAL A 1 144 ? 4.483   4.221   12.525  1.00 18.56 ? 144 VAL A O   1 
ATOM 1148 C CB  . VAL A 1 144 ? 1.952   6.072   12.105  1.00 16.11 ? 144 VAL A CB  1 
ATOM 1149 C CG1 . VAL A 1 144 ? 0.664   6.598   12.719  1.00 12.52 ? 144 VAL A CG1 1 
ATOM 1150 C CG2 . VAL A 1 144 ? 2.359   6.887   10.908  1.00 14.95 ? 144 VAL A CG2 1 
ATOM 1151 N N   . VAL A 1 145 ? 5.367   6.296   12.395  1.00 18.51 ? 145 VAL A N   1 
ATOM 1152 C CA  . VAL A 1 145 ? 6.686   5.881   11.917  1.00 17.79 ? 145 VAL A CA  1 
ATOM 1153 C C   . VAL A 1 145 ? 7.448   5.203   13.051  1.00 17.84 ? 145 VAL A C   1 
ATOM 1154 O O   . VAL A 1 145 ? 8.044   4.150   12.850  1.00 19.35 ? 145 VAL A O   1 
ATOM 1155 C CB  . VAL A 1 145 ? 7.503   7.072   11.381  1.00 17.38 ? 145 VAL A CB  1 
ATOM 1156 C CG1 . VAL A 1 145 ? 8.984   6.721   11.305  1.00 17.20 ? 145 VAL A CG1 1 
ATOM 1157 C CG2 . VAL A 1 145 ? 6.998   7.459   10.005  1.00 17.67 ? 145 VAL A CG2 1 
ATOM 1158 N N   . GLU A 1 146 ? 7.384   5.791   14.242  1.00 17.84 ? 146 GLU A N   1 
ATOM 1159 C CA  . GLU A 1 146 ? 8.054   5.239   15.417  1.00 19.82 ? 146 GLU A CA  1 
ATOM 1160 C C   . GLU A 1 146 ? 7.392   3.960   15.921  1.00 19.15 ? 146 GLU A C   1 
ATOM 1161 O O   . GLU A 1 146 ? 8.079   3.004   16.271  1.00 21.19 ? 146 GLU A O   1 
ATOM 1162 C CB  . GLU A 1 146 ? 8.141   6.291   16.527  1.00 21.88 ? 146 GLU A CB  1 
ATOM 1163 C CG  . GLU A 1 146 ? 9.111   7.428   16.194  1.00 25.83 ? 146 GLU A CG  1 
ATOM 1164 C CD  . GLU A 1 146 ? 8.921   8.677   17.045  1.00 27.81 ? 146 GLU A CD  1 
ATOM 1165 O OE1 . GLU A 1 146 ? 8.487   8.568   18.217  1.00 28.74 ? 146 GLU A OE1 1 
ATOM 1166 O OE2 . GLU A 1 146 ? 9.215   9.777   16.522  1.00 29.60 ? 146 GLU A OE2 1 
ATOM 1167 N N   . GLN A 1 147 ? 6.065   3.912   15.910  1.00 20.07 ? 147 GLN A N   1 
ATOM 1168 C CA  . GLN A 1 147 ? 5.371   2.713   16.363  1.00 20.57 ? 147 GLN A CA  1 
ATOM 1169 C C   . GLN A 1 147 ? 5.353   1.563   15.345  1.00 19.39 ? 147 GLN A C   1 
ATOM 1170 O O   . GLN A 1 147 ? 4.995   0.435   15.691  1.00 19.49 ? 147 GLN A O   1 
ATOM 1171 C CB  . GLN A 1 147 ? 3.961   3.035   16.864  1.00 20.61 ? 147 GLN A CB  1 
ATOM 1172 C CG  . GLN A 1 147 ? 3.093   3.801   15.904  1.00 24.50 ? 147 GLN A CG  1 
ATOM 1173 C CD  . GLN A 1 147 ? 1.801   4.305   16.559  1.00 28.32 ? 147 GLN A CD  1 
ATOM 1174 O OE1 . GLN A 1 147 ? 1.443   3.888   17.670  1.00 27.98 ? 147 GLN A OE1 1 
ATOM 1175 N NE2 . GLN A 1 147 ? 1.108   5.216   15.874  1.00 25.73 ? 147 GLN A NE2 1 
ATOM 1176 N N   . SER A 1 148 ? 5.753   1.829   14.103  1.00 17.92 ? 148 SER A N   1 
ATOM 1177 C CA  . SER A 1 148 ? 5.794   0.768   13.101  1.00 17.19 ? 148 SER A CA  1 
ATOM 1178 C C   . SER A 1 148 ? 7.058   -0.057  13.343  1.00 19.26 ? 148 SER A C   1 
ATOM 1179 O O   . SER A 1 148 ? 7.158   -1.209  12.929  1.00 18.68 ? 148 SER A O   1 
ATOM 1180 C CB  . SER A 1 148 ? 5.782   1.338   11.675  1.00 13.66 ? 148 SER A CB  1 
ATOM 1181 O OG  . SER A 1 148 ? 6.976   2.024   11.344  1.00 12.95 ? 148 SER A OG  1 
ATOM 1182 N N   . TRP A 1 149 ? 8.017   0.551   14.034  1.00 22.25 ? 149 TRP A N   1 
ATOM 1183 C CA  . TRP A 1 149 ? 9.285   -0.097  14.355  1.00 23.53 ? 149 TRP A CA  1 
ATOM 1184 C C   . TRP A 1 149 ? 9.093   -1.208  15.392  1.00 24.89 ? 149 TRP A C   1 
ATOM 1185 O O   . TRP A 1 149 ? 9.807   -2.212  15.366  1.00 26.46 ? 149 TRP A O   1 
ATOM 1186 C CB  . TRP A 1 149 ? 10.309  0.949   14.846  1.00 17.11 ? 149 TRP A CB  1 
ATOM 1187 C CG  . TRP A 1 149 ? 10.775  1.898   13.757  1.00 13.59 ? 149 TRP A CG  1 
ATOM 1188 C CD1 . TRP A 1 149 ? 10.890  1.618   12.427  1.00 14.93 ? 149 TRP A CD1 1 
ATOM 1189 C CD2 . TRP A 1 149 ? 11.184  3.266   13.910  1.00 12.53 ? 149 TRP A CD2 1 
ATOM 1190 N NE1 . TRP A 1 149 ? 11.342  2.722   11.741  1.00 13.56 ? 149 TRP A NE1 1 
ATOM 1191 C CE2 . TRP A 1 149 ? 11.527  3.748   12.627  1.00 13.98 ? 149 TRP A CE2 1 
ATOM 1192 C CE3 . TRP A 1 149 ? 11.298  4.130   15.004  1.00 12.24 ? 149 TRP A CE3 1 
ATOM 1193 C CZ2 . TRP A 1 149 ? 11.975  5.064   12.409  1.00 13.70 ? 149 TRP A CZ2 1 
ATOM 1194 C CZ3 . TRP A 1 149 ? 11.745  5.430   14.786  1.00 11.19 ? 149 TRP A CZ3 1 
ATOM 1195 C CH2 . TRP A 1 149 ? 12.077  5.882   13.498  1.00 10.46 ? 149 TRP A CH2 1 
ATOM 1196 N N   . THR A 1 150 ? 8.076   -1.064  16.243  1.00 26.56 ? 150 THR A N   1 
ATOM 1197 C CA  . THR A 1 150 ? 7.798   -2.043  17.295  1.00 29.77 ? 150 THR A CA  1 
ATOM 1198 C C   . THR A 1 150 ? 7.104   -3.310  16.796  1.00 30.79 ? 150 THR A C   1 
ATOM 1199 O O   . THR A 1 150 ? 7.816   -4.301  16.527  1.00 31.09 ? 150 THR A O   1 
ATOM 1200 C CB  . THR A 1 150 ? 6.948   -1.435  18.442  1.00 30.12 ? 150 THR A CB  1 
ATOM 1201 O OG1 . THR A 1 150 ? 7.177   -0.027  18.525  1.00 31.16 ? 150 THR A OG1 1 
ATOM 1202 C CG2 . THR A 1 150 ? 7.340   -2.056  19.768  1.00 30.91 ? 150 THR A CG2 1 
# 
